data_6U8U
# 
_entry.id   6U8U 
# 
_audit_conform.dict_name       mmcif_pdbx.dic 
_audit_conform.dict_version    5.380 
_audit_conform.dict_location   http://mmcif.pdb.org/dictionaries/ascii/mmcif_pdbx.dic 
# 
loop_
_database_2.database_id 
_database_2.database_code 
_database_2.pdbx_database_accession 
_database_2.pdbx_DOI 
PDB   6U8U         pdb_00006u8u 10.2210/pdb6u8u/pdb 
WWPDB D_1000244214 ?            ?                   
# 
_pdbx_database_status.status_code                     REL 
_pdbx_database_status.status_code_sf                  REL 
_pdbx_database_status.status_code_mr                  ? 
_pdbx_database_status.entry_id                        6U8U 
_pdbx_database_status.recvd_initial_deposition_date   2019-09-05 
_pdbx_database_status.SG_entry                        N 
_pdbx_database_status.deposit_site                    RCSB 
_pdbx_database_status.process_site                    RCSB 
_pdbx_database_status.status_code_cs                  ? 
_pdbx_database_status.methods_development_category    ? 
_pdbx_database_status.pdb_format_compatible           Y 
_pdbx_database_status.status_code_nmr_data            ? 
# 
loop_
_audit_author.name 
_audit_author.pdbx_ordinal 
_audit_author.identifier_ORCID 
'Szostak, J.W.' 1 ? 
'Zhang, W.'     2 ? 
# 
_citation.abstract                  ? 
_citation.abstract_id_CAS           ? 
_citation.book_id_ISBN              ? 
_citation.book_publisher            ? 
_citation.book_publisher_city       ? 
_citation.book_title                ? 
_citation.coordinate_linkage        ? 
_citation.country                   UK 
_citation.database_id_Medline       ? 
_citation.details                   ? 
_citation.id                        primary 
_citation.journal_abbrev            'Nucleic Acids Res.' 
_citation.journal_id_ASTM           NARHAD 
_citation.journal_id_CSD            0389 
_citation.journal_id_ISSN           1362-4962 
_citation.journal_full              ? 
_citation.journal_issue             ? 
_citation.journal_volume            49 
_citation.language                  ? 
_citation.page_first                646 
_citation.page_last                 656 
_citation.title                     
'Structural interpretation of the effects of threo-nucleotides on nonenzymatic template-directed polymerization.' 
_citation.year                      2021 
_citation.database_id_CSD           ? 
_citation.pdbx_database_id_DOI      10.1093/nar/gkaa1215 
_citation.pdbx_database_id_PubMed   33347562 
_citation.unpublished_flag          ? 
# 
loop_
_citation_author.citation_id 
_citation_author.name 
_citation_author.ordinal 
_citation_author.identifier_ORCID 
primary 'Zhang, W.'      1 ? 
primary 'Kim, S.C.'      2 ? 
primary 'Tam, C.P.'      3 ? 
primary 'Lelyveld, V.S.' 4 ? 
primary 'Bala, S.'       5 ? 
primary 'Chaput, J.C.'   6 ? 
primary 'Szostak, J.W.'  7 ? 
# 
_cell.angle_alpha                  90.00 
_cell.angle_alpha_esd              ? 
_cell.angle_beta                   90.00 
_cell.angle_beta_esd               ? 
_cell.angle_gamma                  120.00 
_cell.angle_gamma_esd              ? 
_cell.entry_id                     6U8U 
_cell.details                      ? 
_cell.formula_units_Z              ? 
_cell.length_a                     43.956 
_cell.length_a_esd                 ? 
_cell.length_b                     43.956 
_cell.length_b_esd                 ? 
_cell.length_c                     84.516 
_cell.length_c_esd                 ? 
_cell.volume                       ? 
_cell.volume_esd                   ? 
_cell.Z_PDB                        12 
_cell.reciprocal_angle_alpha       ? 
_cell.reciprocal_angle_beta        ? 
_cell.reciprocal_angle_gamma       ? 
_cell.reciprocal_angle_alpha_esd   ? 
_cell.reciprocal_angle_beta_esd    ? 
_cell.reciprocal_angle_gamma_esd   ? 
_cell.reciprocal_length_a          ? 
_cell.reciprocal_length_b          ? 
_cell.reciprocal_length_c          ? 
_cell.reciprocal_length_a_esd      ? 
_cell.reciprocal_length_b_esd      ? 
_cell.reciprocal_length_c_esd      ? 
_cell.pdbx_unique_axis             ? 
# 
_symmetry.entry_id                         6U8U 
_symmetry.cell_setting                     ? 
_symmetry.Int_Tables_number                150 
_symmetry.space_group_name_Hall            ? 
_symmetry.space_group_name_H-M             'P 3 2 1' 
_symmetry.pdbx_full_space_group_name_H-M   ? 
# 
loop_
_entity.id 
_entity.type 
_entity.src_method 
_entity.pdbx_description 
_entity.formula_weight 
_entity.pdbx_number_of_molecules 
_entity.pdbx_ec 
_entity.pdbx_mutation 
_entity.pdbx_fragment 
_entity.details 
1 polymer     syn 
;RNA (5'-R(*(LCC)P*(LCC)P*(LCC)P*(LCG)P*AP*CP*UP*UP*AP*AP*GP*UP*CP*G)-3')
;
4512.804 2  ? ? ? ? 
2 non-polymer syn 'MAGNESIUM ION' 24.305   2  ? ? ? ? 
3 non-polymer syn 
;2-amino-3-[(R)-{[(3S,4R,5R)-5-(2-amino-6-oxo-1,6-dihydro-9H-purin-9-yl)-4-hydroxyoxolan-3-yl]oxy}(hydroxy)phosphoryl]-1-[(S)-{[(3S,4R,5R)-5-(2-amino-6-oxo-1,6-dihydro-9H-purin-9-yl)-4-hydroxyoxolan-3-yl]oxy}(hydroxy)phosphoryl]-1H-imidazol-3-ium
;
714.459  2  ? ? ? ? 
4 water       nat water 18.015   10 ? ? ? ? 
# 
_entity_poly.entity_id                      1 
_entity_poly.type                           polyribonucleotide 
_entity_poly.nstd_linkage                   no 
_entity_poly.nstd_monomer                   yes 
_entity_poly.pdbx_seq_one_letter_code       '(LCC)(LCC)(LCC)(LCG)ACUUAAGUCG' 
_entity_poly.pdbx_seq_one_letter_code_can   NNNGACUUAAGUCG 
_entity_poly.pdbx_strand_id                 A,B 
_entity_poly.pdbx_target_identifier         ? 
# 
loop_
_entity_poly_seq.entity_id 
_entity_poly_seq.num 
_entity_poly_seq.mon_id 
_entity_poly_seq.hetero 
1 1  LCC n 
1 2  LCC n 
1 3  LCC n 
1 4  LCG n 
1 5  A   n 
1 6  C   n 
1 7  U   n 
1 8  U   n 
1 9  A   n 
1 10 A   n 
1 11 G   n 
1 12 U   n 
1 13 C   n 
1 14 G   n 
# 
_pdbx_entity_src_syn.entity_id              1 
_pdbx_entity_src_syn.pdbx_src_id            1 
_pdbx_entity_src_syn.pdbx_alt_source_flag   sample 
_pdbx_entity_src_syn.pdbx_beg_seq_num       1 
_pdbx_entity_src_syn.pdbx_end_seq_num       14 
_pdbx_entity_src_syn.organism_scientific    'synthetic construct' 
_pdbx_entity_src_syn.organism_common_name   ? 
_pdbx_entity_src_syn.ncbi_taxonomy_id       32630 
_pdbx_entity_src_syn.details                ? 
# 
_struct_ref.id                         1 
_struct_ref.db_name                    PDB 
_struct_ref.db_code                    6U8U 
_struct_ref.pdbx_db_accession          6U8U 
_struct_ref.pdbx_db_isoform            ? 
_struct_ref.entity_id                  1 
_struct_ref.pdbx_seq_one_letter_code   ? 
_struct_ref.pdbx_align_begin           1 
# 
loop_
_struct_ref_seq.align_id 
_struct_ref_seq.ref_id 
_struct_ref_seq.pdbx_PDB_id_code 
_struct_ref_seq.pdbx_strand_id 
_struct_ref_seq.seq_align_beg 
_struct_ref_seq.pdbx_seq_align_beg_ins_code 
_struct_ref_seq.seq_align_end 
_struct_ref_seq.pdbx_seq_align_end_ins_code 
_struct_ref_seq.pdbx_db_accession 
_struct_ref_seq.db_align_beg 
_struct_ref_seq.pdbx_db_align_beg_ins_code 
_struct_ref_seq.db_align_end 
_struct_ref_seq.pdbx_db_align_end_ins_code 
_struct_ref_seq.pdbx_auth_seq_align_beg 
_struct_ref_seq.pdbx_auth_seq_align_end 
1 1 6U8U A 1 ? 14 ? 6U8U 1 ? 14 ? 1 14 
2 1 6U8U B 1 ? 14 ? 6U8U 1 ? 14 ? 1 14 
# 
loop_
_chem_comp.id 
_chem_comp.type 
_chem_comp.mon_nstd_flag 
_chem_comp.name 
_chem_comp.pdbx_synonyms 
_chem_comp.formula 
_chem_comp.formula_weight 
A   'RNA linking' y "ADENOSINE-5'-MONOPHOSPHATE" ? 'C10 H14 N5 O7 P'      347.221 
C   'RNA linking' y "CYTIDINE-5'-MONOPHOSPHATE" ? 'C9 H14 N3 O8 P'       323.197 
G   'RNA linking' y "GUANOSINE-5'-MONOPHOSPHATE" ? 'C10 H14 N5 O8 P'      363.221 
HOH non-polymer   . WATER ? 'H2 O'                 18.015  
LCC 'RNA linking' . 
'[(1R,3R,4R,7S)-7-HYDROXY-3-(5-METHYLCYTOSIN-1-YL)-2,5-DIOXABICYCLO[2.2.1]HEPT-1-YL]METHYL DIHYDROGEN PHOSPHATE' ? 
'C11 H16 N3 O8 P'      349.234 
LCG 'RNA linking' n '[(1R,3R,4R,7S)-7-HYDROXY-3-(GUANIN-9-YL)-2,5-DIOXABICYCLO[2.2.1]HEPT-1-YL]METHYL DIHYDROGEN PHOSPHATE' ? 
'C11 H14 N5 O8 P'      375.231 
MG  non-polymer   . 'MAGNESIUM ION' ? 'Mg 2'                 24.305  
Q1V non-polymer   . 
;2-amino-3-[(R)-{[(3S,4R,5R)-5-(2-amino-6-oxo-1,6-dihydro-9H-purin-9-yl)-4-hydroxyoxolan-3-yl]oxy}(hydroxy)phosphoryl]-1-[(S)-{[(3S,4R,5R)-5-(2-amino-6-oxo-1,6-dihydro-9H-purin-9-yl)-4-hydroxyoxolan-3-yl]oxy}(hydroxy)phosphoryl]-1H-imidazol-3-ium
;
? 'C21 H26 N13 O12 P2 1' 714.459 
U   'RNA linking' y "URIDINE-5'-MONOPHOSPHATE" ? 'C9 H13 N2 O9 P'       324.181 
# 
_exptl.absorpt_coefficient_mu     ? 
_exptl.absorpt_correction_T_max   ? 
_exptl.absorpt_correction_T_min   ? 
_exptl.absorpt_correction_type    ? 
_exptl.absorpt_process_details    ? 
_exptl.entry_id                   6U8U 
_exptl.crystals_number            1 
_exptl.details                    ? 
_exptl.method                     'X-RAY DIFFRACTION' 
_exptl.method_details             ? 
# 
_exptl_crystal.colour                      ? 
_exptl_crystal.density_diffrn              ? 
_exptl_crystal.density_Matthews            2.45 
_exptl_crystal.density_method              ? 
_exptl_crystal.density_percent_sol         49.70 
_exptl_crystal.description                 ? 
_exptl_crystal.F_000                       ? 
_exptl_crystal.id                          1 
_exptl_crystal.preparation                 ? 
_exptl_crystal.size_max                    ? 
_exptl_crystal.size_mid                    ? 
_exptl_crystal.size_min                    ? 
_exptl_crystal.size_rad                    ? 
_exptl_crystal.colour_lustre               ? 
_exptl_crystal.colour_modifier             ? 
_exptl_crystal.colour_primary              ? 
_exptl_crystal.density_meas                ? 
_exptl_crystal.density_meas_esd            ? 
_exptl_crystal.density_meas_gt             ? 
_exptl_crystal.density_meas_lt             ? 
_exptl_crystal.density_meas_temp           ? 
_exptl_crystal.density_meas_temp_esd       ? 
_exptl_crystal.density_meas_temp_gt        ? 
_exptl_crystal.density_meas_temp_lt        ? 
_exptl_crystal.pdbx_crystal_image_url      ? 
_exptl_crystal.pdbx_crystal_image_format   ? 
_exptl_crystal.pdbx_mosaicity              ? 
_exptl_crystal.pdbx_mosaicity_esd          ? 
# 
_exptl_crystal_grow.apparatus       ? 
_exptl_crystal_grow.atmosphere      ? 
_exptl_crystal_grow.crystal_id      1 
_exptl_crystal_grow.details         ? 
_exptl_crystal_grow.method          'VAPOR DIFFUSION, SITTING DROP' 
_exptl_crystal_grow.method_ref      ? 
_exptl_crystal_grow.pH              7.0 
_exptl_crystal_grow.pressure        ? 
_exptl_crystal_grow.pressure_esd    ? 
_exptl_crystal_grow.seeding         ? 
_exptl_crystal_grow.seeding_ref     ? 
_exptl_crystal_grow.temp            291 
_exptl_crystal_grow.temp_details    ? 
_exptl_crystal_grow.temp_esd        ? 
_exptl_crystal_grow.time            ? 
_exptl_crystal_grow.pdbx_details    
'10 % w/v Polyethylene glycol 6,000, 50 mM HEPES; pH 7.0, 200 mM Ammonium acetate, 150 mM Magnesium acetate' 
_exptl_crystal_grow.pdbx_pH_range   ? 
# 
_diffrn.ambient_environment              ? 
_diffrn.ambient_temp                     99 
_diffrn.ambient_temp_details             ? 
_diffrn.ambient_temp_esd                 ? 
_diffrn.crystal_id                       1 
_diffrn.crystal_support                  ? 
_diffrn.crystal_treatment                ? 
_diffrn.details                          ? 
_diffrn.id                               1 
_diffrn.ambient_pressure                 ? 
_diffrn.ambient_pressure_esd             ? 
_diffrn.ambient_pressure_gt              ? 
_diffrn.ambient_pressure_lt              ? 
_diffrn.ambient_temp_gt                  ? 
_diffrn.ambient_temp_lt                  ? 
_diffrn.pdbx_serial_crystal_experiment   N 
# 
_diffrn_detector.details                      ? 
_diffrn_detector.detector                     CCD 
_diffrn_detector.diffrn_id                    1 
_diffrn_detector.type                         'MAR CCD 130 mm' 
_diffrn_detector.area_resol_mean              ? 
_diffrn_detector.dtime                        ? 
_diffrn_detector.pdbx_frames_total            ? 
_diffrn_detector.pdbx_collection_time_total   ? 
_diffrn_detector.pdbx_collection_date         2018-06-15 
_diffrn_detector.pdbx_frequency               ? 
# 
_diffrn_radiation.collimation                      ? 
_diffrn_radiation.diffrn_id                        1 
_diffrn_radiation.filter_edge                      ? 
_diffrn_radiation.inhomogeneity                    ? 
_diffrn_radiation.monochromator                    ? 
_diffrn_radiation.polarisn_norm                    ? 
_diffrn_radiation.polarisn_ratio                   ? 
_diffrn_radiation.probe                            ? 
_diffrn_radiation.type                             ? 
_diffrn_radiation.xray_symbol                      ? 
_diffrn_radiation.wavelength_id                    1 
_diffrn_radiation.pdbx_monochromatic_or_laue_m_l   M 
_diffrn_radiation.pdbx_wavelength_list             ? 
_diffrn_radiation.pdbx_wavelength                  ? 
_diffrn_radiation.pdbx_diffrn_protocol             'SINGLE WAVELENGTH' 
_diffrn_radiation.pdbx_analyzer                    ? 
_diffrn_radiation.pdbx_scattering_type             x-ray 
# 
_diffrn_radiation_wavelength.id           1 
_diffrn_radiation_wavelength.wavelength   1 
_diffrn_radiation_wavelength.wt           1.0 
# 
_diffrn_source.current                     ? 
_diffrn_source.details                     ? 
_diffrn_source.diffrn_id                   1 
_diffrn_source.power                       ? 
_diffrn_source.size                        ? 
_diffrn_source.source                      SYNCHROTRON 
_diffrn_source.target                      ? 
_diffrn_source.type                        'ALS BEAMLINE 8.2.2' 
_diffrn_source.voltage                     ? 
_diffrn_source.take-off_angle              ? 
_diffrn_source.pdbx_wavelength_list        1 
_diffrn_source.pdbx_wavelength             ? 
_diffrn_source.pdbx_synchrotron_beamline   8.2.2 
_diffrn_source.pdbx_synchrotron_site       ALS 
# 
_reflns.B_iso_Wilson_estimate            ? 
_reflns.entry_id                         6U8U 
_reflns.data_reduction_details           ? 
_reflns.data_reduction_method            ? 
_reflns.d_resolution_high                2.40 
_reflns.d_resolution_low                 50 
_reflns.details                          ? 
_reflns.limit_h_max                      ? 
_reflns.limit_h_min                      ? 
_reflns.limit_k_max                      ? 
_reflns.limit_k_min                      ? 
_reflns.limit_l_max                      ? 
_reflns.limit_l_min                      ? 
_reflns.number_all                       ? 
_reflns.number_obs                       4009 
_reflns.observed_criterion               ? 
_reflns.observed_criterion_F_max         ? 
_reflns.observed_criterion_F_min         ? 
_reflns.observed_criterion_I_max         ? 
_reflns.observed_criterion_I_min         ? 
_reflns.observed_criterion_sigma_F       ? 
_reflns.observed_criterion_sigma_I       ? 
_reflns.percent_possible_obs             99.9 
_reflns.R_free_details                   ? 
_reflns.Rmerge_F_all                     ? 
_reflns.Rmerge_F_obs                     ? 
_reflns.Friedel_coverage                 ? 
_reflns.number_gt                        ? 
_reflns.threshold_expression             ? 
_reflns.pdbx_redundancy                  10.2 
_reflns.pdbx_Rmerge_I_obs                0.059 
_reflns.pdbx_Rmerge_I_all                ? 
_reflns.pdbx_Rsym_value                  ? 
_reflns.pdbx_netI_over_av_sigmaI         ? 
_reflns.pdbx_netI_over_sigmaI            37.2 
_reflns.pdbx_res_netI_over_av_sigmaI_2   ? 
_reflns.pdbx_res_netI_over_sigmaI_2      ? 
_reflns.pdbx_chi_squared                 0.818 
_reflns.pdbx_scaling_rejects             ? 
_reflns.pdbx_d_res_high_opt              ? 
_reflns.pdbx_d_res_low_opt               ? 
_reflns.pdbx_d_res_opt_method            ? 
_reflns.phase_calculation_details        ? 
_reflns.pdbx_Rrim_I_all                  0.06 
_reflns.pdbx_Rpim_I_all                  0.02 
_reflns.pdbx_d_opt                       ? 
_reflns.pdbx_number_measured_all         ? 
_reflns.pdbx_diffrn_id                   1 
_reflns.pdbx_ordinal                     1 
_reflns.pdbx_CC_half                     1.0 
_reflns.pdbx_R_split                     ? 
# 
_reflns_shell.d_res_high                  2.40 
_reflns_shell.d_res_low                   2.49 
_reflns_shell.meanI_over_sigI_all         ? 
_reflns_shell.meanI_over_sigI_obs         3.1 
_reflns_shell.number_measured_all         ? 
_reflns_shell.number_measured_obs         ? 
_reflns_shell.number_possible             ? 
_reflns_shell.number_unique_all           ? 
_reflns_shell.number_unique_obs           387 
_reflns_shell.percent_possible_all        100 
_reflns_shell.percent_possible_obs        ? 
_reflns_shell.Rmerge_F_all                ? 
_reflns_shell.Rmerge_F_obs                ? 
_reflns_shell.Rmerge_I_all                ? 
_reflns_shell.Rmerge_I_obs                0.709 
_reflns_shell.meanI_over_sigI_gt          ? 
_reflns_shell.meanI_over_uI_all           ? 
_reflns_shell.meanI_over_uI_gt            ? 
_reflns_shell.number_measured_gt          ? 
_reflns_shell.number_unique_gt            ? 
_reflns_shell.percent_possible_gt         ? 
_reflns_shell.Rmerge_F_gt                 ? 
_reflns_shell.Rmerge_I_gt                 ? 
_reflns_shell.pdbx_redundancy             10.6 
_reflns_shell.pdbx_Rsym_value             ? 
_reflns_shell.pdbx_chi_squared            0.566 
_reflns_shell.pdbx_netI_over_sigmaI_all   ? 
_reflns_shell.pdbx_netI_over_sigmaI_obs   ? 
_reflns_shell.pdbx_Rrim_I_all             0.745 
_reflns_shell.pdbx_Rpim_I_all             0.228 
_reflns_shell.pdbx_rejects                ? 
_reflns_shell.pdbx_ordinal                1 
_reflns_shell.pdbx_diffrn_id              1 
_reflns_shell.pdbx_CC_half                0.958 
_reflns_shell.pdbx_R_split                ? 
# 
_refine.aniso_B[1][1]                            0.01 
_refine.aniso_B[1][2]                            0.00 
_refine.aniso_B[1][3]                            0.00 
_refine.aniso_B[2][2]                            0.01 
_refine.aniso_B[2][3]                            -0.00 
_refine.aniso_B[3][3]                            -0.02 
_refine.B_iso_max                                ? 
_refine.B_iso_mean                               53.86 
_refine.B_iso_min                                ? 
_refine.correlation_coeff_Fo_to_Fc               ? 
_refine.correlation_coeff_Fo_to_Fc_free          ? 
_refine.details                                  ? 
_refine.diff_density_max                         ? 
_refine.diff_density_max_esd                     ? 
_refine.diff_density_min                         ? 
_refine.diff_density_min_esd                     ? 
_refine.diff_density_rms                         ? 
_refine.diff_density_rms_esd                     ? 
_refine.entry_id                                 6U8U 
_refine.pdbx_refine_id                           'X-RAY DIFFRACTION' 
_refine.ls_abs_structure_details                 ? 
_refine.ls_abs_structure_Flack                   ? 
_refine.ls_abs_structure_Flack_esd               ? 
_refine.ls_abs_structure_Rogers                  ? 
_refine.ls_abs_structure_Rogers_esd              ? 
_refine.ls_d_res_high                            2.40 
_refine.ls_d_res_low                             50 
_refine.ls_extinction_coef                       ? 
_refine.ls_extinction_coef_esd                   ? 
_refine.ls_extinction_expression                 ? 
_refine.ls_extinction_method                     ? 
_refine.ls_goodness_of_fit_all                   ? 
_refine.ls_goodness_of_fit_all_esd               ? 
_refine.ls_goodness_of_fit_obs                   ? 
_refine.ls_goodness_of_fit_obs_esd               ? 
_refine.ls_hydrogen_treatment                    ? 
_refine.ls_matrix_type                           ? 
_refine.ls_number_constraints                    ? 
_refine.ls_number_parameters                     ? 
_refine.ls_number_reflns_all                     ? 
_refine.ls_number_reflns_obs                     3789 
_refine.ls_number_reflns_R_free                  163 
_refine.ls_number_reflns_R_work                  ? 
_refine.ls_number_restraints                     ? 
_refine.ls_percent_reflns_obs                    97.94 
_refine.ls_percent_reflns_R_free                 4.1 
_refine.ls_R_factor_all                          ? 
_refine.ls_R_factor_obs                          0.218 
_refine.ls_R_factor_R_free                       0.267 
_refine.ls_R_factor_R_free_error                 ? 
_refine.ls_R_factor_R_free_error_details         ? 
_refine.ls_R_factor_R_work                       0.216 
_refine.ls_R_Fsqd_factor_obs                     ? 
_refine.ls_R_I_factor_obs                        ? 
_refine.ls_redundancy_reflns_all                 ? 
_refine.ls_redundancy_reflns_obs                 ? 
_refine.ls_restrained_S_all                      ? 
_refine.ls_restrained_S_obs                      ? 
_refine.ls_shift_over_esd_max                    ? 
_refine.ls_shift_over_esd_mean                   ? 
_refine.ls_structure_factor_coef                 ? 
_refine.ls_weighting_details                     ? 
_refine.ls_weighting_scheme                      ? 
_refine.ls_wR_factor_all                         ? 
_refine.ls_wR_factor_obs                         ? 
_refine.ls_wR_factor_R_free                      ? 
_refine.ls_wR_factor_R_work                      ? 
_refine.occupancy_max                            ? 
_refine.occupancy_min                            ? 
_refine.solvent_model_details                    ? 
_refine.solvent_model_param_bsol                 ? 
_refine.solvent_model_param_ksol                 ? 
_refine.ls_R_factor_gt                           ? 
_refine.ls_goodness_of_fit_gt                    ? 
_refine.ls_goodness_of_fit_ref                   ? 
_refine.ls_shift_over_su_max                     ? 
_refine.ls_shift_over_su_max_lt                  ? 
_refine.ls_shift_over_su_mean                    ? 
_refine.ls_shift_over_su_mean_lt                 ? 
_refine.pdbx_ls_sigma_I                          ? 
_refine.pdbx_ls_sigma_F                          ? 
_refine.pdbx_ls_sigma_Fsqd                       ? 
_refine.pdbx_data_cutoff_high_absF               ? 
_refine.pdbx_data_cutoff_high_rms_absF           ? 
_refine.pdbx_data_cutoff_low_absF                ? 
_refine.pdbx_isotropic_thermal_model             ? 
_refine.pdbx_ls_cross_valid_method               THROUGHOUT 
_refine.pdbx_method_to_determine_struct          'MOLECULAR REPLACEMENT' 
_refine.pdbx_starting_model                      6C8D 
_refine.pdbx_stereochemistry_target_values       ? 
_refine.pdbx_R_Free_selection_details            random 
_refine.pdbx_stereochem_target_val_spec_case     ? 
_refine.pdbx_overall_ESU_R                       ? 
_refine.pdbx_overall_ESU_R_Free                  ? 
_refine.pdbx_solvent_vdw_probe_radii             ? 
_refine.pdbx_solvent_ion_probe_radii             ? 
_refine.pdbx_solvent_shrinkage_radii             ? 
_refine.pdbx_real_space_R                        ? 
_refine.pdbx_density_correlation                 ? 
_refine.pdbx_pd_number_of_powder_patterns        ? 
_refine.pdbx_pd_number_of_points                 ? 
_refine.pdbx_pd_meas_number_of_points            ? 
_refine.pdbx_pd_proc_ls_prof_R_factor            ? 
_refine.pdbx_pd_proc_ls_prof_wR_factor           ? 
_refine.pdbx_pd_Marquardt_correlation_coeff      ? 
_refine.pdbx_pd_Fsqrd_R_factor                   ? 
_refine.pdbx_pd_ls_matrix_band_width             ? 
_refine.pdbx_overall_phase_error                 ? 
_refine.pdbx_overall_SU_R_free_Cruickshank_DPI   ? 
_refine.pdbx_overall_SU_R_free_Blow_DPI          ? 
_refine.pdbx_overall_SU_R_Blow_DPI               ? 
_refine.pdbx_TLS_residual_ADP_flag               ? 
_refine.pdbx_diffrn_id                           1 
_refine.overall_SU_B                             ? 
_refine.overall_SU_ML                            ? 
_refine.overall_SU_R_Cruickshank_DPI             ? 
_refine.overall_SU_R_free                        ? 
_refine.overall_FOM_free_R_set                   ? 
_refine.overall_FOM_work_R_set                   ? 
_refine.pdbx_average_fsc_overall                 ? 
_refine.pdbx_average_fsc_work                    ? 
_refine.pdbx_average_fsc_free                    ? 
# 
_refine_hist.pdbx_refine_id                   'X-RAY DIFFRACTION' 
_refine_hist.cycle_id                         LAST 
_refine_hist.pdbx_number_atoms_protein        0 
_refine_hist.pdbx_number_atoms_nucleic_acid   694 
_refine_hist.pdbx_number_atoms_ligand         2 
_refine_hist.number_atoms_solvent             10 
_refine_hist.number_atoms_total               706 
_refine_hist.d_res_high                       2.40 
_refine_hist.d_res_low                        50 
# 
_refine_ls_shell.pdbx_refine_id                   'X-RAY DIFFRACTION' 
_refine_ls_shell.d_res_high                       2.40 
_refine_ls_shell.d_res_low                        2.46 
_refine_ls_shell.number_reflns_all                ? 
_refine_ls_shell.number_reflns_obs                ? 
_refine_ls_shell.number_reflns_R_free             8 
_refine_ls_shell.number_reflns_R_work             275 
_refine_ls_shell.percent_reflns_obs               98.26 
_refine_ls_shell.percent_reflns_R_free            ? 
_refine_ls_shell.R_factor_all                     ? 
_refine_ls_shell.R_factor_obs                     ? 
_refine_ls_shell.R_factor_R_free                  0.293 
_refine_ls_shell.R_factor_R_free_error            ? 
_refine_ls_shell.R_factor_R_work                  0.308 
_refine_ls_shell.redundancy_reflns_all            ? 
_refine_ls_shell.redundancy_reflns_obs            ? 
_refine_ls_shell.wR_factor_all                    ? 
_refine_ls_shell.wR_factor_obs                    ? 
_refine_ls_shell.wR_factor_R_free                 ? 
_refine_ls_shell.wR_factor_R_work                 ? 
_refine_ls_shell.pdbx_total_number_of_bins_used   ? 
_refine_ls_shell.pdbx_phase_error                 ? 
_refine_ls_shell.pdbx_fsc_work                    ? 
_refine_ls_shell.pdbx_fsc_free                    ? 
# 
_struct.entry_id                     6U8U 
_struct.title                        
;RNA duplex bound with TNA 3'-3' imidazolium dimer
;
_struct.pdbx_model_details           ? 
_struct.pdbx_formula_weight          ? 
_struct.pdbx_formula_weight_method   ? 
_struct.pdbx_model_type_details      ? 
_struct.pdbx_CASP_flag               N 
# 
_struct_keywords.entry_id        6U8U 
_struct_keywords.text            RNA 
_struct_keywords.pdbx_keywords   RNA 
# 
loop_
_struct_asym.id 
_struct_asym.pdbx_blank_PDB_chainid_flag 
_struct_asym.pdbx_modified 
_struct_asym.entity_id 
_struct_asym.details 
A N N 1 ? 
B N N 1 ? 
C N N 2 ? 
D N N 3 ? 
E N N 2 ? 
F N N 3 ? 
G N N 4 ? 
H N N 4 ? 
# 
loop_
_struct_conn.id 
_struct_conn.conn_type_id 
_struct_conn.pdbx_leaving_atom_flag 
_struct_conn.pdbx_PDB_id 
_struct_conn.ptnr1_label_asym_id 
_struct_conn.ptnr1_label_comp_id 
_struct_conn.ptnr1_label_seq_id 
_struct_conn.ptnr1_label_atom_id 
_struct_conn.pdbx_ptnr1_label_alt_id 
_struct_conn.pdbx_ptnr1_PDB_ins_code 
_struct_conn.pdbx_ptnr1_standard_comp_id 
_struct_conn.ptnr1_symmetry 
_struct_conn.ptnr2_label_asym_id 
_struct_conn.ptnr2_label_comp_id 
_struct_conn.ptnr2_label_seq_id 
_struct_conn.ptnr2_label_atom_id 
_struct_conn.pdbx_ptnr2_label_alt_id 
_struct_conn.pdbx_ptnr2_PDB_ins_code 
_struct_conn.ptnr1_auth_asym_id 
_struct_conn.ptnr1_auth_comp_id 
_struct_conn.ptnr1_auth_seq_id 
_struct_conn.ptnr2_auth_asym_id 
_struct_conn.ptnr2_auth_comp_id 
_struct_conn.ptnr2_auth_seq_id 
_struct_conn.ptnr2_symmetry 
_struct_conn.pdbx_ptnr3_label_atom_id 
_struct_conn.pdbx_ptnr3_label_seq_id 
_struct_conn.pdbx_ptnr3_label_comp_id 
_struct_conn.pdbx_ptnr3_label_asym_id 
_struct_conn.pdbx_ptnr3_label_alt_id 
_struct_conn.pdbx_ptnr3_PDB_ins_code 
_struct_conn.details 
_struct_conn.pdbx_dist_value 
_struct_conn.pdbx_value_order 
_struct_conn.pdbx_role 
covale1  covale both ? A LCC 1  "O3'" ? ? ? 1_555 A LCC 2  P  ? ? A LCC 1   A LCC 2   1_555 ? ? ? ? ? ? ?            1.614 ? ? 
covale2  covale both ? A LCC 2  "O3'" ? ? ? 1_555 A LCC 3  P  ? ? A LCC 2   A LCC 3   1_555 ? ? ? ? ? ? ?            1.674 ? ? 
covale3  covale both ? A LCC 3  "O3'" ? ? ? 1_555 A LCG 4  P  ? ? A LCC 3   A LCG 4   1_555 ? ? ? ? ? ? ?            1.628 ? ? 
covale4  covale both ? A LCG 4  "O3'" ? ? ? 1_555 A A   5  P  ? ? A LCG 4   A A   5   1_555 ? ? ? ? ? ? ?            1.606 ? ? 
covale5  covale both ? B LCC 1  "O3'" ? ? ? 1_555 B LCC 2  P  ? ? B LCC 1   B LCC 2   1_555 ? ? ? ? ? ? ?            1.629 ? ? 
covale6  covale both ? B LCC 2  "O3'" ? ? ? 1_555 B LCC 3  P  ? ? B LCC 2   B LCC 3   1_555 ? ? ? ? ? ? ?            1.635 ? ? 
covale7  covale both ? B LCC 3  "O3'" ? ? ? 1_555 B LCG 4  P  ? ? B LCC 3   B LCG 4   1_555 ? ? ? ? ? ? ?            1.646 ? ? 
covale8  covale both ? B LCG 4  "O3'" ? ? ? 1_555 B A   5  P  ? ? B LCG 4   B A   5   1_555 ? ? ? ? ? ? ?            1.631 ? ? 
metalc1  metalc ?    ? C MG  .  MG    ? ? ? 1_555 G HOH .  O  ? ? A MG  101 A HOH 202 1_555 ? ? ? ? ? ? ?            2.074 ? ? 
metalc2  metalc ?    ? C MG  .  MG    ? ? ? 1_555 G HOH .  O  ? ? A MG  101 A HOH 205 1_555 ? ? ? ? ? ? ?            1.921 ? ? 
metalc3  metalc ?    ? C MG  .  MG    ? ? ? 1_555 G HOH .  O  ? ? A MG  101 A HOH 206 1_555 ? ? ? ? ? ? ?            2.053 ? ? 
metalc4  metalc ?    ? G HOH .  O     ? ? ? 1_555 E MG  .  MG ? ? A HOH 203 B MG  101 1_555 ? ? ? ? ? ? ?            2.190 ? ? 
metalc5  metalc ?    ? E MG  .  MG    ? ? ? 1_555 H HOH .  O  ? ? B MG  101 B HOH 201 1_555 ? ? ? ? ? ? ?            2.246 ? ? 
metalc6  metalc ?    ? E MG  .  MG    ? ? ? 1_555 H HOH .  O  ? ? B MG  101 B HOH 203 1_555 ? ? ? ? ? ? ?            2.005 ? ? 
metalc7  metalc ?    ? E MG  .  MG    ? ? ? 1_555 H HOH .  O  ? ? B MG  101 B HOH 204 1_555 ? ? ? ? ? ? ?            1.852 ? ? 
hydrog1  hydrog ?    ? A LCG 4  N1    ? ? ? 1_555 B C   13 N3 ? ? A LCG 4   B C   13  1_555 ? ? ? ? ? ? WATSON-CRICK ?     ? ? 
hydrog2  hydrog ?    ? A LCG 4  N2    ? ? ? 1_555 B C   13 O2 ? ? A LCG 4   B C   13  1_555 ? ? ? ? ? ? WATSON-CRICK ?     ? ? 
hydrog3  hydrog ?    ? A LCG 4  O6    ? ? ? 1_555 B C   13 N4 ? ? A LCG 4   B C   13  1_555 ? ? ? ? ? ? WATSON-CRICK ?     ? ? 
hydrog4  hydrog ?    ? A A   5  N1    ? ? ? 1_555 B U   12 N3 ? ? A A   5   B U   12  1_555 ? ? ? ? ? ? WATSON-CRICK ?     ? ? 
hydrog5  hydrog ?    ? A A   5  N6    ? ? ? 1_555 B U   12 O4 ? ? A A   5   B U   12  1_555 ? ? ? ? ? ? WATSON-CRICK ?     ? ? 
hydrog6  hydrog ?    ? A C   6  N3    ? ? ? 1_555 B G   11 N1 ? ? A C   6   B G   11  1_555 ? ? ? ? ? ? WATSON-CRICK ?     ? ? 
hydrog7  hydrog ?    ? A C   6  N4    ? ? ? 1_555 B G   11 O6 ? ? A C   6   B G   11  1_555 ? ? ? ? ? ? WATSON-CRICK ?     ? ? 
hydrog8  hydrog ?    ? A C   6  O2    ? ? ? 1_555 B G   11 N2 ? ? A C   6   B G   11  1_555 ? ? ? ? ? ? WATSON-CRICK ?     ? ? 
hydrog9  hydrog ?    ? A U   7  N3    ? ? ? 1_555 B A   10 N1 ? ? A U   7   B A   10  1_555 ? ? ? ? ? ? WATSON-CRICK ?     ? ? 
hydrog10 hydrog ?    ? A U   7  O4    ? ? ? 1_555 B A   10 N6 ? ? A U   7   B A   10  1_555 ? ? ? ? ? ? WATSON-CRICK ?     ? ? 
hydrog11 hydrog ?    ? A U   8  N3    ? ? ? 1_555 B A   9  N1 ? ? A U   8   B A   9   1_555 ? ? ? ? ? ? WATSON-CRICK ?     ? ? 
hydrog12 hydrog ?    ? A U   8  O4    ? ? ? 1_555 B A   9  N6 ? ? A U   8   B A   9   1_555 ? ? ? ? ? ? WATSON-CRICK ?     ? ? 
hydrog13 hydrog ?    ? A A   9  N1    ? ? ? 1_555 B U   8  N3 ? ? A A   9   B U   8   1_555 ? ? ? ? ? ? WATSON-CRICK ?     ? ? 
hydrog14 hydrog ?    ? A A   9  N6    ? ? ? 1_555 B U   8  O4 ? ? A A   9   B U   8   1_555 ? ? ? ? ? ? WATSON-CRICK ?     ? ? 
hydrog15 hydrog ?    ? A A   10 N1    ? ? ? 1_555 B U   7  N3 ? ? A A   10  B U   7   1_555 ? ? ? ? ? ? WATSON-CRICK ?     ? ? 
hydrog16 hydrog ?    ? A A   10 N6    ? ? ? 1_555 B U   7  O4 ? ? A A   10  B U   7   1_555 ? ? ? ? ? ? WATSON-CRICK ?     ? ? 
hydrog17 hydrog ?    ? A G   11 N1    ? ? ? 1_555 B C   6  N3 ? ? A G   11  B C   6   1_555 ? ? ? ? ? ? WATSON-CRICK ?     ? ? 
hydrog18 hydrog ?    ? A G   11 N2    ? ? ? 1_555 B C   6  O2 ? ? A G   11  B C   6   1_555 ? ? ? ? ? ? WATSON-CRICK ?     ? ? 
hydrog19 hydrog ?    ? A G   11 O6    ? ? ? 1_555 B C   6  N4 ? ? A G   11  B C   6   1_555 ? ? ? ? ? ? WATSON-CRICK ?     ? ? 
hydrog20 hydrog ?    ? A U   12 N3    ? ? ? 1_555 B A   5  N1 ? ? A U   12  B A   5   1_555 ? ? ? ? ? ? WATSON-CRICK ?     ? ? 
hydrog21 hydrog ?    ? A U   12 O4    ? ? ? 1_555 B A   5  N6 ? ? A U   12  B A   5   1_555 ? ? ? ? ? ? WATSON-CRICK ?     ? ? 
hydrog22 hydrog ?    ? A C   13 N3    ? ? ? 1_555 B LCG 4  N1 ? ? A C   13  B LCG 4   1_555 ? ? ? ? ? ? WATSON-CRICK ?     ? ? 
hydrog23 hydrog ?    ? A C   13 N4    ? ? ? 1_555 B LCG 4  O6 ? ? A C   13  B LCG 4   1_555 ? ? ? ? ? ? WATSON-CRICK ?     ? ? 
hydrog24 hydrog ?    ? A C   13 O2    ? ? ? 1_555 B LCG 4  N2 ? ? A C   13  B LCG 4   1_555 ? ? ? ? ? ? WATSON-CRICK ?     ? ? 
# 
loop_
_struct_conn_type.id 
_struct_conn_type.criteria 
_struct_conn_type.reference 
covale ? ? 
metalc ? ? 
hydrog ? ? 
# 
loop_
_struct_site.id 
_struct_site.pdbx_evidence_code 
_struct_site.pdbx_auth_asym_id 
_struct_site.pdbx_auth_comp_id 
_struct_site.pdbx_auth_seq_id 
_struct_site.pdbx_auth_ins_code 
_struct_site.pdbx_num_residues 
_struct_site.details 
AC1 Software A MG  101 ? 4 'binding site for residue MG A 101'                
AC2 Software A Q1V 102 ? 6 'binding site for residue Q1V A 102'               
AC3 Software B MG  101 ? 5 'binding site for residue MG B 101'                
AC4 Software B Q1V 102 ? 4 'binding site for residue Q1V B 102'               
AC5 Software A LCC 1   ? 5 'binding site for residues LCC A 1 and LCC A 2'    
AC6 Software A LCC 2   ? 7 'binding site for residues LCC A 2 and LCC A 3'    
AC7 Software A LCC 3   ? 8 'binding site for residues LCC A 3 and LCG A 4'    
AC8 Software B LCC 1   ? 2 'binding site for residues LCC B 1 and LCC B 2'    
AC9 Software B LCC 2   ? 4 'binding site for residues LCC B 2 and LCC B 3'    
AD1 Software B LCC 3   ? 5 'binding site for residues LCC B 3 and LCG B 4'    
AD2 Software B LCG 4   ? 7 'binding site for Di-nucleotide LCG B 4 and A B 5' 
# 
loop_
_struct_site_gen.id 
_struct_site_gen.site_id 
_struct_site_gen.pdbx_num_res 
_struct_site_gen.label_comp_id 
_struct_site_gen.label_asym_id 
_struct_site_gen.label_seq_id 
_struct_site_gen.pdbx_auth_ins_code 
_struct_site_gen.auth_comp_id 
_struct_site_gen.auth_asym_id 
_struct_site_gen.auth_seq_id 
_struct_site_gen.label_atom_id 
_struct_site_gen.label_alt_id 
_struct_site_gen.symmetry 
_struct_site_gen.details 
1  AC1 4 HOH G .  ? HOH A 201 . ? 1_555 ? 
2  AC1 4 HOH G .  ? HOH A 202 . ? 1_555 ? 
3  AC1 4 HOH G .  ? HOH A 205 . ? 1_555 ? 
4  AC1 4 HOH G .  ? HOH A 206 . ? 1_555 ? 
5  AC2 6 LCC A 1  ? LCC A 1   . ? 4_645 ? 
6  AC2 6 LCC A 1  ? LCC A 1   . ? 1_555 ? 
7  AC2 6 LCC A 2  ? LCC A 2   . ? 1_555 ? 
8  AC2 6 LCC A 3  ? LCC A 3   . ? 1_555 ? 
9  AC2 6 G   B 14 ? G   B 14  . ? 2_745 ? 
10 AC2 6 G   B 14 ? G   B 14  . ? 1_555 ? 
11 AC3 5 HOH G .  ? HOH A 203 . ? 1_555 ? 
12 AC3 5 C   B 6  ? C   B 6   . ? 1_555 ? 
13 AC3 5 HOH H .  ? HOH B 201 . ? 1_555 ? 
14 AC3 5 HOH H .  ? HOH B 203 . ? 1_555 ? 
15 AC3 5 HOH H .  ? HOH B 204 . ? 1_555 ? 
16 AC4 4 G   A 14 ? G   A 14  . ? 1_555 ? 
17 AC4 4 LCC B 1  ? LCC B 1   . ? 1_555 ? 
18 AC4 4 LCC B 2  ? LCC B 2   . ? 1_555 ? 
19 AC4 4 LCC B 3  ? LCC B 3   . ? 1_555 ? 
20 AC5 5 LCC A 3  ? LCC A 3   . ? 1_555 ? 
21 AC5 5 Q1V D .  ? Q1V A 102 . ? 1_555 ? 
22 AC5 5 Q1V D .  ? Q1V A 102 . ? 4_645 ? 
23 AC5 5 C   B 13 ? C   B 13  . ? 2_745 ? 
24 AC5 5 G   B 14 ? G   B 14  . ? 2_745 ? 
25 AC6 7 LCC A 1  ? LCC A 1   . ? 1_555 ? 
26 AC6 7 LCG A 4  ? LCG A 4   . ? 2_745 ? 
27 AC6 7 LCG A 4  ? LCG A 4   . ? 1_555 ? 
28 AC6 7 Q1V D .  ? Q1V A 102 . ? 1_555 ? 
29 AC6 7 C   B 13 ? C   B 13  . ? 2_745 ? 
30 AC6 7 G   B 14 ? G   B 14  . ? 1_555 ? 
31 AC6 7 G   B 14 ? G   B 14  . ? 2_745 ? 
32 AC7 8 LCC A 2  ? LCC A 2   . ? 1_555 ? 
33 AC7 8 A   A 5  ? A   A 5   . ? 2_745 ? 
34 AC7 8 A   A 5  ? A   A 5   . ? 1_555 ? 
35 AC7 8 Q1V D .  ? Q1V A 102 . ? 1_555 ? 
36 AC7 8 C   B 13 ? C   B 13  . ? 2_745 ? 
37 AC7 8 C   B 13 ? C   B 13  . ? 1_555 ? 
38 AC7 8 G   B 14 ? G   B 14  . ? 1_555 ? 
39 AC7 8 G   B 14 ? G   B 14  . ? 2_745 ? 
40 AC8 2 LCC B 3  ? LCC B 3   . ? 1_555 ? 
41 AC8 2 Q1V F .  ? Q1V B 102 . ? 1_555 ? 
42 AC9 4 G   A 14 ? G   A 14  . ? 1_555 ? 
43 AC9 4 LCC B 1  ? LCC B 1   . ? 1_555 ? 
44 AC9 4 LCG B 4  ? LCG B 4   . ? 1_555 ? 
45 AC9 4 Q1V F .  ? Q1V B 102 . ? 1_555 ? 
46 AD1 5 C   A 13 ? C   A 13  . ? 1_555 ? 
47 AD1 5 G   A 14 ? G   A 14  . ? 1_555 ? 
48 AD1 5 LCC B 2  ? LCC B 2   . ? 1_555 ? 
49 AD1 5 A   B 5  ? A   B 5   . ? 1_555 ? 
50 AD1 5 Q1V F .  ? Q1V B 102 . ? 1_555 ? 
51 AD2 7 G   A 11 ? G   A 11  . ? 1_555 ? 
52 AD2 7 U   A 12 ? U   A 12  . ? 1_555 ? 
53 AD2 7 C   A 13 ? C   A 13  . ? 1_555 ? 
54 AD2 7 G   A 14 ? G   A 14  . ? 1_555 ? 
55 AD2 7 LCC B 3  ? LCC B 3   . ? 1_555 ? 
56 AD2 7 LCC B 3  ? LCC B 3   . ? 2_745 ? 
57 AD2 7 C   B 6  ? C   B 6   . ? 1_555 ? 
# 
_atom_sites.entry_id                    6U8U 
_atom_sites.Cartn_transf_matrix[1][1]   ? 
_atom_sites.Cartn_transf_matrix[1][2]   ? 
_atom_sites.Cartn_transf_matrix[1][3]   ? 
_atom_sites.Cartn_transf_matrix[2][1]   ? 
_atom_sites.Cartn_transf_matrix[2][2]   ? 
_atom_sites.Cartn_transf_matrix[2][3]   ? 
_atom_sites.Cartn_transf_matrix[3][1]   ? 
_atom_sites.Cartn_transf_matrix[3][2]   ? 
_atom_sites.Cartn_transf_matrix[3][3]   ? 
_atom_sites.Cartn_transf_vector[1]      ? 
_atom_sites.Cartn_transf_vector[2]      ? 
_atom_sites.Cartn_transf_vector[3]      ? 
_atom_sites.fract_transf_matrix[1][1]   0.01904219 
_atom_sites.fract_transf_matrix[1][2]   -0.00364027 
_atom_sites.fract_transf_matrix[1][3]   0.01772665 
_atom_sites.fract_transf_matrix[2][1]   0.00332436 
_atom_sites.fract_transf_matrix[2][2]   -0.02360020 
_atom_sites.fract_transf_matrix[2][3]   0.01104715 
_atom_sites.fract_transf_matrix[3][1]   0.00748658 
_atom_sites.fract_transf_matrix[3][2]   -0.00299813 
_atom_sites.fract_transf_matrix[3][3]   -0.00865786 
_atom_sites.fract_transf_vector[1]      1.776884 
_atom_sites.fract_transf_vector[2]      0.621610 
_atom_sites.fract_transf_vector[3]      0.253003 
_atom_sites.solution_primary            ? 
_atom_sites.solution_secondary          ? 
_atom_sites.solution_hydrogens          ? 
_atom_sites.special_details             ? 
# 
loop_
_atom_type.symbol 
C  
MG 
N  
O  
P  
# 
loop_
_atom_site.group_PDB 
_atom_site.id 
_atom_site.type_symbol 
_atom_site.label_atom_id 
_atom_site.label_alt_id 
_atom_site.label_comp_id 
_atom_site.label_asym_id 
_atom_site.label_entity_id 
_atom_site.label_seq_id 
_atom_site.pdbx_PDB_ins_code 
_atom_site.Cartn_x 
_atom_site.Cartn_y 
_atom_site.Cartn_z 
_atom_site.occupancy 
_atom_site.B_iso_or_equiv 
_atom_site.pdbx_formal_charge 
_atom_site.auth_seq_id 
_atom_site.auth_comp_id 
_atom_site.auth_asym_id 
_atom_site.auth_atom_id 
_atom_site.pdbx_PDB_model_num 
HETATM 1   O  "O5'" . LCC A 1 1  ? -21.507 -1.984  6.334   1.00 79.35  ? 1   LCC A "O5'" 1 
HETATM 2   C  "C5'" . LCC A 1 1  ? -22.046 -1.058  5.379   1.00 87.00  ? 1   LCC A "C5'" 1 
HETATM 3   C  "C4'" . LCC A 1 1  ? -21.702 0.311   5.957   1.00 87.08  ? 1   LCC A "C4'" 1 
HETATM 4   O  "O4'" . LCC A 1 1  ? -21.493 0.429   7.472   1.00 74.66  ? 1   LCC A "O4'" 1 
HETATM 5   C  "C1'" . LCC A 1 1  ? -20.938 1.801   7.611   1.00 71.58  ? 1   LCC A "C1'" 1 
HETATM 6   N  N1    . LCC A 1 1  ? -19.827 2.025   8.637   1.00 65.41  ? 1   LCC A N1    1 
HETATM 7   C  C6    . LCC A 1 1  ? -19.247 0.989   9.481   1.00 68.20  ? 1   LCC A C6    1 
HETATM 8   C  C5    . LCC A 1 1  ? -18.219 1.325   10.412  1.00 76.32  ? 1   LCC A C5    1 
HETATM 9   C  C5M   . LCC A 1 1  ? -17.590 0.337   11.265  1.00 77.99  ? 1   LCC A C5M   1 
HETATM 10  C  C4    . LCC A 1 1  ? -17.835 2.695   10.441  1.00 68.63  ? 1   LCC A C4    1 
HETATM 11  N  N4    . LCC A 1 1  ? -16.878 3.108   11.291  1.00 60.04  ? 1   LCC A N4    1 
HETATM 12  N  N3    . LCC A 1 1  ? -18.434 3.613   9.642   1.00 65.68  ? 1   LCC A N3    1 
HETATM 13  C  C2    . LCC A 1 1  ? -19.394 3.281   8.768   1.00 55.37  ? 1   LCC A C2    1 
HETATM 14  O  O2    . LCC A 1 1  ? -19.885 4.152   8.062   1.00 54.62  ? 1   LCC A O2    1 
HETATM 15  C  "C3'" . LCC A 1 1  ? -20.323 0.724   5.565   1.00 81.18  ? 1   LCC A "C3'" 1 
HETATM 16  C  "C2'" . LCC A 1 1  ? -20.586 2.124   6.118   1.00 73.75  ? 1   LCC A "C2'" 1 
HETATM 17  O  "O2'" . LCC A 1 1  ? -21.792 2.597   5.399   1.00 81.89  ? 1   LCC A "O2'" 1 
HETATM 18  O  "O3'" . LCC A 1 1  ? -20.074 0.522   4.096   1.00 90.02  ? 1   LCC A "O3'" 1 
HETATM 19  C  "C6'" . LCC A 1 1  ? -22.704 1.435   5.347   1.00 78.12  ? 1   LCC A "C6'" 1 
HETATM 20  O  "O5'" . LCC A 1 2  ? -18.248 1.961   3.081   1.00 68.81  ? 2   LCC A "O5'" 1 
HETATM 21  C  "C5'" . LCC A 1 2  ? -19.196 2.919   2.521   1.00 66.85  ? 2   LCC A "C5'" 1 
HETATM 22  C  "C4'" . LCC A 1 2  ? -18.622 4.215   3.028   1.00 68.37  ? 2   LCC A "C4'" 1 
HETATM 23  O  "O4'" . LCC A 1 2  ? -18.864 4.358   4.430   1.00 62.20  ? 2   LCC A "O4'" 1 
HETATM 24  C  "C1'" . LCC A 1 2  ? -17.865 5.323   4.866   1.00 65.05  ? 2   LCC A "C1'" 1 
HETATM 25  N  N1    . LCC A 1 2  ? -17.000 4.738   5.887   1.00 59.34  ? 2   LCC A N1    1 
HETATM 26  C  C6    . LCC A 1 2  ? -17.035 3.344   6.134   1.00 63.23  ? 2   LCC A C6    1 
HETATM 27  C  C5    . LCC A 1 2  ? -16.215 2.799   7.110   1.00 64.58  ? 2   LCC A C5    1 
HETATM 28  C  C5M   . LCC A 1 2  ? -16.224 1.414   7.344   1.00 72.56  ? 2   LCC A C5M   1 
HETATM 29  C  C4    . LCC A 1 2  ? -15.397 3.673   7.816   1.00 61.30  ? 2   LCC A C4    1 
HETATM 30  N  N4    . LCC A 1 2  ? -14.609 3.170   8.761   1.00 66.59  ? 2   LCC A N4    1 
HETATM 31  N  N3    . LCC A 1 2  ? -15.384 4.987   7.559   1.00 61.06  ? 2   LCC A N3    1 
HETATM 32  C  C2    . LCC A 1 2  ? -16.176 5.529   6.607   1.00 62.07  ? 2   LCC A C2    1 
HETATM 33  O  O2    . LCC A 1 2  ? -16.117 6.754   6.444   1.00 56.11  ? 2   LCC A O2    1 
HETATM 34  C  "C3'" . LCC A 1 2  ? -17.082 4.309   2.975   1.00 64.10  ? 2   LCC A "C3'" 1 
HETATM 35  C  "C2'" . LCC A 1 2  ? -17.112 5.643   3.589   1.00 64.74  ? 2   LCC A "C2'" 1 
HETATM 36  O  "O2'" . LCC A 1 2  ? -18.002 6.399   2.689   1.00 70.42  ? 2   LCC A "O2'" 1 
HETATM 37  O  "O3'" . LCC A 1 2  ? -16.489 4.292   1.599   1.00 72.97  ? 2   LCC A "O3'" 1 
HETATM 38  C  "C6'" . LCC A 1 2  ? -19.154 5.473   2.316   1.00 70.00  ? 2   LCC A "C6'" 1 
HETATM 39  P  P     . LCC A 1 2  ? -18.567 0.404   3.529   1.00 80.54  ? 2   LCC A P     1 
HETATM 40  O  O1P   . LCC A 1 2  ? -17.487 -0.163  4.397   1.00 74.72  ? 2   LCC A O1P   1 
HETATM 41  O  O2P   . LCC A 1 2  ? -19.049 -0.427  2.417   1.00 64.27  ? 2   LCC A O2P   1 
HETATM 42  O  "O5'" . LCC A 1 3  ? -14.115 5.278   1.449   1.00 55.24  ? 3   LCC A "O5'" 1 
HETATM 43  C  "C5'" . LCC A 1 3  ? -14.662 6.606   1.216   1.00 64.76  ? 3   LCC A "C5'" 1 
HETATM 44  C  "C4'" . LCC A 1 3  ? -13.752 7.553   2.018   1.00 61.19  ? 3   LCC A "C4'" 1 
HETATM 45  O  "O4'" . LCC A 1 3  ? -14.144 7.615   3.384   1.00 62.46  ? 3   LCC A "O4'" 1 
HETATM 46  C  "C1'" . LCC A 1 3  ? -12.898 8.077   4.034   1.00 61.29  ? 3   LCC A "C1'" 1 
HETATM 47  N  N1    . LCC A 1 3  ? -12.425 7.084   4.990   1.00 57.34  ? 3   LCC A N1    1 
HETATM 48  C  C6    . LCC A 1 3  ? -12.867 5.742   4.923   1.00 57.24  ? 3   LCC A C6    1 
HETATM 49  C  C5    . LCC A 1 3  ? -12.388 4.846   5.888   1.00 57.58  ? 3   LCC A C5    1 
HETATM 50  C  C5M   . LCC A 1 3  ? -12.796 3.498   5.806   1.00 49.87  ? 3   LCC A C5M   1 
HETATM 51  C  C4    . LCC A 1 3  ? -11.507 5.361   6.879   1.00 61.84  ? 3   LCC A C4    1 
HETATM 52  N  N4    . LCC A 1 3  ? -11.038 4.554   7.824   1.00 68.85  ? 3   LCC A N4    1 
HETATM 53  N  N3    . LCC A 1 3  ? -11.123 6.640   6.896   1.00 56.45  ? 3   LCC A N3    1 
HETATM 54  C  C2    . LCC A 1 3  ? -11.574 7.485   5.953   1.00 56.54  ? 3   LCC A C2    1 
HETATM 55  O  O2    . LCC A 1 3  ? -11.169 8.638   5.990   1.00 52.83  ? 3   LCC A O2    1 
HETATM 56  C  "C3'" . LCC A 1 3  ? -12.261 7.162   2.040   1.00 57.84  ? 3   LCC A "C3'" 1 
HETATM 57  C  "C2'" . LCC A 1 3  ? -11.940 8.339   2.917   1.00 60.31  ? 3   LCC A "C2'" 1 
HETATM 58  O  "O2'" . LCC A 1 3  ? -12.461 9.491   2.232   1.00 58.45  ? 3   LCC A "O2'" 1 
HETATM 59  O  "O3'" . LCC A 1 3  ? -11.759 7.275   0.676   1.00 56.96  ? 3   LCC A "O3'" 1 
HETATM 60  C  "C6'" . LCC A 1 3  ? -13.694 8.970   1.472   1.00 52.71  ? 3   LCC A "C6'" 1 
HETATM 61  P  P     . LCC A 1 3  ? -14.889 3.872   1.343   1.00 62.21  ? 3   LCC A P     1 
HETATM 62  O  O1P   . LCC A 1 3  ? -14.193 2.888   2.215   1.00 57.95  ? 3   LCC A O1P   1 
HETATM 63  O  O2P   . LCC A 1 3  ? -15.105 3.530   -0.071  1.00 63.69  ? 3   LCC A O2P   1 
HETATM 64  P  P     . LCG A 1 4  ? -10.397 6.548   0.162   1.00 59.40  ? 4   LCG A P     1 
HETATM 65  O  OP1   . LCG A 1 4  ? -10.317 6.810   -1.333  1.00 51.14  ? 4   LCG A OP1   1 
HETATM 66  O  "O5'" . LCG A 1 4  ? -9.230  7.351   0.997   1.00 53.19  ? 4   LCG A "O5'" 1 
HETATM 67  C  "C5'" . LCG A 1 4  ? -8.872  8.708   0.807   1.00 45.67  ? 4   LCG A "C5'" 1 
HETATM 68  C  "C3'" . LCG A 1 4  ? -6.768  8.143   2.174   1.00 47.35  ? 4   LCG A "C3'" 1 
HETATM 69  C  "C6'" . LCG A 1 4  ? -7.491  10.511  2.044   1.00 42.80  ? 4   LCG A "C6'" 1 
HETATM 70  N  N9    . LCG A 1 4  ? -7.886  7.612   4.856   1.00 54.82  ? 4   LCG A N9    1 
HETATM 71  C  C8    . LCG A 1 4  ? -8.625  6.562   4.497   1.00 53.01  ? 4   LCG A C8    1 
HETATM 72  C  C4    . LCG A 1 4  ? -7.204  7.354   5.952   1.00 52.11  ? 4   LCG A C4    1 
HETATM 73  N  N7    . LCG A 1 4  ? -8.394  5.607   5.399   1.00 52.03  ? 4   LCG A N7    1 
HETATM 74  C  C5    . LCG A 1 4  ? -7.534  6.100   6.294   1.00 50.64  ? 4   LCG A C5    1 
HETATM 75  C  C6    . LCG A 1 4  ? -7.018  5.550   7.378   1.00 49.40  ? 4   LCG A C6    1 
HETATM 76  C  "C2'" . LCG A 1 4  ? -6.414  8.915   3.445   1.00 49.48  ? 4   LCG A "C2'" 1 
HETATM 77  O  O6    . LCG A 1 4  ? -7.304  4.398   7.711   1.00 44.86  ? 4   LCG A O6    1 
HETATM 78  C  "C4'" . LCG A 1 4  ? -8.025  9.052   2.001   1.00 46.32  ? 4   LCG A "C4'" 1 
HETATM 79  C  "C1'" . LCG A 1 4  ? -7.729  8.858   4.226   1.00 53.32  ? 4   LCG A "C1'" 1 
HETATM 80  C  C2    . LCG A 1 4  ? -5.773  7.572   7.752   1.00 57.36  ? 4   LCG A C2    1 
HETATM 81  N  N1    . LCG A 1 4  ? -6.136  6.287   8.141   1.00 48.75  ? 4   LCG A N1    1 
HETATM 82  O  "O4'" . LCG A 1 4  ? -8.767  8.874   3.198   1.00 53.92  ? 4   LCG A "O4'" 1 
HETATM 83  O  OP2   . LCG A 1 4  ? -10.420 5.162   0.644   1.00 61.59  ? 4   LCG A OP2   1 
HETATM 84  N  N2    . LCG A 1 4  ? -4.893  8.221   8.534   1.00 63.22  ? 4   LCG A N2    1 
HETATM 85  N  N3    . LCG A 1 4  ? -6.305  8.097   6.622   1.00 50.19  ? 4   LCG A N3    1 
HETATM 86  O  "O2'" . LCG A 1 4  ? -6.263  10.279  3.036   1.00 45.38  ? 4   LCG A "O2'" 1 
HETATM 87  O  "O3'" . LCG A 1 4  ? -5.830  8.295   1.021   1.00 46.44  ? 4   LCG A "O3'" 1 
ATOM   88  P  P     . A   A 1 5  ? -4.828  7.122   0.572   1.00 48.67  ? 5   A   A P     1 
ATOM   89  O  OP1   . A   A 1 5  ? -4.318  7.468   -0.777  1.00 52.22  ? 5   A   A OP1   1 
ATOM   90  O  OP2   . A   A 1 5  ? -5.518  5.835   0.760   1.00 43.85  ? 5   A   A OP2   1 
ATOM   91  O  "O5'" . A   A 1 5  ? -3.598  7.350   1.562   1.00 49.76  ? 5   A   A "O5'" 1 
ATOM   92  C  "C5'" . A   A 1 5  ? -3.021  8.662   1.738   1.00 47.39  ? 5   A   A "C5'" 1 
ATOM   93  C  "C4'" . A   A 1 5  ? -2.137  8.704   2.979   1.00 53.07  ? 5   A   A "C4'" 1 
ATOM   94  O  "O4'" . A   A 1 5  ? -2.955  8.638   4.192   1.00 50.91  ? 5   A   A "O4'" 1 
ATOM   95  C  "C3'" . A   A 1 5  ? -1.129  7.559   3.137   1.00 48.01  ? 5   A   A "C3'" 1 
ATOM   96  O  "O3'" . A   A 1 5  ? 0.002   7.775   2.300   1.00 47.88  ? 5   A   A "O3'" 1 
ATOM   97  C  "C2'" . A   A 1 5  ? -0.886  7.590   4.637   1.00 49.25  ? 5   A   A "C2'" 1 
ATOM   98  O  "O2'" . A   A 1 5  ? -0.088  8.661   5.113   1.00 42.97  ? 5   A   A "O2'" 1 
ATOM   99  C  "C1'" . A   A 1 5  ? -2.308  7.826   5.155   1.00 53.43  ? 5   A   A "C1'" 1 
ATOM   100 N  N9    . A   A 1 5  ? -3.067  6.592   5.340   1.00 56.75  ? 5   A   A N9    1 
ATOM   101 C  C8    . A   A 1 5  ? -3.989  5.984   4.519   1.00 60.89  ? 5   A   A C8    1 
ATOM   102 N  N7    . A   A 1 5  ? -4.473  4.865   5.006   1.00 56.21  ? 5   A   A N7    1 
ATOM   103 C  C5    . A   A 1 5  ? -3.835  4.732   6.231   1.00 58.19  ? 5   A   A C5    1 
ATOM   104 C  C6    . A   A 1 5  ? -3.901  3.745   7.231   1.00 51.87  ? 5   A   A C6    1 
ATOM   105 N  N6    . A   A 1 5  ? -4.681  2.669   7.159   1.00 42.31  ? 5   A   A N6    1 
ATOM   106 N  N1    . A   A 1 5  ? -3.101  3.891   8.307   1.00 56.98  ? 5   A   A N1    1 
ATOM   107 C  C2    . A   A 1 5  ? -2.305  4.966   8.377   1.00 52.61  ? 5   A   A C2    1 
ATOM   108 N  N3    . A   A 1 5  ? -2.154  5.957   7.505   1.00 56.04  ? 5   A   A N3    1 
ATOM   109 C  C4    . A   A 1 5  ? -2.961  5.783   6.445   1.00 54.90  ? 5   A   A C4    1 
ATOM   110 P  P     . C   A 1 6  ? 0.919   6.530   1.766   1.00 50.80  ? 6   C   A P     1 
ATOM   111 O  OP1   . C   A 1 6  ? 1.942   7.093   0.871   1.00 58.12  ? 6   C   A OP1   1 
ATOM   112 O  OP2   . C   A 1 6  ? 0.004   5.461   1.226   1.00 45.96  ? 6   C   A OP2   1 
ATOM   113 O  "O5'" . C   A 1 6  ? 1.680   6.029   3.075   1.00 50.49  ? 6   C   A "O5'" 1 
ATOM   114 C  "C5'" . C   A 1 6  ? 2.338   6.934   3.991   1.00 45.88  ? 6   C   A "C5'" 1 
ATOM   115 C  "C4'" . C   A 1 6  ? 2.667   6.255   5.303   1.00 45.59  ? 6   C   A "C4'" 1 
ATOM   116 O  "O4'" . C   A 1 6  ? 1.494   6.121   6.135   1.00 49.80  ? 6   C   A "O4'" 1 
ATOM   117 C  "C3'" . C   A 1 6  ? 3.210   4.844   5.240   1.00 46.07  ? 6   C   A "C3'" 1 
ATOM   118 O  "O3'" . C   A 1 6  ? 4.599   4.873   5.041   1.00 49.27  ? 6   C   A "O3'" 1 
ATOM   119 C  "C2'" . C   A 1 6  ? 2.951   4.362   6.647   1.00 49.73  ? 6   C   A "C2'" 1 
ATOM   120 O  "O2'" . C   A 1 6  ? 3.809   4.929   7.576   1.00 54.72  ? 6   C   A "O2'" 1 
ATOM   121 C  "C1'" . C   A 1 6  ? 1.566   4.924   6.884   1.00 49.51  ? 6   C   A "C1'" 1 
ATOM   122 N  N1    . C   A 1 6  ? 0.522   4.019   6.380   1.00 55.13  ? 6   C   A N1    1 
ATOM   123 C  C2    . C   A 1 6  ? 0.063   2.998   7.211   1.00 57.76  ? 6   C   A C2    1 
ATOM   124 O  O2    . C   A 1 6  ? 0.535   2.902   8.352   1.00 55.67  ? 6   C   A O2    1 
ATOM   125 N  N3    . C   A 1 6  ? -0.921  2.177   6.767   1.00 58.09  ? 6   C   A N3    1 
ATOM   126 C  C4    . C   A 1 6  ? -1.436  2.354   5.547   1.00 55.31  ? 6   C   A C4    1 
ATOM   127 N  N4    . C   A 1 6  ? -2.392  1.518   5.137   1.00 49.27  ? 6   C   A N4    1 
ATOM   128 C  C5    . C   A 1 6  ? -0.967  3.375   4.673   1.00 52.48  ? 6   C   A C5    1 
ATOM   129 C  C6    . C   A 1 6  ? 0.028   4.151   5.112   1.00 50.32  ? 6   C   A C6    1 
ATOM   130 P  P     . U   A 1 7  ? 5.328   3.612   4.429   1.00 52.95  ? 7   U   A P     1 
ATOM   131 O  OP1   . U   A 1 7  ? 6.702   3.978   4.097   1.00 44.36  ? 7   U   A OP1   1 
ATOM   132 O  OP2   . U   A 1 7  ? 4.459   3.068   3.371   1.00 42.93  ? 7   U   A OP2   1 
ATOM   133 O  "O5'" . U   A 1 7  ? 5.275   2.573   5.641   1.00 54.01  ? 7   U   A "O5'" 1 
ATOM   134 C  "C5'" . U   A 1 7  ? 5.981   2.776   6.875   1.00 53.67  ? 7   U   A "C5'" 1 
ATOM   135 C  "C4'" . U   A 1 7  ? 5.789   1.565   7.755   1.00 52.34  ? 7   U   A "C4'" 1 
ATOM   136 O  "O4'" . U   A 1 7  ? 4.389   1.453   8.134   1.00 50.45  ? 7   U   A "O4'" 1 
ATOM   137 C  "C3'" . U   A 1 7  ? 6.105   0.219   7.103   1.00 51.67  ? 7   U   A "C3'" 1 
ATOM   138 O  "O3'" . U   A 1 7  ? 7.497   -0.099  7.103   1.00 50.52  ? 7   U   A "O3'" 1 
ATOM   139 C  "C2'" . U   A 1 7  ? 5.310   -0.727  7.979   1.00 50.45  ? 7   U   A "C2'" 1 
ATOM   140 O  "O2'" . U   A 1 7  ? 5.930   -0.990  9.216   1.00 52.21  ? 7   U   A "O2'" 1 
ATOM   141 C  "C1'" . U   A 1 7  ? 4.029   0.081   8.189   1.00 48.98  ? 7   U   A "C1'" 1 
ATOM   142 N  N1    . U   A 1 7  ? 2.956   -0.160  7.209   1.00 48.65  ? 7   U   A N1    1 
ATOM   143 C  C2    . U   A 1 7  ? 2.106   -1.230  7.453   1.00 51.55  ? 7   U   A C2    1 
ATOM   144 O  O2    . U   A 1 7  ? 2.275   -2.007  8.379   1.00 47.40  ? 7   U   A O2    1 
ATOM   145 N  N3    . U   A 1 7  ? 1.072   -1.369  6.553   1.00 43.24  ? 7   U   A N3    1 
ATOM   146 C  C4    . U   A 1 7  ? 0.806   -0.568  5.456   1.00 47.89  ? 7   U   A C4    1 
ATOM   147 O  O4    . U   A 1 7  ? -0.172  -0.811  4.748   1.00 42.50  ? 7   U   A O4    1 
ATOM   148 C  C5    . U   A 1 7  ? 1.739   0.506   5.263   1.00 48.04  ? 7   U   A C5    1 
ATOM   149 C  C6    . U   A 1 7  ? 2.750   0.675   6.129   1.00 48.91  ? 7   U   A C6    1 
ATOM   150 P  P     . U   A 1 8  ? 8.105   -0.997  5.940   1.00 48.75  ? 8   U   A P     1 
ATOM   151 O  OP1   . U   A 1 8  ? 9.571   -1.081  6.096   1.00 50.38  ? 8   U   A OP1   1 
ATOM   152 O  OP2   . U   A 1 8  ? 7.512   -0.621  4.670   1.00 46.57  ? 8   U   A OP2   1 
ATOM   153 O  "O5'" . U   A 1 8  ? 7.508   -2.437  6.236   1.00 51.18  ? 8   U   A "O5'" 1 
ATOM   154 C  "C5'" . U   A 1 8  ? 8.184   -3.311  7.112   1.00 48.62  ? 8   U   A "C5'" 1 
ATOM   155 C  "C4'" . U   A 1 8  ? 7.371   -4.562  7.250   1.00 49.04  ? 8   U   A "C4'" 1 
ATOM   156 O  "O4'" . U   A 1 8  ? 6.003   -4.220  7.565   1.00 45.66  ? 8   U   A "O4'" 1 
ATOM   157 C  "C3'" . U   A 1 8  ? 7.214   -5.388  5.991   1.00 44.71  ? 8   U   A "C3'" 1 
ATOM   158 O  "O3'" . U   A 1 8  ? 8.451   -6.015  5.705   1.00 40.55  ? 8   U   A "O3'" 1 
ATOM   159 C  "C2'" . U   A 1 8  ? 6.058   -6.267  6.400   1.00 44.45  ? 8   U   A "C2'" 1 
ATOM   160 O  "O2'" . U   A 1 8  ? 6.405   -7.272  7.320   1.00 47.63  ? 8   U   A "O2'" 1 
ATOM   161 C  "C1'" . U   A 1 8  ? 5.153   -5.244  7.093   1.00 45.33  ? 8   U   A "C1'" 1 
ATOM   162 N  N1    . U   A 1 8  ? 4.175   -4.650  6.176   1.00 42.62  ? 8   U   A N1    1 
ATOM   163 C  C2    . U   A 1 8  ? 3.107   -5.440  5.798   1.00 47.22  ? 8   U   A C2    1 
ATOM   164 O  O2    . U   A 1 8  ? 2.940   -6.569  6.230   1.00 46.10  ? 8   U   A O2    1 
ATOM   165 N  N3    . U   A 1 8  ? 2.236   -4.848  4.913   1.00 44.31  ? 8   U   A N3    1 
ATOM   166 C  C4    . U   A 1 8  ? 2.352   -3.594  4.338   1.00 47.43  ? 8   U   A C4    1 
ATOM   167 O  O4    . U   A 1 8  ? 1.499   -3.208  3.536   1.00 45.38  ? 8   U   A O4    1 
ATOM   168 C  C5    . U   A 1 8  ? 3.505   -2.857  4.753   1.00 46.25  ? 8   U   A C5    1 
ATOM   169 C  C6    . U   A 1 8  ? 4.357   -3.396  5.634   1.00 45.97  ? 8   U   A C6    1 
ATOM   170 P  P     . A   A 1 9  ? 8.953   -6.213  4.196   1.00 43.82  ? 9   A   A P     1 
ATOM   171 O  OP1   . A   A 1 9  ? 10.313  -6.796  4.235   1.00 41.58  ? 9   A   A OP1   1 
ATOM   172 O  OP2   . A   A 1 9  ? 8.666   -5.024  3.385   1.00 48.03  ? 9   A   A OP2   1 
ATOM   173 O  "O5'" . A   A 1 9  ? 7.977   -7.359  3.661   1.00 44.95  ? 9   A   A "O5'" 1 
ATOM   174 C  "C5'" . A   A 1 9  ? 8.007   -8.624  4.312   1.00 43.70  ? 9   A   A "C5'" 1 
ATOM   175 C  "C4'" . A   A 1 9  ? 6.841   -9.480  3.903   1.00 46.77  ? 9   A   A "C4'" 1 
ATOM   176 O  "O4'" . A   A 1 9  ? 5.607   -8.889  4.393   1.00 38.39  ? 9   A   A "O4'" 1 
ATOM   177 C  "C3'" . A   A 1 9  ? 6.605   -9.683  2.406   1.00 42.45  ? 9   A   A "C3'" 1 
ATOM   178 O  "O3'" . A   A 1 9  ? 7.286   -10.777 1.830   1.00 45.69  ? 9   A   A "O3'" 1 
ATOM   179 C  "C2'" . A   A 1 9  ? 5.147   -10.095 2.400   1.00 44.69  ? 9   A   A "C2'" 1 
ATOM   180 O  "O2'" . A   A 1 9  ? 4.893   -11.394 2.855   1.00 44.37  ? 9   A   A "O2'" 1 
ATOM   181 C  "C1'" . A   A 1 9  ? 4.579   -9.147  3.447   1.00 42.44  ? 9   A   A "C1'" 1 
ATOM   182 N  N9    . A   A 1 9  ? 4.156   -7.883  2.866   1.00 46.85  ? 9   A   A N9    1 
ATOM   183 C  C8    . A   A 1 9  ? 4.781   -6.654  2.850   1.00 49.13  ? 9   A   A C8    1 
ATOM   184 N  N7    . A   A 1 9  ? 4.079   -5.715  2.263   1.00 48.40  ? 9   A   A N7    1 
ATOM   185 C  C5    . A   A 1 9  ? 2.910   -6.364  1.881   1.00 47.70  ? 9   A   A C5    1 
ATOM   186 C  C6    . A   A 1 9  ? 1.745   -5.913  1.244   1.00 41.69  ? 9   A   A C6    1 
ATOM   187 N  N6    . A   A 1 9  ? 1.574   -4.662  0.816   1.00 41.88  ? 9   A   A N6    1 
ATOM   188 N  N1    . A   A 1 9  ? 0.788   -6.825  0.970   1.00 42.69  ? 9   A   A N1    1 
ATOM   189 C  C2    . A   A 1 9  ? 0.978   -8.092  1.360   1.00 46.63  ? 9   A   A C2    1 
ATOM   190 N  N3    . A   A 1 9  ? 2.013   -8.628  1.995   1.00 46.91  ? 9   A   A N3    1 
ATOM   191 C  C4    . A   A 1 9  ? 2.951   -7.699  2.239   1.00 44.24  ? 9   A   A C4    1 
ATOM   192 P  P     . A   A 1 10 ? 7.875   -10.708 0.301   1.00 44.63  ? 10  A   A P     1 
ATOM   193 O  OP1   . A   A 1 10 ? 8.986   -11.664 0.219   1.00 37.98  ? 10  A   A OP1   1 
ATOM   194 O  OP2   . A   A 1 10 ? 8.097   -9.301  -0.050  1.00 39.32  ? 10  A   A OP2   1 
ATOM   195 O  "O5'" . A   A 1 10 ? 6.642   -11.176 -0.586  1.00 38.99  ? 10  A   A "O5'" 1 
ATOM   196 C  "C5'" . A   A 1 10 ? 6.085   -12.477 -0.449  1.00 40.72  ? 10  A   A "C5'" 1 
ATOM   197 C  "C4'" . A   A 1 10 ? 4.742   -12.537 -1.143  1.00 43.23  ? 10  A   A "C4'" 1 
ATOM   198 O  "O4'" . A   A 1 10 ? 3.753   -11.703 -0.460  1.00 41.00  ? 10  A   A "O4'" 1 
ATOM   199 C  "C3'" . A   A 1 10 ? 4.671   -12.036 -2.577  1.00 38.27  ? 10  A   A "C3'" 1 
ATOM   200 O  "O3'" . A   A 1 10 ? 5.167   -12.994 -3.467  1.00 48.80  ? 10  A   A "O3'" 1 
ATOM   201 C  "C2'" . A   A 1 10 ? 3.165   -11.870 -2.740  1.00 44.52  ? 10  A   A "C2'" 1 
ATOM   202 O  "O2'" . A   A 1 10 ? 2.485   -13.087 -2.915  1.00 41.02  ? 10  A   A "O2'" 1 
ATOM   203 C  "C1'" . A   A 1 10 ? 2.807   -11.229 -1.395  1.00 39.39  ? 10  A   A "C1'" 1 
ATOM   204 N  N9    . A   A 1 10 ? 2.962   -9.790  -1.457  1.00 43.86  ? 10  A   A N9    1 
ATOM   205 C  C8    . A   A 1 10 ? 4.039   -9.036  -1.056  1.00 46.47  ? 10  A   A C8    1 
ATOM   206 N  N7    . A   A 1 10 ? 3.900   -7.755  -1.293  1.00 46.16  ? 10  A   A N7    1 
ATOM   207 C  C5    . A   A 1 10 ? 2.671   -7.664  -1.931  1.00 47.48  ? 10  A   A C5    1 
ATOM   208 C  C6    . A   A 1 10 ? 1.944   -6.577  -2.429  1.00 49.89  ? 10  A   A C6    1 
ATOM   209 N  N6    . A   A 1 10 ? 2.374   -5.317  -2.377  1.00 51.24  ? 10  A   A N6    1 
ATOM   210 N  N1    . A   A 1 10 ? 0.763   -6.834  -3.032  1.00 50.66  ? 10  A   A N1    1 
ATOM   211 C  C2    . A   A 1 10 ? 0.343   -8.102  -3.109  1.00 42.20  ? 10  A   A C2    1 
ATOM   212 N  N3    . A   A 1 10 ? 0.925   -9.204  -2.659  1.00 49.92  ? 10  A   A N3    1 
ATOM   213 C  C4    . A   A 1 10 ? 2.098   -8.915  -2.069  1.00 49.71  ? 10  A   A C4    1 
ATOM   214 P  P     . G   A 1 11 ? 5.795   -12.541 -4.880  1.00 49.71  ? 11  G   A P     1 
ATOM   215 O  OP1   . G   A 1 11 ? 6.457   -13.706 -5.464  1.00 50.93  ? 11  G   A OP1   1 
ATOM   216 O  OP2   . G   A 1 11 ? 6.545   -11.284 -4.676  1.00 45.82  ? 11  G   A OP2   1 
ATOM   217 O  "O5'" . G   A 1 11 ? 4.532   -12.174 -5.768  1.00 47.21  ? 11  G   A "O5'" 1 
ATOM   218 C  "C5'" . G   A 1 11 ? 3.563   -13.163 -6.116  1.00 53.48  ? 11  G   A "C5'" 1 
ATOM   219 C  "C4'" . G   A 1 11 ? 2.414   -12.493 -6.813  1.00 54.38  ? 11  G   A "C4'" 1 
ATOM   220 O  "O4'" . G   A 1 11 ? 1.789   -11.521 -5.926  1.00 50.40  ? 11  G   A "O4'" 1 
ATOM   221 C  "C3'" . G   A 1 11 ? 2.803   -11.654 -8.019  1.00 56.91  ? 11  G   A "C3'" 1 
ATOM   222 O  "O3'" . G   A 1 11 ? 3.189   -12.466 -9.124  1.00 52.85  ? 11  G   A "O3'" 1 
ATOM   223 C  "C2'" . G   A 1 11 ? 1.572   -10.779 -8.145  1.00 52.13  ? 11  G   A "C2'" 1 
ATOM   224 O  "O2'" . G   A 1 11 ? 0.378   -11.424 -8.560  1.00 53.09  ? 11  G   A "O2'" 1 
ATOM   225 C  "C1'" . G   A 1 11 ? 1.378   -10.402 -6.686  1.00 53.26  ? 11  G   A "C1'" 1 
ATOM   226 N  N9    . G   A 1 11 ? 2.133   -9.221  -6.281  1.00 51.36  ? 11  G   A N9    1 
ATOM   227 C  C8    . G   A 1 11 ? 3.324   -9.139  -5.600  1.00 40.83  ? 11  G   A C8    1 
ATOM   228 N  N7    . G   A 1 11 ? 3.705   -7.908  -5.386  1.00 43.53  ? 11  G   A N7    1 
ATOM   229 C  C5    . G   A 1 11 ? 2.689   -7.133  -5.930  1.00 49.62  ? 11  G   A C5    1 
ATOM   230 C  C6    . G   A 1 11 ? 2.528   -5.718  -5.978  1.00 48.77  ? 11  G   A C6    1 
ATOM   231 O  O6    . G   A 1 11 ? 3.284   -4.838  -5.553  1.00 41.34  ? 11  G   A O6    1 
ATOM   232 N  N1    . G   A 1 11 ? 1.365   -5.361  -6.651  1.00 51.15  ? 11  G   A N1    1 
ATOM   233 C  C2    . G   A 1 11 ? 0.452   -6.245  -7.172  1.00 54.00  ? 11  G   A C2    1 
ATOM   234 N  N2    . G   A 1 11 ? -0.624  -5.711  -7.756  1.00 51.93  ? 11  G   A N2    1 
ATOM   235 N  N3    . G   A 1 11 ? 0.593   -7.559  -7.137  1.00 53.36  ? 11  G   A N3    1 
ATOM   236 C  C4    . G   A 1 11 ? 1.717   -7.930  -6.492  1.00 51.37  ? 11  G   A C4    1 
ATOM   237 P  P     . U   A 1 12 ? 3.957   -11.808 -10.344 1.00 56.39  ? 12  U   A P     1 
ATOM   238 O  OP1   . U   A 1 12 ? 4.090   -12.821 -11.430 1.00 60.90  ? 12  U   A OP1   1 
ATOM   239 O  OP2   . U   A 1 12 ? 5.189   -11.172 -9.846  1.00 46.06  ? 12  U   A OP2   1 
ATOM   240 O  "O5'" . U   A 1 12 ? 2.917   -10.697 -10.815 1.00 54.07  ? 12  U   A "O5'" 1 
ATOM   241 C  "C5'" . U   A 1 12 ? 1.817   -11.003 -11.693 1.00 57.23  ? 12  U   A "C5'" 1 
ATOM   242 C  "C4'" . U   A 1 12 ? 1.079   -9.733  -12.089 1.00 55.75  ? 12  U   A "C4'" 1 
ATOM   243 O  "O4'" . U   A 1 12 ? 0.732   -8.947  -10.911 1.00 51.11  ? 12  U   A "O4'" 1 
ATOM   244 C  "C3'" . U   A 1 12 ? 1.859   -8.745  -12.947 1.00 50.46  ? 12  U   A "C3'" 1 
ATOM   245 O  "O3'" . U   A 1 12 ? 1.950   -9.090  -14.316 1.00 55.25  ? 12  U   A "O3'" 1 
ATOM   246 C  "C2'" . U   A 1 12 ? 1.056   -7.478  -12.741 1.00 50.68  ? 12  U   A "C2'" 1 
ATOM   247 O  "O2'" . U   A 1 12 ? -0.197  -7.532  -13.394 1.00 55.31  ? 12  U   A "O2'" 1 
ATOM   248 C  "C1'" . U   A 1 12 ? 0.795   -7.558  -11.238 1.00 54.27  ? 12  U   A "C1'" 1 
ATOM   249 N  N1    . U   A 1 12 ? 1.854   -6.914  -10.451 1.00 49.84  ? 12  U   A N1    1 
ATOM   250 C  C2    . U   A 1 12 ? 1.821   -5.532  -10.366 1.00 57.34  ? 12  U   A C2    1 
ATOM   251 O  O2    . U   A 1 12 ? 0.955   -4.854  -10.891 1.00 62.58  ? 12  U   A O2    1 
ATOM   252 N  N3    . U   A 1 12 ? 2.838   -4.972  -9.635  1.00 55.39  ? 12  U   A N3    1 
ATOM   253 C  C4    . U   A 1 12 ? 3.877   -5.625  -9.013  1.00 55.54  ? 12  U   A C4    1 
ATOM   254 O  O4    . U   A 1 12 ? 4.712   -4.969  -8.385  1.00 51.04  ? 12  U   A O4    1 
ATOM   255 C  C5    . U   A 1 12 ? 3.893   -7.043  -9.211  1.00 50.30  ? 12  U   A C5    1 
ATOM   256 C  C6    . U   A 1 12 ? 2.905   -7.626  -9.909  1.00 50.06  ? 12  U   A C6    1 
ATOM   257 P  P     . C   A 1 13 ? 3.301   -8.795  -15.105 1.00 56.42  ? 13  C   A P     1 
ATOM   258 O  OP1   . C   A 1 13 ? 3.328   -9.634  -16.306 1.00 65.34  ? 13  C   A OP1   1 
ATOM   259 O  OP2   . C   A 1 13 ? 4.431   -8.836  -14.151 1.00 65.65  ? 13  C   A OP2   1 
ATOM   260 O  "O5'" . C   A 1 13 ? 3.185   -7.262  -15.523 1.00 56.58  ? 13  C   A "O5'" 1 
ATOM   261 C  "C5'" . C   A 1 13 ? 1.959   -6.736  -16.019 1.00 55.58  ? 13  C   A "C5'" 1 
ATOM   262 C  "C4'" . C   A 1 13 ? 1.927   -5.240  -15.805 1.00 67.08  ? 13  C   A "C4'" 1 
ATOM   263 O  "O4'" . C   A 1 13 ? 1.901   -4.939  -14.384 1.00 65.44  ? 13  C   A "O4'" 1 
ATOM   264 C  "C3'" . C   A 1 13 ? 3.111   -4.404  -16.291 1.00 62.79  ? 13  C   A "C3'" 1 
ATOM   265 O  "O3'" . C   A 1 13 ? 3.158   -4.109  -17.683 1.00 62.30  ? 13  C   A "O3'" 1 
ATOM   266 C  "C2'" . C   A 1 13 ? 2.838   -3.116  -15.549 1.00 56.08  ? 13  C   A "C2'" 1 
ATOM   267 O  "O2'" . C   A 1 13 ? 1.656   -2.503  -16.021 1.00 49.00  ? 13  C   A "O2'" 1 
ATOM   268 C  "C1'" . C   A 1 13 ? 2.479   -3.665  -14.173 1.00 58.37  ? 13  C   A "C1'" 1 
ATOM   269 N  N1    . C   A 1 13 ? 3.620   -3.799  -13.267 1.00 56.48  ? 13  C   A N1    1 
ATOM   270 C  C2    . C   A 1 13 ? 4.047   -2.656  -12.590 1.00 59.24  ? 13  C   A C2    1 
ATOM   271 O  O2    . C   A 1 13 ? 3.480   -1.582  -12.818 1.00 49.94  ? 13  C   A O2    1 
ATOM   272 N  N3    . C   A 1 13 ? 5.076   -2.747  -11.711 1.00 63.43  ? 13  C   A N3    1 
ATOM   273 C  C4    . C   A 1 13 ? 5.658   -3.929  -11.491 1.00 59.65  ? 13  C   A C4    1 
ATOM   274 N  N4    . C   A 1 13 ? 6.666   -3.975  -10.620 1.00 51.13  ? 13  C   A N4    1 
ATOM   275 C  C5    . C   A 1 13 ? 5.243   -5.113  -12.171 1.00 57.15  ? 13  C   A C5    1 
ATOM   276 C  C6    . C   A 1 13 ? 4.227   -5.004  -13.041 1.00 56.15  ? 13  C   A C6    1 
ATOM   277 P  P     . G   A 1 14 ? 4.573   -3.918  -18.443 1.00 64.24  ? 14  G   A P     1 
ATOM   278 O  OP1   . G   A 1 14 ? 4.274   -3.871  -19.903 1.00 59.16  ? 14  G   A OP1   1 
ATOM   279 O  OP2   . G   A 1 14 ? 5.559   -4.866  -17.886 1.00 67.61  ? 14  G   A OP2   1 
ATOM   280 O  "O5'" . G   A 1 14 ? 5.124   -2.505  -17.949 1.00 59.33  ? 14  G   A "O5'" 1 
ATOM   281 C  "C5'" . G   A 1 14 ? 4.490   -1.314  -18.427 1.00 48.43  ? 14  G   A "C5'" 1 
ATOM   282 C  "C4'" . G   A 1 14 ? 4.997   -0.111  -17.693 1.00 51.79  ? 14  G   A "C4'" 1 
ATOM   283 O  "O4'" . G   A 1 14 ? 4.791   -0.300  -16.273 1.00 51.19  ? 14  G   A "O4'" 1 
ATOM   284 C  "C3'" . G   A 1 14 ? 6.477   0.211   -17.764 1.00 51.60  ? 14  G   A "C3'" 1 
ATOM   285 O  "O3'" . G   A 1 14 ? 6.882   0.901   -18.925 1.00 53.68  ? 14  G   A "O3'" 1 
ATOM   286 C  "C2'" . G   A 1 14 ? 6.582   1.178   -16.600 1.00 45.88  ? 14  G   A "C2'" 1 
ATOM   287 O  "O2'" . G   A 1 14 ? 5.920   2.395   -16.861 1.00 43.68  ? 14  G   A "O2'" 1 
ATOM   288 C  "C1'" . G   A 1 14 ? 5.745   0.453   -15.565 1.00 47.22  ? 14  G   A "C1'" 1 
ATOM   289 N  N9    . G   A 1 14 ? 6.540   -0.424  -14.715 1.00 48.40  ? 14  G   A N9    1 
ATOM   290 C  C8    . G   A 1 14 ? 6.610   -1.796  -14.687 1.00 49.36  ? 14  G   A C8    1 
ATOM   291 N  N7    . G   A 1 14 ? 7.467   -2.247  -13.807 1.00 51.70  ? 14  G   A N7    1 
ATOM   292 C  C5    . G   A 1 14 ? 7.950   -1.104  -13.185 1.00 45.23  ? 14  G   A C5    1 
ATOM   293 C  C6    . G   A 1 14 ? 8.890   -0.959  -12.133 1.00 42.67  ? 14  G   A C6    1 
ATOM   294 O  O6    . G   A 1 14 ? 9.489   -1.845  -11.497 1.00 42.20  ? 14  G   A O6    1 
ATOM   295 N  N1    . G   A 1 14 ? 9.123   0.382   -11.845 1.00 41.98  ? 14  G   A N1    1 
ATOM   296 C  C2    . G   A 1 14 ? 8.495   1.449   -12.458 1.00 48.37  ? 14  G   A C2    1 
ATOM   297 N  N2    . G   A 1 14 ? 8.833   2.684   -12.027 1.00 44.13  ? 14  G   A N2    1 
ATOM   298 N  N3    . G   A 1 14 ? 7.594   1.319   -13.411 1.00 43.91  ? 14  G   A N3    1 
ATOM   299 C  C4    . G   A 1 14 ? 7.393   0.027   -13.740 1.00 47.39  ? 14  G   A C4    1 
HETATM 300 O  "O5'" . LCC B 1 1  ? 21.596  -4.717  -3.312  1.00 52.94  ? 1   LCC B "O5'" 1 
HETATM 301 C  "C5'" . LCC B 1 1  ? 22.445  -3.560  -3.103  1.00 50.82  ? 1   LCC B "C5'" 1 
HETATM 302 C  "C4'" . LCC B 1 1  ? 21.963  -2.733  -4.268  1.00 50.66  ? 1   LCC B "C4'" 1 
HETATM 303 O  "O4'" . LCC B 1 1  ? 22.109  -3.451  -5.512  1.00 50.26  ? 1   LCC B "O4'" 1 
HETATM 304 C  "C1'" . LCC B 1 1  ? 21.232  -2.677  -6.462  1.00 57.51  ? 1   LCC B "C1'" 1 
HETATM 305 N  N1    . LCC B 1 1  ? 20.197  -3.456  -7.264  1.00 52.32  ? 1   LCC B N1    1 
HETATM 306 C  C6    . LCC B 1 1  ? 19.849  -4.745  -6.902  1.00 52.54  ? 1   LCC B C6    1 
HETATM 307 C  C5    . LCC B 1 1  ? 18.890  -5.416  -7.673  1.00 60.89  ? 1   LCC B C5    1 
HETATM 308 C  C5M   . LCC B 1 1  ? 18.490  -6.726  -7.296  1.00 50.97  ? 1   LCC B C5M   1 
HETATM 309 C  C4    . LCC B 1 1  ? 18.361  -4.732  -8.789  1.00 55.16  ? 1   LCC B C4    1 
HETATM 310 N  N4    . LCC B 1 1  ? 17.435  -5.321  -9.513  1.00 58.71  ? 1   LCC B N4    1 
HETATM 311 N  N3    . LCC B 1 1  ? 18.713  -3.481  -9.086  1.00 50.21  ? 1   LCC B N3    1 
HETATM 312 C  C2    . LCC B 1 1  ? 19.627  -2.858  -8.339  1.00 52.24  ? 1   LCC B C2    1 
HETATM 313 O  O2    . LCC B 1 1  ? 19.954  -1.717  -8.672  1.00 54.97  ? 1   LCC B O2    1 
HETATM 314 C  "C3'" . LCC B 1 1  ? 20.480  -2.360  -4.210  1.00 55.74  ? 1   LCC B "C3'" 1 
HETATM 315 C  "C2'" . LCC B 1 1  ? 20.577  -1.624  -5.530  1.00 49.64  ? 1   LCC B "C2'" 1 
HETATM 316 O  "O2'" . LCC B 1 1  ? 21.520  -0.651  -5.094  1.00 51.00  ? 1   LCC B "O2'" 1 
HETATM 317 O  "O3'" . LCC B 1 1  ? 20.111  -1.505  -2.971  1.00 57.48  ? 1   LCC B "O3'" 1 
HETATM 318 C  "C6'" . LCC B 1 1  ? 22.613  -1.404  -4.348  1.00 46.87  ? 1   LCC B "C6'" 1 
HETATM 319 O  "O5'" . LCC B 1 2  ? 18.212  -0.070  -3.616  1.00 48.66  ? 2   LCC B "O5'" 1 
HETATM 320 C  "C5'" . LCC B 1 2  ? 18.912  1.169   -3.766  1.00 50.64  ? 2   LCC B "C5'" 1 
HETATM 321 C  "C4'" . LCC B 1 2  ? 18.238  1.781   -4.994  1.00 54.62  ? 2   LCC B "C4'" 1 
HETATM 322 O  "O4'" . LCC B 1 2  ? 18.444  1.011   -6.166  1.00 51.13  ? 2   LCC B "O4'" 1 
HETATM 323 C  "C1'" . LCC B 1 2  ? 17.380  1.420   -7.064  1.00 51.94  ? 2   LCC B "C1'" 1 
HETATM 324 N  N1    . LCC B 1 2  ? 16.588  0.239   -7.539  1.00 51.40  ? 2   LCC B N1    1 
HETATM 325 C  C6    . LCC B 1 2  ? 16.574  -1.015  -6.896  1.00 51.15  ? 2   LCC B C6    1 
HETATM 326 C  C5    . LCC B 1 2  ? 15.847  -2.069  -7.456  1.00 54.38  ? 2   LCC B C5    1 
HETATM 327 C  C5M   . LCC B 1 2  ? 15.824  -3.317  -6.829  1.00 53.40  ? 2   LCC B C5M   1 
HETATM 328 C  C4    . LCC B 1 2  ? 15.194  -1.800  -8.659  1.00 55.10  ? 2   LCC B C4    1 
HETATM 329 N  N4    . LCC B 1 2  ? 14.461  -2.728  -9.267  1.00 55.40  ? 2   LCC B N4    1 
HETATM 330 N  N3    . LCC B 1 2  ? 15.284  -0.606  -9.240  1.00 49.34  ? 2   LCC B N3    1 
HETATM 331 C  C2    . LCC B 1 2  ? 15.936  0.416   -8.685  1.00 52.97  ? 2   LCC B C2    1 
HETATM 332 O  O2    . LCC B 1 2  ? 15.933  1.529   -9.241  1.00 46.46  ? 2   LCC B O2    1 
HETATM 333 C  "C3'" . LCC B 1 2  ? 16.696  1.837   -4.938  1.00 51.58  ? 2   LCC B "C3'" 1 
HETATM 334 C  "C2'" . LCC B 1 2  ? 16.607  2.429   -6.271  1.00 48.09  ? 2   LCC B "C2'" 1 
HETATM 335 O  "O2'" . LCC B 1 2  ? 17.430  3.596   -6.164  1.00 54.51  ? 2   LCC B "O2'" 1 
HETATM 336 O  "O3'" . LCC B 1 2  ? 16.128  2.702   -3.873  1.00 48.49  ? 2   LCC B "O3'" 1 
HETATM 337 C  "C6'" . LCC B 1 2  ? 18.656  3.269   -5.301  1.00 59.14  ? 2   LCC B "C6'" 1 
HETATM 338 P  P     . LCC B 1 2  ? 18.550  -1.193  -2.626  1.00 55.21  ? 2   LCC B P     1 
HETATM 339 O  O1P   . LCC B 1 2  ? 17.682  -2.364  -2.916  1.00 50.24  ? 2   LCC B O1P   1 
HETATM 340 O  O2P   . LCC B 1 2  ? 18.616  -0.657  -1.249  1.00 45.71  ? 2   LCC B O2P   1 
HETATM 341 O  "O5'" . LCC B 1 3  ? 13.896  3.406   -4.718  1.00 41.76  ? 3   LCC B "O5'" 1 
HETATM 342 C  "C5'" . LCC B 1 3  ? 14.171  4.772   -5.084  1.00 45.93  ? 3   LCC B "C5'" 1 
HETATM 343 C  "C4'" . LCC B 1 3  ? 13.356  4.956   -6.347  1.00 48.06  ? 3   LCC B "C4'" 1 
HETATM 344 O  "O4'" . LCC B 1 3  ? 13.679  4.085   -7.412  1.00 45.69  ? 3   LCC B "O4'" 1 
HETATM 345 C  "C1'" . LCC B 1 3  ? 12.485  4.113   -8.207  1.00 47.29  ? 3   LCC B "C1'" 1 
HETATM 346 N  N1    . LCC B 1 3  ? 12.011  2.741   -8.343  1.00 47.44  ? 3   LCC B N1    1 
HETATM 347 C  C6    . LCC B 1 3  ? 12.425  1.728   -7.491  1.00 42.87  ? 3   LCC B C6    1 
HETATM 348 C  C5    . LCC B 1 3  ? 11.968  0.429   -7.724  1.00 45.68  ? 3   LCC B C5    1 
HETATM 349 C  C5M   . LCC B 1 3  ? 12.357  -0.585  -6.831  1.00 40.62  ? 3   LCC B C5M   1 
HETATM 350 C  C4    . LCC B 1 3  ? 11.133  0.188   -8.856  1.00 47.74  ? 3   LCC B C4    1 
HETATM 351 N  N4    . LCC B 1 3  ? 10.653  -1.056  -9.111  1.00 43.44  ? 3   LCC B N4    1 
HETATM 352 N  N3    . LCC B 1 3  ? 10.757  1.211   -9.651  1.00 50.13  ? 3   LCC B N3    1 
HETATM 353 C  C2    . LCC B 1 3  ? 11.206  2.454   -9.406  1.00 51.23  ? 3   LCC B C2    1 
HETATM 354 O  O2    . LCC B 1 3  ? 10.852  3.331   -10.175 1.00 51.78  ? 3   LCC B O2    1 
HETATM 355 C  "C3'" . LCC B 1 3  ? 11.912  4.704   -6.163  1.00 42.22  ? 3   LCC B "C3'" 1 
HETATM 356 C  "C2'" . LCC B 1 3  ? 11.551  5.057   -7.530  1.00 42.68  ? 3   LCC B "C2'" 1 
HETATM 357 O  "O2'" . LCC B 1 3  ? 12.079  6.403   -7.694  1.00 43.55  ? 3   LCC B "O2'" 1 
HETATM 358 O  "O3'" . LCC B 1 3  ? 11.295  5.618   -5.282  1.00 45.55  ? 3   LCC B "O3'" 1 
HETATM 359 C  "C6'" . LCC B 1 3  ? 13.410  6.374   -6.955  1.00 49.92  ? 3   LCC B "C6'" 1 
HETATM 360 P  P     . LCC B 1 3  ? 14.540  2.614   -3.492  1.00 49.94  ? 3   LCC B P     1 
HETATM 361 O  O1P   . LCC B 1 3  ? 13.778  1.390   -3.360  1.00 43.25  ? 3   LCC B O1P   1 
HETATM 362 O  O2P   . LCC B 1 3  ? 14.629  3.350   -2.202  1.00 48.14  ? 3   LCC B O2P   1 
HETATM 363 P  P     . LCG B 1 4  ? 9.901   5.252   -4.487  1.00 40.36  ? 4   LCG B P     1 
HETATM 364 O  OP1   . LCG B 1 4  ? 9.650   6.333   -3.519  1.00 50.79  ? 4   LCG B OP1   1 
HETATM 365 O  "O5'" . LCG B 1 4  ? 8.760   5.359   -5.682  1.00 38.65  ? 4   LCG B "O5'" 1 
HETATM 366 C  "C5'" . LCG B 1 4  ? 8.499   6.480   -6.500  1.00 39.92  ? 4   LCG B "C5'" 1 
HETATM 367 C  "C3'" . LCG B 1 4  ? 6.402   5.078   -6.971  1.00 40.24  ? 4   LCG B "C3'" 1 
HETATM 368 C  "C6'" . LCG B 1 4  ? 6.782   6.983   -8.336  1.00 37.19  ? 4   LCG B "C6'" 1 
HETATM 369 N  N9    . LCG B 1 4  ? 7.333   2.910   -8.776  1.00 47.64  ? 4   LCG B N9    1 
HETATM 370 C  C8    . LCG B 1 4  ? 8.192   2.348   -7.919  1.00 46.17  ? 4   LCG B C8    1 
HETATM 371 C  C4    . LCG B 1 4  ? 6.684   1.967   -9.448  1.00 46.41  ? 4   LCG B C4    1 
HETATM 372 N  N7    . LCG B 1 4  ? 8.043   1.025   -8.042  1.00 44.83  ? 4   LCG B N7    1 
HETATM 373 C  C5    . LCG B 1 4  ? 7.149   0.796   -9.008  1.00 45.11  ? 4   LCG B C5    1 
HETATM 374 C  C6    . LCG B 1 4  ? 6.678   -0.337  -9.481  1.00 44.15  ? 4   LCG B C6    1 
HETATM 375 C  "C2'" . LCG B 1 4  ? 5.869   4.807   -8.351  1.00 43.74  ? 4   LCG B "C2'" 1 
HETATM 376 O  O6    . LCG B 1 4  ? 7.112   -1.387  -9.027  1.00 47.12  ? 4   LCG B O6    1 
HETATM 377 C  "C4'" . LCG B 1 4  ? 7.566   5.935   -7.558  1.00 38.71  ? 4   LCG B "C4'" 1 
HETATM 378 C  "C1'" . LCG B 1 4  ? 7.095   4.294   -9.066  1.00 42.96  ? 4   LCG B "C1'" 1 
HETATM 379 C  C2    . LCG B 1 4  ? 5.237   0.925   -10.897 1.00 48.77  ? 4   LCG B C2    1 
HETATM 380 N  N1    . LCG B 1 4  ? 5.692   -0.331  -10.453 1.00 44.63  ? 4   LCG B N1    1 
HETATM 381 O  "O4'" . LCG B 1 4  ? 8.221   5.143   -8.585  1.00 38.41  ? 4   LCG B "O4'" 1 
HETATM 382 O  OP2   . LCG B 1 4  ? 9.941   3.845   -4.059  1.00 40.31  ? 4   LCG B OP2   1 
HETATM 383 N  N2    . LCG B 1 4  ? 4.296   1.016   -11.794 1.00 50.83  ? 4   LCG B N2    1 
HETATM 384 N  N3    . LCG B 1 4  ? 5.736   2.057   -10.388 1.00 42.25  ? 4   LCG B N3    1 
HETATM 385 O  "O2'" . LCG B 1 4  ? 5.655   6.104   -8.921  1.00 42.88  ? 4   LCG B "O2'" 1 
HETATM 386 O  "O3'" . LCG B 1 4  ? 5.600   5.962   -6.251  1.00 41.25  ? 4   LCG B "O3'" 1 
ATOM   387 P  P     . A   B 1 5  ? 4.448   5.438   -5.223  1.00 44.25  ? 5   A   B P     1 
ATOM   388 O  OP1   . A   B 1 5  ? 3.978   6.621   -4.460  1.00 46.73  ? 5   A   B OP1   1 
ATOM   389 O  OP2   . A   B 1 5  ? 4.939   4.289   -4.496  1.00 33.35  ? 5   A   B OP2   1 
ATOM   390 O  "O5'" . A   B 1 5  ? 3.290   4.900   -6.185  1.00 41.36  ? 5   A   B "O5'" 1 
ATOM   391 C  "C5'" . A   B 1 5  ? 2.552   5.768   -7.039  1.00 43.05  ? 5   A   B "C5'" 1 
ATOM   392 C  "C4'" . A   B 1 5  ? 1.651   4.951   -7.945  1.00 48.93  ? 5   A   B "C4'" 1 
ATOM   393 O  "O4'" . A   B 1 5  ? 2.450   4.126   -8.848  1.00 49.14  ? 5   A   B "O4'" 1 
ATOM   394 C  "C3'" . A   B 1 5  ? 0.753   3.934   -7.246  1.00 44.09  ? 5   A   B "C3'" 1 
ATOM   395 O  "O3'" . A   B 1 5  ? -0.335  4.615   -6.674  1.00 41.96  ? 5   A   B "O3'" 1 
ATOM   396 C  "C2'" . A   B 1 5  ? 0.411   3.008   -8.400  1.00 45.09  ? 5   A   B "C2'" 1 
ATOM   397 O  "O2'" . A   B 1 5  ? -0.555  3.569   -9.278  1.00 43.19  ? 5   A   B "O2'" 1 
ATOM   398 C  "C1'" . A   B 1 5  ? 1.776   2.906   -9.089  1.00 47.89  ? 5   A   B "C1'" 1 
ATOM   399 N  N9    . A   B 1 5  ? 2.568   1.831   -8.515  1.00 53.48  ? 5   A   B N9    1 
ATOM   400 C  C8    . A   B 1 5  ? 3.454   1.875   -7.466  1.00 50.18  ? 5   A   B C8    1 
ATOM   401 N  N7    . A   B 1 5  ? 3.965   0.709   -7.161  1.00 47.32  ? 5   A   B N7    1 
ATOM   402 C  C5    . A   B 1 5  ? 3.351   -0.166  -8.042  1.00 48.40  ? 5   A   B C5    1 
ATOM   403 C  C6    . A   B 1 5  ? 3.458   -1.556  -8.226  1.00 47.92  ? 5   A   B C6    1 
ATOM   404 N  N6    . A   B 1 5  ? 4.237   -2.341  -7.485  1.00 41.36  ? 5   A   B N6    1 
ATOM   405 N  N1    . A   B 1 5  ? 2.706   -2.121  -9.194  1.00 44.58  ? 5   A   B N1    1 
ATOM   406 C  C2    . A   B 1 5  ? 1.906   -1.336  -9.924  1.00 45.01  ? 5   A   B C2    1 
ATOM   407 N  N3    . A   B 1 5  ? 1.704   -0.022  -9.833  1.00 53.56  ? 5   A   B N3    1 
ATOM   408 C  C4    . A   B 1 5  ? 2.466   0.508   -8.863  1.00 47.06  ? 5   A   B C4    1 
ATOM   409 P  P     . C   B 1 6  ? -1.241  3.936   -5.499  1.00 41.33  ? 6   C   B P     1 
ATOM   410 O  OP1   . C   B 1 6  ? -2.243  4.888   -5.127  1.00 38.27  ? 6   C   B OP1   1 
ATOM   411 O  OP2   . C   B 1 6  ? -0.376  3.359   -4.454  1.00 40.74  ? 6   C   B OP2   1 
ATOM   412 O  "O5'" . C   B 1 6  ? -1.952  2.730   -6.260  1.00 42.26  ? 6   C   B "O5'" 1 
ATOM   413 C  "C5'" . C   B 1 6  ? -2.904  2.927   -7.319  1.00 42.76  ? 6   C   B "C5'" 1 
ATOM   414 C  "C4'" . C   B 1 6  ? -3.262  1.568   -7.887  1.00 48.51  ? 6   C   B "C4'" 1 
ATOM   415 O  "O4'" . C   B 1 6  ? -2.067  0.923   -8.429  1.00 43.14  ? 6   C   B "O4'" 1 
ATOM   416 C  "C3'" . C   B 1 6  ? -3.769  0.553   -6.876  1.00 48.13  ? 6   C   B "C3'" 1 
ATOM   417 O  "O3'" . C   B 1 6  ? -5.149  0.652   -6.573  1.00 49.99  ? 6   C   B "O3'" 1 
ATOM   418 C  "C2'" . C   B 1 6  ? -3.489  -0.750  -7.593  1.00 43.96  ? 6   C   B "C2'" 1 
ATOM   419 O  "O2'" . C   B 1 6  ? -4.419  -0.938  -8.636  1.00 48.36  ? 6   C   B "O2'" 1 
ATOM   420 C  "C1'" . C   B 1 6  ? -2.116  -0.465  -8.177  1.00 43.47  ? 6   C   B "C1'" 1 
ATOM   421 N  N1    . C   B 1 6  ? -0.989  -0.834  -7.301  1.00 51.75  ? 6   C   B N1    1 
ATOM   422 C  C2    . C   B 1 6  ? -0.438  -2.111  -7.434  1.00 47.73  ? 6   C   B C2    1 
ATOM   423 O  O2    . C   B 1 6  ? -0.954  -2.900  -8.232  1.00 46.21  ? 6   C   B O2    1 
ATOM   424 N  N3    . C   B 1 6  ? 0.608   -2.464  -6.658  1.00 41.93  ? 6   C   B N3    1 
ATOM   425 C  C4    . C   B 1 6  ? 1.124   -1.583  -5.797  1.00 44.95  ? 6   C   B C4    1 
ATOM   426 N  N4    . C   B 1 6  ? 2.173   -1.964  -5.054  1.00 40.62  ? 6   C   B N4    1 
ATOM   427 C  C5    . C   B 1 6  ? 0.573   -0.281  -5.632  1.00 39.24  ? 6   C   B C5    1 
ATOM   428 C  C6    . C   B 1 6  ? -0.471  0.047   -6.394  1.00 45.84  ? 6   C   B C6    1 
ATOM   429 P  P     . U   B 1 7  ? -5.715  0.037   -5.186  1.00 46.56  ? 7   U   B P     1 
ATOM   430 O  OP1   . U   B 1 7  ? -7.163  0.297   -5.110  1.00 48.74  ? 7   U   B OP1   1 
ATOM   431 O  OP2   . U   B 1 7  ? -4.852  0.512   -4.104  1.00 43.49  ? 7   U   B OP2   1 
ATOM   432 O  "O5'" . U   B 1 7  ? -5.567  -1.529  -5.389  1.00 47.90  ? 7   U   B "O5'" 1 
ATOM   433 C  "C5'" . U   B 1 7  ? -6.386  -2.227  -6.329  1.00 55.01  ? 7   U   B "C5'" 1 
ATOM   434 C  "C4'" . U   B 1 7  ? -6.064  -3.698  -6.312  1.00 48.62  ? 7   U   B "C4'" 1 
ATOM   435 O  "O4'" . U   B 1 7  ? -4.687  -3.920  -6.704  1.00 46.82  ? 7   U   B "O4'" 1 
ATOM   436 C  "C3'" . U   B 1 7  ? -6.188  -4.378  -4.956  1.00 49.42  ? 7   U   B "C3'" 1 
ATOM   437 O  "O3'" . U   B 1 7  ? -7.574  -4.572  -4.702  1.00 49.38  ? 7   U   B "O3'" 1 
ATOM   438 C  "C2'" . U   B 1 7  ? -5.317  -5.604  -5.179  1.00 49.38  ? 7   U   B "C2'" 1 
ATOM   439 O  "O2'" . U   B 1 7  ? -5.899  -6.505  -6.093  1.00 44.07  ? 7   U   B "O2'" 1 
ATOM   440 C  "C1'" . U   B 1 7  ? -4.136  -4.991  -5.930  1.00 50.96  ? 7   U   B "C1'" 1 
ATOM   441 N  N1    . U   B 1 7  ? -2.997  -4.491  -5.121  1.00 51.85  ? 7   U   B N1    1 
ATOM   442 C  C2    . U   B 1 7  ? -2.022  -5.403  -4.722  1.00 52.64  ? 7   U   B C2    1 
ATOM   443 O  O2    . U   B 1 7  ? -2.098  -6.602  -4.938  1.00 46.61  ? 7   U   B O2    1 
ATOM   444 N  N3    . U   B 1 7  ? -0.970  -4.858  -4.023  1.00 48.99  ? 7   U   B N3    1 
ATOM   445 C  C4    . U   B 1 7  ? -0.780  -3.532  -3.695  1.00 54.45  ? 7   U   B C4    1 
ATOM   446 O  O4    . U   B 1 7  ? 0.225   -3.204  -3.060  1.00 46.09  ? 7   U   B O4    1 
ATOM   447 C  C5    . U   B 1 7  ? -1.817  -2.650  -4.150  1.00 52.71  ? 7   U   B C5    1 
ATOM   448 C  C6    . U   B 1 7  ? -2.866  -3.147  -4.823  1.00 52.09  ? 7   U   B C6    1 
ATOM   449 P  P     . U   B 1 8  ? -8.118  -4.855  -3.213  1.00 56.93  ? 8   U   B P     1 
ATOM   450 O  OP1   . U   B 1 8  ? -9.530  -5.282  -3.302  1.00 45.59  ? 8   U   B OP1   1 
ATOM   451 O  OP2   . U   B 1 8  ? -7.796  -3.702  -2.365  1.00 44.91  ? 8   U   B OP2   1 
ATOM   452 O  "O5'" . U   B 1 8  ? -7.267  -6.124  -2.767  1.00 57.06  ? 8   U   B "O5'" 1 
ATOM   453 C  "C5'" . U   B 1 8  ? -7.628  -7.452  -3.184  1.00 50.18  ? 8   U   B "C5'" 1 
ATOM   454 C  "C4'" . U   B 1 8  ? -6.654  -8.464  -2.630  1.00 49.37  ? 8   U   B "C4'" 1 
ATOM   455 O  "O4'" . U   B 1 8  ? -5.304  -8.132  -3.058  1.00 46.62  ? 8   U   B "O4'" 1 
ATOM   456 C  "C3'" . U   B 1 8  ? -6.521  -8.507  -1.116  1.00 47.61  ? 8   U   B "C3'" 1 
ATOM   457 O  "O3'" . U   B 1 8  ? -7.590  -9.186  -0.501  1.00 47.28  ? 8   U   B "O3'" 1 
ATOM   458 C  "C2'" . U   B 1 8  ? -5.199  -9.221  -0.960  1.00 46.46  ? 8   U   B "C2'" 1 
ATOM   459 O  "O2'" . U   B 1 8  ? -5.334  -10.585 -1.284  1.00 48.24  ? 8   U   B "O2'" 1 
ATOM   460 C  "C1'" . U   B 1 8  ? -4.385  -8.533  -2.051  1.00 50.61  ? 8   U   B "C1'" 1 
ATOM   461 N  N1    . U   B 1 8  ? -3.625  -7.359  -1.591  1.00 48.57  ? 8   U   B N1    1 
ATOM   462 C  C2    . U   B 1 8  ? -2.394  -7.605  -1.004  1.00 50.52  ? 8   U   B C2    1 
ATOM   463 O  O2    . U   B 1 8  ? -1.957  -8.729  -0.834  1.00 48.23  ? 8   U   B O2    1 
ATOM   464 N  N3    . U   B 1 8  ? -1.693  -6.482  -0.636  1.00 44.67  ? 8   U   B N3    1 
ATOM   465 C  C4    . U   B 1 8  ? -2.087  -5.165  -0.787  1.00 53.43  ? 8   U   B C4    1 
ATOM   466 O  O4    . U   B 1 8  ? -1.350  -4.255  -0.389  1.00 45.85  ? 8   U   B O4    1 
ATOM   467 C  C5    . U   B 1 8  ? -3.374  -4.997  -1.393  1.00 47.43  ? 8   U   B C5    1 
ATOM   468 C  C6    . U   B 1 8  ? -4.073  -6.074  -1.778  1.00 44.15  ? 8   U   B C6    1 
ATOM   469 P  P     . A   B 1 9  ? -8.068  -8.743  0.939   1.00 56.45  ? 9   A   B P     1 
ATOM   470 O  OP1   . A   B 1 9  ? -9.276  -9.535  1.275   1.00 56.21  ? 9   A   B OP1   1 
ATOM   471 O  OP2   . A   B 1 9  ? -8.098  -7.266  1.029   1.00 45.40  ? 9   A   B OP2   1 
ATOM   472 O  "O5'" . A   B 1 9  ? -6.873  -9.197  1.888   1.00 52.86  ? 9   A   B "O5'" 1 
ATOM   473 C  "C5'" . A   B 1 9  ? -6.668  -10.601 2.061   1.00 52.92  ? 9   A   B "C5'" 1 
ATOM   474 C  "C4'" . A   B 1 9  ? -5.551  -10.855 3.034   1.00 53.82  ? 9   A   B "C4'" 1 
ATOM   475 O  "O4'" . A   B 1 9  ? -4.270  -10.561 2.420   1.00 48.96  ? 9   A   B "O4'" 1 
ATOM   476 C  "C3'" . A   B 1 9  ? -5.534  -9.998  4.293   1.00 49.38  ? 9   A   B "C3'" 1 
ATOM   477 O  "O3'" . A   B 1 9  ? -6.423  -10.521 5.233   1.00 46.54  ? 9   A   B "O3'" 1 
ATOM   478 C  "C2'" . A   B 1 9  ? -4.102  -10.207 4.740   1.00 54.88  ? 9   A   B "C2'" 1 
ATOM   479 O  "O2'" . A   B 1 9  ? -3.829  -11.477 5.297   1.00 51.77  ? 9   A   B "O2'" 1 
ATOM   480 C  "C1'" . A   B 1 9  ? -3.385  -10.058 3.407   1.00 50.60  ? 9   A   B "C1'" 1 
ATOM   481 N  N9    . A   B 1 9  ? -3.118  -8.659  3.115   1.00 51.61  ? 9   A   B N9    1 
ATOM   482 C  C8    . A   B 1 9  ? -3.883  -7.739  2.433   1.00 52.83  ? 9   A   B C8    1 
ATOM   483 N  N7    . A   B 1 9  ? -3.334  -6.553  2.356   1.00 51.55  ? 9   A   B N7    1 
ATOM   484 C  C5    . A   B 1 9  ? -2.129  -6.700  3.034   1.00 47.97  ? 9   A   B C5    1 
ATOM   485 C  C6    . A   B 1 9  ? -1.096  -5.799  3.331   1.00 47.31  ? 9   A   B C6    1 
ATOM   486 N  N6    . A   B 1 9  ? -1.095  -4.521  2.947   1.00 51.56  ? 9   A   B N6    1 
ATOM   487 N  N1    . A   B 1 9  ? -0.046  -6.258  4.047   1.00 47.96  ? 9   A   B N1    1 
ATOM   488 C  C2    . A   B 1 9  ? -0.054  -7.536  4.452   1.00 45.01  ? 9   A   B C2    1 
ATOM   489 N  N3    . A   B 1 9  ? -0.975  -8.473  4.252   1.00 54.69  ? 9   A   B N3    1 
ATOM   490 C  C4    . A   B 1 9  ? -2.000  -7.983  3.531   1.00 49.73  ? 9   A   B C4    1 
ATOM   491 P  P     . A   B 1 10 ? -7.090  -9.610  6.337   1.00 53.97  ? 10  A   B P     1 
ATOM   492 O  OP1   . A   B 1 10 ? -8.114  -10.450 6.964   1.00 52.88  ? 10  A   B OP1   1 
ATOM   493 O  OP2   . A   B 1 10 ? -7.439  -8.303  5.716   1.00 54.46  ? 10  A   B OP2   1 
ATOM   494 O  "O5'" . A   B 1 10 ? -5.909  -9.314  7.372   1.00 48.77  ? 10  A   B "O5'" 1 
ATOM   495 C  "C5'" . A   B 1 10 ? -5.297  -10.377 8.110   1.00 48.22  ? 10  A   B "C5'" 1 
ATOM   496 C  "C4'" . A   B 1 10 ? -4.011  -9.920  8.746   1.00 48.74  ? 10  A   B "C4'" 1 
ATOM   497 O  "O4'" . A   B 1 10 ? -3.075  -9.500  7.723   1.00 48.92  ? 10  A   B "O4'" 1 
ATOM   498 C  "C3'" . A   B 1 10 ? -4.104  -8.692  9.645   1.00 57.80  ? 10  A   B "C3'" 1 
ATOM   499 O  "O3'" . A   B 1 10 ? -4.664  -8.974  10.924  1.00 51.06  ? 10  A   B "O3'" 1 
ATOM   500 C  "C2'" . A   B 1 10 ? -2.648  -8.253  9.692   1.00 53.87  ? 10  A   B "C2'" 1 
ATOM   501 O  "O2'" . A   B 1 10 ? -1.842  -9.063  10.514  1.00 56.45  ? 10  A   B "O2'" 1 
ATOM   502 C  "C1'" . A   B 1 10 ? -2.261  -8.452  8.232   1.00 50.02  ? 10  A   B "C1'" 1 
ATOM   503 N  N9    . A   B 1 10 ? -2.523  -7.239  7.469   1.00 51.05  ? 10  A   B N9    1 
ATOM   504 C  C8    . A   B 1 10 ? -3.631  -6.882  6.742   1.00 50.83  ? 10  A   B C8    1 
ATOM   505 N  N7    . A   B 1 10 ? -3.550  -5.691  6.207   1.00 49.54  ? 10  A   B N7    1 
ATOM   506 C  C5    . A   B 1 10 ? -2.306  -5.228  6.616   1.00 51.40  ? 10  A   B C5    1 
ATOM   507 C  C6    . A   B 1 10 ? -1.626  -4.022  6.392   1.00 52.12  ? 10  A   B C6    1 
ATOM   508 N  N6    . A   B 1 10 ? -2.118  -3.023  5.656   1.00 48.40  ? 10  A   B N6    1 
ATOM   509 N  N1    . A   B 1 10 ? -0.420  -3.862  6.979   1.00 53.24  ? 10  A   B N1    1 
ATOM   510 C  C2    . A   B 1 10 ? 0.062   -4.854  7.738   1.00 50.20  ? 10  A   B C2    1 
ATOM   511 N  N3    . A   B 1 10 ? -0.486  -6.027  8.029   1.00 55.46  ? 10  A   B N3    1 
ATOM   512 C  C4    . A   B 1 10 ? -1.682  -6.155  7.425   1.00 49.69  ? 10  A   B C4    1 
ATOM   513 P  P     . G   B 1 11 ? -5.325  -7.801  11.761  1.00 60.46  ? 11  G   B P     1 
ATOM   514 O  OP1   . G   B 1 11 ? -5.806  -8.421  13.028  1.00 54.85  ? 11  G   B OP1   1 
ATOM   515 O  OP2   . G   B 1 11 ? -6.301  -7.155  10.876  1.00 45.01  ? 11  G   B OP2   1 
ATOM   516 O  "O5'" . G   B 1 11 ? -4.147  -6.739  11.926  1.00 61.31  ? 11  G   B "O5'" 1 
ATOM   517 C  "C5'" . G   B 1 11 ? -3.706  -6.313  13.205  1.00 54.73  ? 11  G   B "C5'" 1 
ATOM   518 C  "C4'" . G   B 1 11 ? -2.489  -5.417  13.108  1.00 57.79  ? 11  G   B "C4'" 1 
ATOM   519 O  "O4'" . G   B 1 11 ? -1.929  -5.363  11.764  1.00 51.59  ? 11  G   B "O4'" 1 
ATOM   520 C  "C3'" . G   B 1 11 ? -2.748  -3.958  13.443  1.00 53.29  ? 11  G   B "C3'" 1 
ATOM   521 O  "O3'" . G   B 1 11 ? -2.915  -3.865  14.845  1.00 58.68  ? 11  G   B "O3'" 1 
ATOM   522 C  "C2'" . G   B 1 11 ? -1.523  -3.289  12.839  1.00 47.33  ? 11  G   B "C2'" 1 
ATOM   523 O  "O2'" . G   B 1 11 ? -0.266  -3.393  13.478  1.00 43.57  ? 11  G   B "O2'" 1 
ATOM   524 C  "C1'" . G   B 1 11 ? -1.404  -4.068  11.537  1.00 46.63  ? 11  G   B "C1'" 1 
ATOM   525 N  N9    . G   B 1 11 ? -2.149  -3.416  10.475  1.00 47.74  ? 11  G   B N9    1 
ATOM   526 C  C8    . G   B 1 11 ? -3.312  -3.816  9.859   1.00 49.35  ? 11  G   B C8    1 
ATOM   527 N  N7    . G   B 1 11 ? -3.696  -3.001  8.916   1.00 52.17  ? 11  G   B N7    1 
ATOM   528 C  C5    . G   B 1 11 ? -2.750  -1.984  8.934   1.00 53.51  ? 11  G   B C5    1 
ATOM   529 C  C6    . G   B 1 11 ? -2.626  -0.826  8.123   1.00 45.14  ? 11  G   B C6    1 
ATOM   530 O  O6    . G   B 1 11 ? -3.372  -0.433  7.232   1.00 44.16  ? 11  G   B O6    1 
ATOM   531 N  N1    . G   B 1 11 ? -1.498  -0.085  8.455   1.00 47.96  ? 11  G   B N1    1 
ATOM   532 C  C2    . G   B 1 11 ? -0.600  -0.418  9.440   1.00 47.85  ? 11  G   B C2    1 
ATOM   533 N  N2    . G   B 1 11 ? 0.424   0.425   9.624   1.00 47.21  ? 11  G   B N2    1 
ATOM   534 N  N3    . G   B 1 11 ? -0.703  -1.493  10.202  1.00 50.19  ? 11  G   B N3    1 
ATOM   535 C  C4    . G   B 1 11 ? -1.791  -2.227  9.893   1.00 48.24  ? 11  G   B C4    1 
ATOM   536 P  P     . U   B 1 12 ? -3.897  -2.771  15.476  1.00 54.27  ? 12  U   B P     1 
ATOM   537 O  OP1   . U   B 1 12 ? -4.082  -3.147  16.890  1.00 51.55  ? 12  U   B OP1   1 
ATOM   538 O  OP2   . U   B 1 12 ? -5.077  -2.626  14.591  1.00 51.33  ? 12  U   B OP2   1 
ATOM   539 O  "O5'" . U   B 1 12 ? -3.087  -1.404  15.334  1.00 50.66  ? 12  U   B "O5'" 1 
ATOM   540 C  "C5'" . U   B 1 12 ? -1.707  -1.262  15.736  1.00 50.69  ? 12  U   B "C5'" 1 
ATOM   541 C  "C4'" . U   B 1 12 ? -1.137  0.074   15.293  1.00 52.21  ? 12  U   B "C4'" 1 
ATOM   542 O  "O4'" . U   B 1 12 ? -0.745  0.020   13.894  1.00 56.72  ? 12  U   B "O4'" 1 
ATOM   543 C  "C3'" . U   B 1 12 ? -2.054  1.293   15.363  1.00 52.71  ? 12  U   B "C3'" 1 
ATOM   544 O  "O3'" . U   B 1 12 ? -2.103  1.850   16.671  1.00 54.71  ? 12  U   B "O3'" 1 
ATOM   545 C  "C2'" . U   B 1 12 ? -1.337  2.236   14.404  1.00 52.95  ? 12  U   B "C2'" 1 
ATOM   546 O  "O2'" . U   B 1 12 ? -0.070  2.740   14.716  1.00 47.11  ? 12  U   B "O2'" 1 
ATOM   547 C  "C1'" . U   B 1 12 ? -0.975  1.278   13.287  1.00 52.93  ? 12  U   B "C1'" 1 
ATOM   548 N  N1    . U   B 1 12 ? -2.070  1.166   12.317  1.00 50.49  ? 12  U   B N1    1 
ATOM   549 C  C2    . U   B 1 12 ? -2.174  2.191   11.397  1.00 51.42  ? 12  U   B C2    1 
ATOM   550 O  O2    . U   B 1 12 ? -1.414  3.136   11.378  1.00 47.03  ? 12  U   B O2    1 
ATOM   551 N  N3    . U   B 1 12 ? -3.202  2.063   10.503  1.00 49.94  ? 12  U   B N3    1 
ATOM   552 C  C4    . U   B 1 12 ? -4.116  1.037   10.425  1.00 55.22  ? 12  U   B C4    1 
ATOM   553 O  O4    . U   B 1 12 ? -4.959  1.044   9.524   1.00 49.74  ? 12  U   B O4    1 
ATOM   554 C  C5    . U   B 1 12 ? -3.972  0.036   11.439  1.00 50.39  ? 12  U   B C5    1 
ATOM   555 C  C6    . U   B 1 12 ? -2.974  0.131   12.327  1.00 46.34  ? 12  U   B C6    1 
ATOM   556 P  P     . C   B 1 13 ? -3.381  2.700   17.220  1.00 68.51  ? 13  C   B P     1 
ATOM   557 O  OP1   . C   B 1 13 ? -3.158  2.919   18.671  1.00 64.46  ? 13  C   B OP1   1 
ATOM   558 O  OP2   . C   B 1 13 ? -4.644  2.080   16.742  1.00 57.55  ? 13  C   B OP2   1 
ATOM   559 O  "O5'" . C   B 1 13 ? -3.297  4.113   16.489  1.00 61.43  ? 13  C   B "O5'" 1 
ATOM   560 C  "C5'" . C   B 1 13 ? -2.131  4.940   16.576  1.00 59.07  ? 13  C   B "C5'" 1 
ATOM   561 C  "C4'" . C   B 1 13 ? -2.154  5.927   15.443  1.00 66.38  ? 13  C   B "C4'" 1 
ATOM   562 O  "O4'" . C   B 1 13 ? -2.081  5.232   14.161  1.00 63.99  ? 13  C   B "O4'" 1 
ATOM   563 C  "C3'" . C   B 1 13 ? -3.411  6.771   15.281  1.00 63.38  ? 13  C   B "C3'" 1 
ATOM   564 O  "O3'" . C   B 1 13 ? -3.487  7.810   16.243  1.00 60.47  ? 13  C   B "O3'" 1 
ATOM   565 C  "C2'" . C   B 1 13 ? -3.203  7.300   13.862  1.00 60.38  ? 13  C   B "C2'" 1 
ATOM   566 O  "O2'" . C   B 1 13 ? -2.238  8.311   13.726  1.00 47.16  ? 13  C   B "O2'" 1 
ATOM   567 C  "C1'" . C   B 1 13 ? -2.672  6.050   13.157  1.00 61.80  ? 13  C   B "C1'" 1 
ATOM   568 N  N1    . C   B 1 13 ? -3.785  5.333   12.507  1.00 58.97  ? 13  C   B N1    1 
ATOM   569 C  C2    . C   B 1 13 ? -4.250  5.829   11.286  1.00 56.71  ? 13  C   B C2    1 
ATOM   570 O  O2    . C   B 1 13 ? -3.661  6.788   10.766  1.00 65.01  ? 13  C   B O2    1 
ATOM   571 N  N3    . C   B 1 13 ? -5.296  5.223   10.678  1.00 51.50  ? 13  C   B N3    1 
ATOM   572 C  C4    . C   B 1 13 ? -5.891  4.181   11.258  1.00 52.71  ? 13  C   B C4    1 
ATOM   573 N  N4    . C   B 1 13 ? -6.926  3.622   10.622  1.00 45.90  ? 13  C   B N4    1 
ATOM   574 C  C5    . C   B 1 13 ? -5.466  3.677   12.525  1.00 51.13  ? 13  C   B C5    1 
ATOM   575 C  C6    . C   B 1 13 ? -4.425  4.287   13.114  1.00 50.31  ? 13  C   B C6    1 
ATOM   576 P  P     . G   B 1 14 ? -4.890  8.535   16.622  1.00 68.38  ? 14  G   B P     1 
ATOM   577 O  OP1   . G   B 1 14 ? -4.580  9.501   17.708  1.00 71.96  ? 14  G   B OP1   1 
ATOM   578 O  OP2   . G   B 1 14 ? -5.989  7.532   16.776  1.00 54.59  ? 14  G   B OP2   1 
ATOM   579 O  "O5'" . G   B 1 14 ? -5.300  9.373   15.339  1.00 62.77  ? 14  G   B "O5'" 1 
ATOM   580 C  "C5'" . G   B 1 14 ? -4.897  10.731  15.222  1.00 64.57  ? 14  G   B "C5'" 1 
ATOM   581 C  "C4'" . G   B 1 14 ? -5.345  11.237  13.887  1.00 73.21  ? 14  G   B "C4'" 1 
ATOM   582 O  "O4'" . G   B 1 14 ? -5.194  10.188  12.901  1.00 64.18  ? 14  G   B "O4'" 1 
ATOM   583 C  "C3'" . G   B 1 14 ? -6.810  11.600  13.787  1.00 71.73  ? 14  G   B "C3'" 1 
ATOM   584 O  "O3'" . G   B 1 14 ? -6.988  12.881  14.379  1.00 81.65  ? 14  G   B "O3'" 1 
ATOM   585 C  "C2'" . G   B 1 14 ? -7.025  11.557  12.280  1.00 66.48  ? 14  G   B "C2'" 1 
ATOM   586 O  "O2'" . G   B 1 14 ? -6.577  12.720  11.618  1.00 60.06  ? 14  G   B "O2'" 1 
ATOM   587 C  "C1'" . G   B 1 14 ? -6.157  10.364  11.885  1.00 62.81  ? 14  G   B "C1'" 1 
ATOM   588 N  N9    . G   B 1 14 ? -6.888  9.113   11.711  1.00 62.26  ? 14  G   B N9    1 
ATOM   589 C  C8    . G   B 1 14 ? -6.892  7.998   12.518  1.00 54.29  ? 14  G   B C8    1 
ATOM   590 N  N7    . G   B 1 14 ? -7.621  7.026   12.043  1.00 50.99  ? 14  G   B N7    1 
ATOM   591 C  C5    . G   B 1 14 ? -8.131  7.531   10.854  1.00 49.31  ? 14  G   B C5    1 
ATOM   592 C  C6    . G   B 1 14 ? -9.005  6.942   9.907   1.00 50.22  ? 14  G   B C6    1 
ATOM   593 O  O6    . G   B 1 14 ? -9.511  5.816   9.920   1.00 58.51  ? 14  G   B O6    1 
ATOM   594 N  N1    . G   B 1 14 ? -9.268  7.804   8.846   1.00 48.44  ? 14  G   B N1    1 
ATOM   595 C  C2    . G   B 1 14 ? -8.752  9.070   8.709   1.00 53.86  ? 14  G   B C2    1 
ATOM   596 N  N2    . G   B 1 14 ? -9.125  9.747   7.611   1.00 49.27  ? 14  G   B N2    1 
ATOM   597 N  N3    . G   B 1 14 ? -7.935  9.631   9.588   1.00 59.93  ? 14  G   B N3    1 
ATOM   598 C  C4    . G   B 1 14 ? -7.679  8.815   10.633  1.00 55.82  ? 14  G   B C4    1 
HETATM 599 MG MG    . MG  C 2 .  ? -4.115  0.457   1.811   1.00 65.75  ? 101 MG  A MG    1 
HETATM 600 O  OP3   . Q1V D 3 .  ? -15.393 15.098  13.373  1.00 174.78 ? 102 Q1V A OP3   1 
HETATM 601 P  P     . Q1V D 3 .  ? -13.084 9.891   15.256  1.00 127.12 ? 102 Q1V A P     1 
HETATM 602 O  OP1   . Q1V D 3 .  ? -12.014 9.577   16.217  1.00 134.43 ? 102 Q1V A OP1   1 
HETATM 603 O  OP2   . Q1V D 3 .  ? -14.116 8.855   15.008  1.00 110.33 ? 102 Q1V A OP2   1 
HETATM 604 C  "C4'" . Q1V D 3 .  ? -10.411 11.302  13.124  1.00 102.57 ? 102 Q1V A "C4'" 1 
HETATM 605 O  "O4'" . Q1V D 3 .  ? -9.932  10.123  12.439  1.00 95.81  ? 102 Q1V A "O4'" 1 
HETATM 606 C  "C3'" . Q1V D 3 .  ? -11.891 11.198  12.936  1.00 107.21 ? 102 Q1V A "C3'" 1 
HETATM 607 O  "O3'" . Q1V D 3 .  ? -12.431 10.009  13.717  1.00 124.04 ? 102 Q1V A "O3'" 1 
HETATM 608 C  "C2'" . Q1V D 3 .  ? -11.919 10.930  11.441  1.00 90.13  ? 102 Q1V A "C2'" 1 
HETATM 609 C  "C1'" . Q1V D 3 .  ? -10.843 9.865   11.335  1.00 81.94  ? 102 Q1V A "C1'" 1 
HETATM 610 N  N9    . Q1V D 3 .  ? -11.390 8.442   11.454  1.00 78.67  ? 102 Q1V A N9    1 
HETATM 611 C  C8    . Q1V D 3 .  ? -11.177 7.430   12.316  1.00 73.05  ? 102 Q1V A C8    1 
HETATM 612 N  N7    . Q1V D 3 .  ? -11.930 6.400   11.928  1.00 77.82  ? 102 Q1V A N7    1 
HETATM 613 C  C5    . Q1V D 3 .  ? -12.601 6.773   10.825  1.00 65.57  ? 102 Q1V A C5    1 
HETATM 614 C  C6    . Q1V D 3 .  ? -13.470 6.142   10.051  1.00 71.20  ? 102 Q1V A C6    1 
HETATM 615 O  O6    . Q1V D 3 .  ? -13.801 4.985   10.316  1.00 69.32  ? 102 Q1V A O6    1 
HETATM 616 N  N1    . Q1V D 3 .  ? -14.031 6.814   8.922   1.00 69.48  ? 102 Q1V A N1    1 
HETATM 617 C  C2    . Q1V D 3 .  ? -13.642 8.140   8.643   1.00 71.17  ? 102 Q1V A C2    1 
HETATM 618 N  N2    . Q1V D 3 .  ? -14.117 8.840   7.601   1.00 64.76  ? 102 Q1V A N2    1 
HETATM 619 N  N3    . Q1V D 3 .  ? -12.757 8.700   9.467   1.00 63.89  ? 102 Q1V A N3    1 
HETATM 620 C  C4    . Q1V D 3 .  ? -12.260 8.028   10.528  1.00 71.56  ? 102 Q1V A C4    1 
HETATM 621 O  "O2'" . Q1V D 3 .  ? -11.681 12.144  10.639  1.00 73.68  ? 102 Q1V A "O2'" 1 
HETATM 622 N  N10   . Q1V D 3 .  ? -13.555 11.298  15.336  1.00 115.72 ? 102 Q1V A N10   1 
HETATM 623 C  C14   . Q1V D 3 .  ? -14.619 11.710  14.701  1.00 113.15 ? 102 Q1V A C14   1 
HETATM 624 N  N15   . Q1V D 3 .  ? -15.486 10.904  14.103  1.00 97.08  ? 102 Q1V A N15   1 
HETATM 625 C  C11   . Q1V D 3 .  ? -12.922 12.343  15.846  1.00 111.44 ? 102 Q1V A C11   1 
HETATM 626 C  C12   . Q1V D 3 .  ? -13.653 13.411  15.552  1.00 119.46 ? 102 Q1V A C12   1 
HETATM 627 N  N13   . Q1V D 3 .  ? -14.700 13.019  14.823  1.00 128.43 ? 102 Q1V A N13   1 
HETATM 628 P  P34   . Q1V D 3 .  ? -15.836 13.963  14.212  1.00 146.49 ? 102 Q1V A P34   1 
HETATM 629 O  OP4   . Q1V D 3 .  ? -17.163 13.967  14.863  1.00 147.53 ? 102 Q1V A OP4   1 
HETATM 630 O  O33   . Q1V D 3 .  ? -16.316 13.004  12.972  1.00 138.35 ? 102 Q1V A O33   1 
HETATM 631 C  C32   . Q1V D 3 .  ? -16.137 13.189  11.533  1.00 124.98 ? 102 Q1V A C32   1 
HETATM 632 C  C28   . Q1V D 3 .  ? -17.049 12.139  10.861  1.00 110.15 ? 102 Q1V A C28   1 
HETATM 633 O  O29   . Q1V D 3 .  ? -17.972 12.751  9.932   1.00 101.80 ? 102 Q1V A O29   1 
HETATM 634 C  C31   . Q1V D 3 .  ? -14.707 12.926  11.181  1.00 120.27 ? 102 Q1V A C31   1 
HETATM 635 O  O30   . Q1V D 3 .  ? -14.854 12.022  10.041  1.00 118.93 ? 102 Q1V A O30   1 
HETATM 636 C  C27   . Q1V D 3 .  ? -16.129 11.234  10.114  1.00 97.10  ? 102 Q1V A C27   1 
HETATM 637 N  N26   . Q1V D 3 .  ? -16.033 9.846   10.714  1.00 66.45  ? 102 Q1V A N26   1 
HETATM 638 C  C22   . Q1V D 3 .  ? -16.595 8.704   10.359  1.00 59.29  ? 102 Q1V A C22   1 
HETATM 639 N  N21   . Q1V D 3 .  ? -17.484 8.434   9.394   1.00 54.29  ? 102 Q1V A N21   1 
HETATM 640 C  C19   . Q1V D 3 .  ? -17.927 7.168   9.245   1.00 62.42  ? 102 Q1V A C19   1 
HETATM 641 N  N20   . Q1V D 3 .  ? -18.813 6.865   8.289   1.00 65.73  ? 102 Q1V A N20   1 
HETATM 642 N  N18   . Q1V D 3 .  ? -17.465 6.146   10.102  1.00 60.50  ? 102 Q1V A N18   1 
HETATM 643 C  C17   . Q1V D 3 .  ? -16.540 6.479   11.113  1.00 63.98  ? 102 Q1V A C17   1 
HETATM 644 O  O16   . Q1V D 3 .  ? -16.095 5.641   11.912  1.00 76.01  ? 102 Q1V A O16   1 
HETATM 645 C  C23   . Q1V D 3 .  ? -16.144 7.735   11.196  1.00 58.52  ? 102 Q1V A C23   1 
HETATM 646 N  N24   . Q1V D 3 .  ? -15.303 8.265   12.053  1.00 61.14  ? 102 Q1V A N24   1 
HETATM 647 C  C25   . Q1V D 3 .  ? -15.236 9.551   11.726  1.00 65.41  ? 102 Q1V A C25   1 
HETATM 648 MG MG    . MG  E 2 .  ? 4.287   -1.088  -2.352  1.00 42.17  ? 101 MG  B MG    1 
HETATM 649 O  OP3   . Q1V F 3 .  ? 17.168  1.756   -19.328 1.00 109.32 ? 102 Q1V B OP3   1 
HETATM 650 P  P     . Q1V F 3 .  ? 12.406  -1.231  -18.457 1.00 114.65 ? 102 Q1V B P     1 
HETATM 651 O  OP1   . Q1V F 3 .  ? 11.197  -1.220  -19.308 1.00 120.28 ? 102 Q1V B OP1   1 
HETATM 652 O  OP2   . Q1V F 3 .  ? 12.703  -2.474  -17.705 1.00 95.51  ? 102 Q1V B OP2   1 
HETATM 653 C  "C4'" . Q1V F 3 .  ? 10.325  1.475   -17.706 1.00 90.41  ? 102 Q1V B "C4'" 1 
HETATM 654 O  "O4'" . Q1V F 3 .  ? 9.786   0.970   -16.473 1.00 93.18  ? 102 Q1V B "O4'" 1 
HETATM 655 C  "C3'" . Q1V F 3 .  ? 11.794  1.397   -17.436 1.00 94.04  ? 102 Q1V B "C3'" 1 
HETATM 656 O  "O3'" . Q1V F 3 .  ? 12.242  -0.042  -17.307 1.00 105.29 ? 102 Q1V B "O3'" 1 
HETATM 657 C  "C2'" . Q1V F 3 .  ? 11.842  2.032   -16.077 1.00 87.02  ? 102 Q1V B "C2'" 1 
HETATM 658 C  "C1'" . Q1V F 3 .  ? 10.697  1.318   -15.396 1.00 75.81  ? 102 Q1V B "C1'" 1 
HETATM 659 N  N9    . Q1V F 3 .  ? 11.113  0.047   -14.644 1.00 62.30  ? 102 Q1V B N9    1 
HETATM 660 C  C8    . Q1V F 3 .  ? 10.737  -1.238  -14.806 1.00 60.58  ? 102 Q1V B C8    1 
HETATM 661 N  N7    . Q1V F 3 .  ? 11.320  -2.000  -13.870 1.00 54.56  ? 102 Q1V B N7    1 
HETATM 662 C  C5    . Q1V F 3 .  ? 12.067  -1.170  -13.127 1.00 54.08  ? 102 Q1V B C5    1 
HETATM 663 C  C6    . Q1V F 3 .  ? 12.864  -1.399  -12.075 1.00 51.86  ? 102 Q1V B C6    1 
HETATM 664 O  O6    . Q1V F 3 .  ? 13.048  -2.537  -11.596 1.00 51.03  ? 102 Q1V B O6    1 
HETATM 665 N  N1    . Q1V F 3 .  ? 13.509  -0.294  -11.503 1.00 56.30  ? 102 Q1V B N1    1 
HETATM 666 C  C2    . Q1V F 3 .  ? 13.327  1.001   -12.012 1.00 55.64  ? 102 Q1V B C2    1 
HETATM 667 N  N2    . Q1V F 3 .  ? 13.945  2.033   -11.457 1.00 53.59  ? 102 Q1V B N2    1 
HETATM 668 N  N3    . Q1V F 3 .  ? 12.521  1.166   -13.061 1.00 58.88  ? 102 Q1V B N3    1 
HETATM 669 C  C4    . Q1V F 3 .  ? 11.922  0.087   -13.603 1.00 56.20  ? 102 Q1V B C4    1 
HETATM 670 O  "O2'" . Q1V F 3 .  ? 11.632  3.451   -16.137 1.00 73.34  ? 102 Q1V B "O2'" 1 
HETATM 671 N  N10   . Q1V F 3 .  ? 13.484  -0.563  -18.935 1.00 101.97 ? 102 Q1V B N10   1 
HETATM 672 C  C14   . Q1V F 3 .  ? 14.693  -0.714  -18.469 1.00 92.79  ? 102 Q1V B C14   1 
HETATM 673 N  N15   . Q1V F 3 .  ? 15.169  -1.704  -17.694 1.00 88.04  ? 102 Q1V B N15   1 
HETATM 674 C  C11   . Q1V F 3 .  ? 13.396  0.531   -19.700 1.00 107.28 ? 102 Q1V B C11   1 
HETATM 675 C  C12   . Q1V F 3 .  ? 14.586  1.065   -19.735 1.00 104.72 ? 102 Q1V B C12   1 
HETATM 676 N  N13   . Q1V F 3 .  ? 15.365  0.275   -18.990 1.00 95.84  ? 102 Q1V B N13   1 
HETATM 677 P  P34   . Q1V F 3 .  ? 16.617  0.501   -18.781 1.00 96.18  ? 102 Q1V B P34   1 
HETATM 678 O  OP4   . Q1V F 3 .  ? 17.505  -0.652  -18.602 1.00 108.30 ? 102 Q1V B OP4   1 
HETATM 679 O  O33   . Q1V F 3 .  ? 16.482  0.930   -17.235 1.00 75.30  ? 102 Q1V B O33   1 
HETATM 680 C  C32   . Q1V F 3 .  ? 16.922  2.197   -16.666 1.00 67.98  ? 102 Q1V B C32   1 
HETATM 681 C  C28   . Q1V F 3 .  ? 17.457  1.957   -15.282 1.00 72.93  ? 102 Q1V B C28   1 
HETATM 682 O  O29   . Q1V F 3 .  ? 18.142  3.154   -14.772 1.00 70.67  ? 102 Q1V B O29   1 
HETATM 683 C  C31   . Q1V F 3 .  ? 15.729  3.028   -16.327 1.00 69.65  ? 102 Q1V B C31   1 
HETATM 684 O  O30   . Q1V F 3 .  ? 15.077  2.043   -15.447 1.00 64.30  ? 102 Q1V B O30   1 
HETATM 685 C  C27   . Q1V F 3 .  ? 16.140  1.681   -14.497 1.00 69.23  ? 102 Q1V B C27   1 
HETATM 686 N  N26   . Q1V F 3 .  ? 15.982  0.261   -14.091 1.00 64.54  ? 102 Q1V B N26   1 
HETATM 687 C  C22   . Q1V F 3 .  ? 16.598  -0.268  -13.046 1.00 61.28  ? 102 Q1V B C22   1 
HETATM 688 N  N21   . Q1V F 3 .  ? 17.456  0.293   -12.166 1.00 55.29  ? 102 Q1V B N21   1 
HETATM 689 C  C19   . Q1V F 3 .  ? 17.956  -0.456  -11.172 1.00 48.62  ? 102 Q1V B C19   1 
HETATM 690 N  N20   . Q1V F 3 .  ? 18.767  0.134   -10.316 1.00 51.59  ? 102 Q1V B N20   1 
HETATM 691 N  N18   . Q1V F 3 .  ? 17.602  -1.825  -11.074 1.00 48.56  ? 102 Q1V B N18   1 
HETATM 692 C  C17   . Q1V F 3 .  ? 16.697  -2.329  -12.023 1.00 45.33  ? 102 Q1V B C17   1 
HETATM 693 O  O16   . Q1V F 3 .  ? 16.325  -3.475  -11.987 1.00 49.83  ? 102 Q1V B O16   1 
HETATM 694 C  C23   . Q1V F 3 .  ? 16.225  -1.562  -12.963 1.00 48.25  ? 102 Q1V B C23   1 
HETATM 695 N  N24   . Q1V F 3 .  ? 15.424  -1.827  -13.971 1.00 61.94  ? 102 Q1V B N24   1 
HETATM 696 C  C25   . Q1V F 3 .  ? 15.257  -0.691  -14.663 1.00 60.76  ? 102 Q1V B C25   1 
HETATM 697 O  O     . HOH G 4 .  ? -1.077  0.443   2.206   1.00 54.29  ? 201 HOH A O     1 
HETATM 698 O  O     . HOH G 4 .  ? -3.509  2.432   1.981   1.00 62.19  ? 202 HOH A O     1 
HETATM 699 O  O     . HOH G 4 .  ? 3.810   -2.346  -0.624  1.00 51.10  ? 203 HOH A O     1 
HETATM 700 O  O     . HOH G 4 .  ? -3.244  -7.418  -9.466  1.00 43.16  ? 204 HOH A O     1 
HETATM 701 O  O     . HOH G 4 .  ? -4.958  -0.709  3.084   1.00 38.24  ? 205 HOH A O     1 
HETATM 702 O  O     . HOH G 4 .  ? -6.135  0.800   1.933   1.00 59.64  ? 206 HOH A O     1 
HETATM 703 O  O     . HOH H 4 .  ? 3.327   0.371   -3.764  1.00 53.83  ? 201 HOH B O     1 
HETATM 704 O  O     . HOH H 4 .  ? 15.675  -7.936  -10.967 1.00 45.33  ? 202 HOH B O     1 
HETATM 705 O  O     . HOH H 4 .  ? 3.307   0.258   -1.235  1.00 46.63  ? 203 HOH B O     1 
HETATM 706 O  O     . HOH H 4 .  ? 6.046   -1.409  -1.870  1.00 59.43  ? 204 HOH B O     1 
# 
loop_
_pdbx_poly_seq_scheme.asym_id 
_pdbx_poly_seq_scheme.entity_id 
_pdbx_poly_seq_scheme.seq_id 
_pdbx_poly_seq_scheme.mon_id 
_pdbx_poly_seq_scheme.ndb_seq_num 
_pdbx_poly_seq_scheme.pdb_seq_num 
_pdbx_poly_seq_scheme.auth_seq_num 
_pdbx_poly_seq_scheme.pdb_mon_id 
_pdbx_poly_seq_scheme.auth_mon_id 
_pdbx_poly_seq_scheme.pdb_strand_id 
_pdbx_poly_seq_scheme.pdb_ins_code 
_pdbx_poly_seq_scheme.hetero 
A 1 1  LCC 1  1  1  LCC LCC A . n 
A 1 2  LCC 2  2  2  LCC LCC A . n 
A 1 3  LCC 3  3  3  LCC LCC A . n 
A 1 4  LCG 4  4  4  LCG LCG A . n 
A 1 5  A   5  5  5  A   A   A . n 
A 1 6  C   6  6  6  C   C   A . n 
A 1 7  U   7  7  7  U   U   A . n 
A 1 8  U   8  8  8  U   U   A . n 
A 1 9  A   9  9  9  A   A   A . n 
A 1 10 A   10 10 10 A   A   A . n 
A 1 11 G   11 11 11 G   G   A . n 
A 1 12 U   12 12 12 U   U   A . n 
A 1 13 C   13 13 13 C   C   A . n 
A 1 14 G   14 14 14 G   G   A . n 
B 1 1  LCC 1  1  1  LCC LCC B . n 
B 1 2  LCC 2  2  2  LCC LCC B . n 
B 1 3  LCC 3  3  3  LCC LCC B . n 
B 1 4  LCG 4  4  4  LCG LCG B . n 
B 1 5  A   5  5  5  A   A   B . n 
B 1 6  C   6  6  6  C   C   B . n 
B 1 7  U   7  7  7  U   U   B . n 
B 1 8  U   8  8  8  U   U   B . n 
B 1 9  A   9  9  9  A   A   B . n 
B 1 10 A   10 10 10 A   A   B . n 
B 1 11 G   11 11 11 G   G   B . n 
B 1 12 U   12 12 12 U   U   B . n 
B 1 13 C   13 13 13 C   C   B . n 
B 1 14 G   14 14 14 G   G   B . n 
# 
loop_
_pdbx_nonpoly_scheme.asym_id 
_pdbx_nonpoly_scheme.entity_id 
_pdbx_nonpoly_scheme.mon_id 
_pdbx_nonpoly_scheme.ndb_seq_num 
_pdbx_nonpoly_scheme.pdb_seq_num 
_pdbx_nonpoly_scheme.auth_seq_num 
_pdbx_nonpoly_scheme.pdb_mon_id 
_pdbx_nonpoly_scheme.auth_mon_id 
_pdbx_nonpoly_scheme.pdb_strand_id 
_pdbx_nonpoly_scheme.pdb_ins_code 
C 2 MG  1 101 1  MG  MG  A . 
D 3 Q1V 1 102 2  Q1V DFG A . 
E 2 MG  1 101 2  MG  MG  B . 
F 3 Q1V 1 102 1  Q1V DFG B . 
G 4 HOH 1 201 7  HOH HOH A . 
G 4 HOH 2 202 1  HOH HOH A . 
G 4 HOH 3 203 9  HOH HOH A . 
G 4 HOH 4 204 4  HOH HOH A . 
G 4 HOH 5 205 5  HOH HOH A . 
G 4 HOH 6 206 6  HOH HOH A . 
H 4 HOH 1 201 10 HOH HOH B . 
H 4 HOH 2 202 3  HOH HOH B . 
H 4 HOH 3 203 8  HOH HOH B . 
H 4 HOH 4 204 2  HOH HOH B . 
# 
_pdbx_struct_assembly.id                   1 
_pdbx_struct_assembly.details              author_and_software_defined_assembly 
_pdbx_struct_assembly.method_details       PISA 
_pdbx_struct_assembly.oligomeric_details   dimeric 
_pdbx_struct_assembly.oligomeric_count     2 
# 
_pdbx_struct_assembly_gen.assembly_id       1 
_pdbx_struct_assembly_gen.oper_expression   1 
_pdbx_struct_assembly_gen.asym_id_list      A,B,C,D,E,F,G,H 
# 
loop_
_pdbx_struct_assembly_prop.biol_id 
_pdbx_struct_assembly_prop.type 
_pdbx_struct_assembly_prop.value 
_pdbx_struct_assembly_prop.details 
1 'ABSA (A^2)' 2720 ? 
1 MORE         3    ? 
1 'SSA (A^2)'  5870 ? 
# 
_pdbx_struct_oper_list.id                   1 
_pdbx_struct_oper_list.type                 'identity operation' 
_pdbx_struct_oper_list.name                 1_555 
_pdbx_struct_oper_list.symmetry_operation   x,y,z 
_pdbx_struct_oper_list.matrix[1][1]         1.0000000000 
_pdbx_struct_oper_list.matrix[1][2]         0.0000000000 
_pdbx_struct_oper_list.matrix[1][3]         0.0000000000 
_pdbx_struct_oper_list.vector[1]            0.0000000000 
_pdbx_struct_oper_list.matrix[2][1]         0.0000000000 
_pdbx_struct_oper_list.matrix[2][2]         1.0000000000 
_pdbx_struct_oper_list.matrix[2][3]         0.0000000000 
_pdbx_struct_oper_list.vector[2]            0.0000000000 
_pdbx_struct_oper_list.matrix[3][1]         0.0000000000 
_pdbx_struct_oper_list.matrix[3][2]         0.0000000000 
_pdbx_struct_oper_list.matrix[3][3]         1.0000000000 
_pdbx_struct_oper_list.vector[3]            0.0000000000 
# 
loop_
_pdbx_struct_conn_angle.id 
_pdbx_struct_conn_angle.ptnr1_label_atom_id 
_pdbx_struct_conn_angle.ptnr1_label_alt_id 
_pdbx_struct_conn_angle.ptnr1_label_asym_id 
_pdbx_struct_conn_angle.ptnr1_label_comp_id 
_pdbx_struct_conn_angle.ptnr1_label_seq_id 
_pdbx_struct_conn_angle.ptnr1_auth_atom_id 
_pdbx_struct_conn_angle.ptnr1_auth_asym_id 
_pdbx_struct_conn_angle.ptnr1_auth_comp_id 
_pdbx_struct_conn_angle.ptnr1_auth_seq_id 
_pdbx_struct_conn_angle.ptnr1_PDB_ins_code 
_pdbx_struct_conn_angle.ptnr1_symmetry 
_pdbx_struct_conn_angle.ptnr2_label_atom_id 
_pdbx_struct_conn_angle.ptnr2_label_alt_id 
_pdbx_struct_conn_angle.ptnr2_label_asym_id 
_pdbx_struct_conn_angle.ptnr2_label_comp_id 
_pdbx_struct_conn_angle.ptnr2_label_seq_id 
_pdbx_struct_conn_angle.ptnr2_auth_atom_id 
_pdbx_struct_conn_angle.ptnr2_auth_asym_id 
_pdbx_struct_conn_angle.ptnr2_auth_comp_id 
_pdbx_struct_conn_angle.ptnr2_auth_seq_id 
_pdbx_struct_conn_angle.ptnr2_PDB_ins_code 
_pdbx_struct_conn_angle.ptnr2_symmetry 
_pdbx_struct_conn_angle.ptnr3_label_atom_id 
_pdbx_struct_conn_angle.ptnr3_label_alt_id 
_pdbx_struct_conn_angle.ptnr3_label_asym_id 
_pdbx_struct_conn_angle.ptnr3_label_comp_id 
_pdbx_struct_conn_angle.ptnr3_label_seq_id 
_pdbx_struct_conn_angle.ptnr3_auth_atom_id 
_pdbx_struct_conn_angle.ptnr3_auth_asym_id 
_pdbx_struct_conn_angle.ptnr3_auth_comp_id 
_pdbx_struct_conn_angle.ptnr3_auth_seq_id 
_pdbx_struct_conn_angle.ptnr3_PDB_ins_code 
_pdbx_struct_conn_angle.ptnr3_symmetry 
_pdbx_struct_conn_angle.value 
_pdbx_struct_conn_angle.value_esd 
1 O ? G HOH . ? A HOH 202 ? 1_555 MG ? C MG . ? A MG 101 ? 1_555 O ? G HOH . ? A HOH 205 ? 1_555 130.7 ? 
2 O ? G HOH . ? A HOH 202 ? 1_555 MG ? C MG . ? A MG 101 ? 1_555 O ? G HOH . ? A HOH 206 ? 1_555 97.1  ? 
3 O ? G HOH . ? A HOH 205 ? 1_555 MG ? C MG . ? A MG 101 ? 1_555 O ? G HOH . ? A HOH 206 ? 1_555 68.3  ? 
4 O ? G HOH . ? A HOH 203 ? 1_555 MG ? E MG . ? B MG 101 ? 1_555 O ? H HOH . ? B HOH 201 ? 1_555 140.9 ? 
5 O ? G HOH . ? A HOH 203 ? 1_555 MG ? E MG . ? B MG 101 ? 1_555 O ? H HOH . ? B HOH 203 ? 1_555 80.8  ? 
6 O ? H HOH . ? B HOH 201 ? 1_555 MG ? E MG . ? B MG 101 ? 1_555 O ? H HOH . ? B HOH 203 ? 1_555 72.8  ? 
7 O ? G HOH . ? A HOH 203 ? 1_555 MG ? E MG . ? B MG 101 ? 1_555 O ? H HOH . ? B HOH 204 ? 1_555 84.4  ? 
8 O ? H HOH . ? B HOH 201 ? 1_555 MG ? E MG . ? B MG 101 ? 1_555 O ? H HOH . ? B HOH 204 ? 1_555 133.0 ? 
9 O ? H HOH . ? B HOH 203 ? 1_555 MG ? E MG . ? B MG 101 ? 1_555 O ? H HOH . ? B HOH 204 ? 1_555 115.9 ? 
# 
loop_
_pdbx_audit_revision_history.ordinal 
_pdbx_audit_revision_history.data_content_type 
_pdbx_audit_revision_history.major_revision 
_pdbx_audit_revision_history.minor_revision 
_pdbx_audit_revision_history.revision_date 
1 'Structure model' 1 0 2020-12-09 
2 'Structure model' 1 1 2021-01-06 
3 'Structure model' 1 2 2021-02-03 
4 'Structure model' 1 3 2023-10-11 
# 
_pdbx_audit_revision_details.ordinal             1 
_pdbx_audit_revision_details.revision_ordinal    1 
_pdbx_audit_revision_details.data_content_type   'Structure model' 
_pdbx_audit_revision_details.provider            repository 
_pdbx_audit_revision_details.type                'Initial release' 
_pdbx_audit_revision_details.description         ? 
_pdbx_audit_revision_details.details             ? 
# 
loop_
_pdbx_audit_revision_group.ordinal 
_pdbx_audit_revision_group.revision_ordinal 
_pdbx_audit_revision_group.data_content_type 
_pdbx_audit_revision_group.group 
1 2 'Structure model' 'Database references'    
2 3 'Structure model' 'Database references'    
3 4 'Structure model' 'Data collection'        
4 4 'Structure model' 'Database references'    
5 4 'Structure model' 'Refinement description' 
# 
loop_
_pdbx_audit_revision_category.ordinal 
_pdbx_audit_revision_category.revision_ordinal 
_pdbx_audit_revision_category.data_content_type 
_pdbx_audit_revision_category.category 
1 2 'Structure model' citation                      
2 3 'Structure model' citation                      
3 4 'Structure model' chem_comp_atom                
4 4 'Structure model' chem_comp_bond                
5 4 'Structure model' database_2                    
6 4 'Structure model' pdbx_initial_refinement_model 
# 
loop_
_pdbx_audit_revision_item.ordinal 
_pdbx_audit_revision_item.revision_ordinal 
_pdbx_audit_revision_item.data_content_type 
_pdbx_audit_revision_item.item 
1 2 'Structure model' '_citation.pdbx_database_id_DOI'      
2 2 'Structure model' '_citation.pdbx_database_id_PubMed'   
3 2 'Structure model' '_citation.title'                     
4 3 'Structure model' '_citation.journal_volume'            
5 3 'Structure model' '_citation.page_first'                
6 3 'Structure model' '_citation.page_last'                 
7 3 'Structure model' '_citation.year'                      
8 4 'Structure model' '_database_2.pdbx_DOI'                
9 4 'Structure model' '_database_2.pdbx_database_accession' 
# 
loop_
_software.citation_id 
_software.classification 
_software.compiler_name 
_software.compiler_version 
_software.contact_author 
_software.contact_author_email 
_software.date 
_software.description 
_software.dependencies 
_software.hardware 
_software.language 
_software.location 
_software.mods 
_software.name 
_software.os 
_software.os_version 
_software.type 
_software.version 
_software.pdbx_ordinal 
? refinement       ? ? ? ? ? ? ? ? ? ? ? REFMAC   ? ? ? 5.8.0135 1 
? 'data reduction' ? ? ? ? ? ? ? ? ? ? ? HKL-2000 ? ? ? .        2 
? 'data scaling'   ? ? ? ? ? ? ? ? ? ? ? HKL-2000 ? ? ? .        3 
? phasing          ? ? ? ? ? ? ? ? ? ? ? PHASER   ? ? ? .        4 
# 
_pdbx_entry_details.entry_id                 6U8U 
_pdbx_entry_details.has_ligand_of_interest   Y 
_pdbx_entry_details.compound_details         ? 
_pdbx_entry_details.source_details           ? 
_pdbx_entry_details.nonpolymer_details       ? 
_pdbx_entry_details.sequence_details         ? 
# 
loop_
_chem_comp_atom.comp_id 
_chem_comp_atom.atom_id 
_chem_comp_atom.type_symbol 
_chem_comp_atom.pdbx_aromatic_flag 
_chem_comp_atom.pdbx_stereo_config 
_chem_comp_atom.pdbx_ordinal 
A   OP3    O  N N 1   
A   P      P  N N 2   
A   OP1    O  N N 3   
A   OP2    O  N N 4   
A   "O5'"  O  N N 5   
A   "C5'"  C  N N 6   
A   "C4'"  C  N R 7   
A   "O4'"  O  N N 8   
A   "C3'"  C  N S 9   
A   "O3'"  O  N N 10  
A   "C2'"  C  N R 11  
A   "O2'"  O  N N 12  
A   "C1'"  C  N R 13  
A   N9     N  Y N 14  
A   C8     C  Y N 15  
A   N7     N  Y N 16  
A   C5     C  Y N 17  
A   C6     C  Y N 18  
A   N6     N  N N 19  
A   N1     N  Y N 20  
A   C2     C  Y N 21  
A   N3     N  Y N 22  
A   C4     C  Y N 23  
A   HOP3   H  N N 24  
A   HOP2   H  N N 25  
A   "H5'"  H  N N 26  
A   "H5''" H  N N 27  
A   "H4'"  H  N N 28  
A   "H3'"  H  N N 29  
A   "HO3'" H  N N 30  
A   "H2'"  H  N N 31  
A   "HO2'" H  N N 32  
A   "H1'"  H  N N 33  
A   H8     H  N N 34  
A   H61    H  N N 35  
A   H62    H  N N 36  
A   H2     H  N N 37  
C   OP3    O  N N 38  
C   P      P  N N 39  
C   OP1    O  N N 40  
C   OP2    O  N N 41  
C   "O5'"  O  N N 42  
C   "C5'"  C  N N 43  
C   "C4'"  C  N R 44  
C   "O4'"  O  N N 45  
C   "C3'"  C  N S 46  
C   "O3'"  O  N N 47  
C   "C2'"  C  N R 48  
C   "O2'"  O  N N 49  
C   "C1'"  C  N R 50  
C   N1     N  N N 51  
C   C2     C  N N 52  
C   O2     O  N N 53  
C   N3     N  N N 54  
C   C4     C  N N 55  
C   N4     N  N N 56  
C   C5     C  N N 57  
C   C6     C  N N 58  
C   HOP3   H  N N 59  
C   HOP2   H  N N 60  
C   "H5'"  H  N N 61  
C   "H5''" H  N N 62  
C   "H4'"  H  N N 63  
C   "H3'"  H  N N 64  
C   "HO3'" H  N N 65  
C   "H2'"  H  N N 66  
C   "HO2'" H  N N 67  
C   "H1'"  H  N N 68  
C   H41    H  N N 69  
C   H42    H  N N 70  
C   H5     H  N N 71  
C   H6     H  N N 72  
G   OP3    O  N N 73  
G   P      P  N N 74  
G   OP1    O  N N 75  
G   OP2    O  N N 76  
G   "O5'"  O  N N 77  
G   "C5'"  C  N N 78  
G   "C4'"  C  N R 79  
G   "O4'"  O  N N 80  
G   "C3'"  C  N S 81  
G   "O3'"  O  N N 82  
G   "C2'"  C  N R 83  
G   "O2'"  O  N N 84  
G   "C1'"  C  N R 85  
G   N9     N  Y N 86  
G   C8     C  Y N 87  
G   N7     N  Y N 88  
G   C5     C  Y N 89  
G   C6     C  N N 90  
G   O6     O  N N 91  
G   N1     N  N N 92  
G   C2     C  N N 93  
G   N2     N  N N 94  
G   N3     N  N N 95  
G   C4     C  Y N 96  
G   HOP3   H  N N 97  
G   HOP2   H  N N 98  
G   "H5'"  H  N N 99  
G   "H5''" H  N N 100 
G   "H4'"  H  N N 101 
G   "H3'"  H  N N 102 
G   "HO3'" H  N N 103 
G   "H2'"  H  N N 104 
G   "HO2'" H  N N 105 
G   "H1'"  H  N N 106 
G   H8     H  N N 107 
G   H1     H  N N 108 
G   H21    H  N N 109 
G   H22    H  N N 110 
HOH O      O  N N 111 
HOH H1     H  N N 112 
HOH H2     H  N N 113 
LCC "O5'"  O  N N 114 
LCC "C5'"  C  N N 115 
LCC "C4'"  C  N R 116 
LCC "O4'"  O  N N 117 
LCC "C1'"  C  N R 118 
LCC N1     N  N N 119 
LCC C6     C  N N 120 
LCC C5     C  N N 121 
LCC C5M    C  N N 122 
LCC C4     C  N N 123 
LCC N4     N  N N 124 
LCC N3     N  N N 125 
LCC C2     C  N N 126 
LCC O2     O  N N 127 
LCC "C3'"  C  N S 128 
LCC "C2'"  C  N R 129 
LCC "O2'"  O  N N 130 
LCC "O3'"  O  N N 131 
LCC "C6'"  C  N N 132 
LCC P      P  N N 133 
LCC O1P    O  N N 134 
LCC O2P    O  N N 135 
LCC OXT    O  N N 136 
LCC "H5'1" H  N N 137 
LCC "H5'2" H  N N 138 
LCC "H1'"  H  N N 139 
LCC H6     H  N N 140 
LCC H5M1   H  N N 141 
LCC H5M2   H  N N 142 
LCC H5M3   H  N N 143 
LCC H41    H  N N 144 
LCC H42    H  N N 145 
LCC "H3'"  H  N N 146 
LCC "H2'1" H  N N 147 
LCC H3T    H  N N 148 
LCC "H6'1" H  N N 149 
LCC "H6'2" H  N N 150 
LCC H1P    H  N N 151 
LCC HXT    H  N N 152 
LCG P      P  N N 153 
LCG OP1    O  N N 154 
LCG "O5'"  O  N N 155 
LCG "C5'"  C  N N 156 
LCG "C3'"  C  N S 157 
LCG "C6'"  C  N N 158 
LCG N9     N  Y N 159 
LCG C8     C  Y N 160 
LCG C4     C  Y N 161 
LCG N7     N  Y N 162 
LCG C5     C  Y N 163 
LCG C6     C  N N 164 
LCG "C2'"  C  N R 165 
LCG O6     O  N N 166 
LCG "C4'"  C  N R 167 
LCG "C1'"  C  N R 168 
LCG C2     C  N N 169 
LCG N1     N  N N 170 
LCG "O4'"  O  N N 171 
LCG OP2    O  N N 172 
LCG N2     N  N N 173 
LCG N3     N  N N 174 
LCG "O2'"  O  N N 175 
LCG "O3'"  O  N N 176 
LCG OP3    O  N N 177 
LCG "H5'"  H  N N 178 
LCG "H5''" H  N N 179 
LCG "H3'"  H  N N 180 
LCG "H6'1" H  N N 181 
LCG "H6'2" H  N N 182 
LCG H8     H  N N 183 
LCG "H2'"  H  N N 184 
LCG "H1'"  H  N N 185 
LCG H1     H  N N 186 
LCG HOP2   H  N N 187 
LCG H21    H  N N 188 
LCG H22    H  N N 189 
LCG "HO3'" H  N N 190 
LCG HOP3   H  N N 191 
MG  MG     MG N N 192 
Q1V OP3    O  N N 193 
Q1V P      P  N N 194 
Q1V OP1    O  N N 195 
Q1V OP2    O  N N 196 
Q1V "C4'"  C  N N 197 
Q1V "O4'"  O  N N 198 
Q1V "C3'"  C  N S 199 
Q1V "O3'"  O  N N 200 
Q1V "C2'"  C  N R 201 
Q1V "C1'"  C  N R 202 
Q1V N9     N  Y N 203 
Q1V C8     C  Y N 204 
Q1V N7     N  Y N 205 
Q1V C5     C  Y N 206 
Q1V C6     C  N N 207 
Q1V O6     O  N N 208 
Q1V N1     N  N N 209 
Q1V C2     C  N N 210 
Q1V N2     N  N N 211 
Q1V N3     N  N N 212 
Q1V C4     C  Y N 213 
Q1V "O2'"  O  N N 214 
Q1V N10    N  Y N 215 
Q1V C14    C  Y N 216 
Q1V N15    N  N N 217 
Q1V C11    C  Y N 218 
Q1V C12    C  Y N 219 
Q1V N13    N  Y N 220 
Q1V P34    P  N N 221 
Q1V OP4    O  N N 222 
Q1V O33    O  N N 223 
Q1V C32    C  N S 224 
Q1V C28    C  N R 225 
Q1V O29    O  N N 226 
Q1V C31    C  N N 227 
Q1V O30    O  N N 228 
Q1V C27    C  N R 229 
Q1V N26    N  Y N 230 
Q1V C22    C  Y N 231 
Q1V N21    N  N N 232 
Q1V C19    C  N N 233 
Q1V N20    N  N N 234 
Q1V N18    N  N N 235 
Q1V C17    C  N N 236 
Q1V O16    O  N N 237 
Q1V C23    C  Y N 238 
Q1V N24    N  Y N 239 
Q1V C25    C  Y N 240 
Q1V H1     H  N N 241 
Q1V H2     H  N N 242 
Q1V H3     H  N N 243 
Q1V H4     H  N N 244 
Q1V H5     H  N N 245 
Q1V H6     H  N N 246 
Q1V H7     H  N N 247 
Q1V H8     H  N N 248 
Q1V H9     H  N N 249 
Q1V H10    H  N N 250 
Q1V H11    H  N N 251 
Q1V H12    H  N N 252 
Q1V H13    H  N N 253 
Q1V H14    H  N N 254 
Q1V H15    H  N N 255 
Q1V H16    H  N N 256 
Q1V H17    H  N N 257 
Q1V H18    H  N N 258 
Q1V H19    H  N N 259 
Q1V H20    H  N N 260 
Q1V H21    H  N N 261 
Q1V H22    H  N N 262 
Q1V H23    H  N N 263 
Q1V H24    H  N N 264 
Q1V H25    H  N N 265 
Q1V H26    H  N N 266 
U   OP3    O  N N 267 
U   P      P  N N 268 
U   OP1    O  N N 269 
U   OP2    O  N N 270 
U   "O5'"  O  N N 271 
U   "C5'"  C  N N 272 
U   "C4'"  C  N R 273 
U   "O4'"  O  N N 274 
U   "C3'"  C  N S 275 
U   "O3'"  O  N N 276 
U   "C2'"  C  N R 277 
U   "O2'"  O  N N 278 
U   "C1'"  C  N R 279 
U   N1     N  N N 280 
U   C2     C  N N 281 
U   O2     O  N N 282 
U   N3     N  N N 283 
U   C4     C  N N 284 
U   O4     O  N N 285 
U   C5     C  N N 286 
U   C6     C  N N 287 
U   HOP3   H  N N 288 
U   HOP2   H  N N 289 
U   "H5'"  H  N N 290 
U   "H5''" H  N N 291 
U   "H4'"  H  N N 292 
U   "H3'"  H  N N 293 
U   "HO3'" H  N N 294 
U   "H2'"  H  N N 295 
U   "HO2'" H  N N 296 
U   "H1'"  H  N N 297 
U   H3     H  N N 298 
U   H5     H  N N 299 
U   H6     H  N N 300 
# 
loop_
_chem_comp_bond.comp_id 
_chem_comp_bond.atom_id_1 
_chem_comp_bond.atom_id_2 
_chem_comp_bond.value_order 
_chem_comp_bond.pdbx_aromatic_flag 
_chem_comp_bond.pdbx_stereo_config 
_chem_comp_bond.pdbx_ordinal 
A   OP3   P      sing N N 1   
A   OP3   HOP3   sing N N 2   
A   P     OP1    doub N N 3   
A   P     OP2    sing N N 4   
A   P     "O5'"  sing N N 5   
A   OP2   HOP2   sing N N 6   
A   "O5'" "C5'"  sing N N 7   
A   "C5'" "C4'"  sing N N 8   
A   "C5'" "H5'"  sing N N 9   
A   "C5'" "H5''" sing N N 10  
A   "C4'" "O4'"  sing N N 11  
A   "C4'" "C3'"  sing N N 12  
A   "C4'" "H4'"  sing N N 13  
A   "O4'" "C1'"  sing N N 14  
A   "C3'" "O3'"  sing N N 15  
A   "C3'" "C2'"  sing N N 16  
A   "C3'" "H3'"  sing N N 17  
A   "O3'" "HO3'" sing N N 18  
A   "C2'" "O2'"  sing N N 19  
A   "C2'" "C1'"  sing N N 20  
A   "C2'" "H2'"  sing N N 21  
A   "O2'" "HO2'" sing N N 22  
A   "C1'" N9     sing N N 23  
A   "C1'" "H1'"  sing N N 24  
A   N9    C8     sing Y N 25  
A   N9    C4     sing Y N 26  
A   C8    N7     doub Y N 27  
A   C8    H8     sing N N 28  
A   N7    C5     sing Y N 29  
A   C5    C6     sing Y N 30  
A   C5    C4     doub Y N 31  
A   C6    N6     sing N N 32  
A   C6    N1     doub Y N 33  
A   N6    H61    sing N N 34  
A   N6    H62    sing N N 35  
A   N1    C2     sing Y N 36  
A   C2    N3     doub Y N 37  
A   C2    H2     sing N N 38  
A   N3    C4     sing Y N 39  
C   OP3   P      sing N N 40  
C   OP3   HOP3   sing N N 41  
C   P     OP1    doub N N 42  
C   P     OP2    sing N N 43  
C   P     "O5'"  sing N N 44  
C   OP2   HOP2   sing N N 45  
C   "O5'" "C5'"  sing N N 46  
C   "C5'" "C4'"  sing N N 47  
C   "C5'" "H5'"  sing N N 48  
C   "C5'" "H5''" sing N N 49  
C   "C4'" "O4'"  sing N N 50  
C   "C4'" "C3'"  sing N N 51  
C   "C4'" "H4'"  sing N N 52  
C   "O4'" "C1'"  sing N N 53  
C   "C3'" "O3'"  sing N N 54  
C   "C3'" "C2'"  sing N N 55  
C   "C3'" "H3'"  sing N N 56  
C   "O3'" "HO3'" sing N N 57  
C   "C2'" "O2'"  sing N N 58  
C   "C2'" "C1'"  sing N N 59  
C   "C2'" "H2'"  sing N N 60  
C   "O2'" "HO2'" sing N N 61  
C   "C1'" N1     sing N N 62  
C   "C1'" "H1'"  sing N N 63  
C   N1    C2     sing N N 64  
C   N1    C6     sing N N 65  
C   C2    O2     doub N N 66  
C   C2    N3     sing N N 67  
C   N3    C4     doub N N 68  
C   C4    N4     sing N N 69  
C   C4    C5     sing N N 70  
C   N4    H41    sing N N 71  
C   N4    H42    sing N N 72  
C   C5    C6     doub N N 73  
C   C5    H5     sing N N 74  
C   C6    H6     sing N N 75  
G   OP3   P      sing N N 76  
G   OP3   HOP3   sing N N 77  
G   P     OP1    doub N N 78  
G   P     OP2    sing N N 79  
G   P     "O5'"  sing N N 80  
G   OP2   HOP2   sing N N 81  
G   "O5'" "C5'"  sing N N 82  
G   "C5'" "C4'"  sing N N 83  
G   "C5'" "H5'"  sing N N 84  
G   "C5'" "H5''" sing N N 85  
G   "C4'" "O4'"  sing N N 86  
G   "C4'" "C3'"  sing N N 87  
G   "C4'" "H4'"  sing N N 88  
G   "O4'" "C1'"  sing N N 89  
G   "C3'" "O3'"  sing N N 90  
G   "C3'" "C2'"  sing N N 91  
G   "C3'" "H3'"  sing N N 92  
G   "O3'" "HO3'" sing N N 93  
G   "C2'" "O2'"  sing N N 94  
G   "C2'" "C1'"  sing N N 95  
G   "C2'" "H2'"  sing N N 96  
G   "O2'" "HO2'" sing N N 97  
G   "C1'" N9     sing N N 98  
G   "C1'" "H1'"  sing N N 99  
G   N9    C8     sing Y N 100 
G   N9    C4     sing Y N 101 
G   C8    N7     doub Y N 102 
G   C8    H8     sing N N 103 
G   N7    C5     sing Y N 104 
G   C5    C6     sing N N 105 
G   C5    C4     doub Y N 106 
G   C6    O6     doub N N 107 
G   C6    N1     sing N N 108 
G   N1    C2     sing N N 109 
G   N1    H1     sing N N 110 
G   C2    N2     sing N N 111 
G   C2    N3     doub N N 112 
G   N2    H21    sing N N 113 
G   N2    H22    sing N N 114 
G   N3    C4     sing N N 115 
HOH O     H1     sing N N 116 
HOH O     H2     sing N N 117 
LCC "O5'" "C5'"  sing N N 118 
LCC "O5'" P      sing N N 119 
LCC "C5'" "C4'"  sing N N 120 
LCC "C5'" "H5'1" sing N N 121 
LCC "C5'" "H5'2" sing N N 122 
LCC "C4'" "O4'"  sing N N 123 
LCC "C4'" "C3'"  sing N N 124 
LCC "C4'" "C6'"  sing N N 125 
LCC "O4'" "C1'"  sing N N 126 
LCC "C1'" N1     sing N N 127 
LCC "C1'" "C2'"  sing N N 128 
LCC "C1'" "H1'"  sing N N 129 
LCC N1    C6     sing N N 130 
LCC N1    C2     sing N N 131 
LCC C6    C5     doub N N 132 
LCC C6    H6     sing N N 133 
LCC C5    C5M    sing N N 134 
LCC C5    C4     sing N N 135 
LCC C5M   H5M1   sing N N 136 
LCC C5M   H5M2   sing N N 137 
LCC C5M   H5M3   sing N N 138 
LCC C4    N4     sing N N 139 
LCC C4    N3     doub N N 140 
LCC N4    H41    sing N N 141 
LCC N4    H42    sing N N 142 
LCC N3    C2     sing N N 143 
LCC C2    O2     doub N N 144 
LCC "C3'" "C2'"  sing N N 145 
LCC "C3'" "O3'"  sing N N 146 
LCC "C3'" "H3'"  sing N N 147 
LCC "C2'" "O2'"  sing N N 148 
LCC "C2'" "H2'1" sing N N 149 
LCC "O2'" "C6'"  sing N N 150 
LCC "O3'" H3T    sing N N 151 
LCC "C6'" "H6'1" sing N N 152 
LCC "C6'" "H6'2" sing N N 153 
LCC P     O1P    sing N N 154 
LCC P     O2P    doub N N 155 
LCC P     OXT    sing N N 156 
LCC O1P   H1P    sing N N 157 
LCC OXT   HXT    sing N N 158 
LCG P     OP1    doub N N 159 
LCG P     "O5'"  sing N N 160 
LCG P     OP2    sing N N 161 
LCG P     OP3    sing N N 162 
LCG "O5'" "C5'"  sing N N 163 
LCG "C5'" "C4'"  sing N N 164 
LCG "C5'" "H5'"  sing N N 165 
LCG "C5'" "H5''" sing N N 166 
LCG "C3'" "C2'"  sing N N 167 
LCG "C3'" "C4'"  sing N N 168 
LCG "C3'" "O3'"  sing N N 169 
LCG "C3'" "H3'"  sing N N 170 
LCG "C6'" "C4'"  sing N N 171 
LCG "C6'" "O2'"  sing N N 172 
LCG "C6'" "H6'1" sing N N 173 
LCG "C6'" "H6'2" sing N N 174 
LCG N9    C8     sing Y N 175 
LCG N9    C4     sing Y N 176 
LCG N9    "C1'"  sing N N 177 
LCG C8    N7     doub Y N 178 
LCG C8    H8     sing N N 179 
LCG C4    C5     doub Y N 180 
LCG C4    N3     sing N N 181 
LCG N7    C5     sing Y N 182 
LCG C5    C6     sing N N 183 
LCG C6    O6     doub N N 184 
LCG C6    N1     sing N N 185 
LCG "C2'" "C1'"  sing N N 186 
LCG "C2'" "O2'"  sing N N 187 
LCG "C2'" "H2'"  sing N N 188 
LCG "C4'" "O4'"  sing N N 189 
LCG "C1'" "O4'"  sing N N 190 
LCG "C1'" "H1'"  sing N N 191 
LCG C2    N1     sing N N 192 
LCG C2    N2     sing N N 193 
LCG C2    N3     doub N N 194 
LCG N1    H1     sing N N 195 
LCG OP2   HOP2   sing N N 196 
LCG N2    H21    sing N N 197 
LCG N2    H22    sing N N 198 
LCG "O3'" "HO3'" sing N N 199 
LCG OP3   HOP3   sing N N 200 
Q1V OP4   P34    doub N N 201 
Q1V P34   N13    sing N N 202 
Q1V P34   OP3    sing N N 203 
Q1V P34   O33    sing N N 204 
Q1V N13   C12    sing Y N 205 
Q1V N13   C14    doub Y N 206 
Q1V C12   C11    doub Y N 207 
Q1V O33   C32    sing N N 208 
Q1V C14   N15    sing N N 209 
Q1V C14   N10    sing Y N 210 
Q1V C11   N10    sing Y N 211 
Q1V N10   P      sing N N 212 
Q1V OP2   P      doub N N 213 
Q1V C32   C28    sing N N 214 
Q1V C32   C31    sing N N 215 
Q1V P     OP1    sing N N 216 
Q1V P     "O3'"  sing N N 217 
Q1V O29   C28    sing N N 218 
Q1V C28   C27    sing N N 219 
Q1V C31   O30    sing N N 220 
Q1V C25   N24    doub Y N 221 
Q1V C25   N26    sing Y N 222 
Q1V N24   C23    sing Y N 223 
Q1V N26   C27    sing N N 224 
Q1V N26   C22    sing Y N 225 
Q1V C27   O30    sing N N 226 
Q1V "O3'" "C3'"  sing N N 227 
Q1V C23   C22    doub Y N 228 
Q1V C23   C17    sing N N 229 
Q1V O16   C17    doub N N 230 
Q1V C22   N21    sing N N 231 
Q1V C17   N18    sing N N 232 
Q1V N21   C19    doub N N 233 
Q1V N18   C19    sing N N 234 
Q1V C19   N20    sing N N 235 
Q1V "C3'" "C4'"  sing N N 236 
Q1V "C3'" "C2'"  sing N N 237 
Q1V "C4'" "O4'"  sing N N 238 
Q1V "C2'" "O2'"  sing N N 239 
Q1V "C2'" "C1'"  sing N N 240 
Q1V C8    N7     doub Y N 241 
Q1V C8    N9     sing Y N 242 
Q1V "O4'" "C1'"  sing N N 243 
Q1V N7    C5     sing Y N 244 
Q1V N9    "C1'"  sing N N 245 
Q1V N9    C4     sing Y N 246 
Q1V C5    C4     doub Y N 247 
Q1V C5    C6     sing N N 248 
Q1V O6    C6     doub N N 249 
Q1V C4    N3     sing N N 250 
Q1V C6    N1     sing N N 251 
Q1V N3    C2     doub N N 252 
Q1V N1    C2     sing N N 253 
Q1V C2    N2     sing N N 254 
Q1V OP3   H1     sing N N 255 
Q1V OP1   H2     sing N N 256 
Q1V "C4'" H3     sing N N 257 
Q1V "C4'" H4     sing N N 258 
Q1V "C3'" H5     sing N N 259 
Q1V "C2'" H6     sing N N 260 
Q1V "C1'" H7     sing N N 261 
Q1V C8    H8     sing N N 262 
Q1V N1    H9     sing N N 263 
Q1V N2    H10    sing N N 264 
Q1V N2    H11    sing N N 265 
Q1V "O2'" H12    sing N N 266 
Q1V N15   H13    sing N N 267 
Q1V N15   H14    sing N N 268 
Q1V C11   H15    sing N N 269 
Q1V C12   H16    sing N N 270 
Q1V C32   H17    sing N N 271 
Q1V C28   H18    sing N N 272 
Q1V O29   H19    sing N N 273 
Q1V C31   H20    sing N N 274 
Q1V C31   H21    sing N N 275 
Q1V C27   H22    sing N N 276 
Q1V N20   H23    sing N N 277 
Q1V N20   H24    sing N N 278 
Q1V N18   H25    sing N N 279 
Q1V C25   H26    sing N N 280 
U   OP3   P      sing N N 281 
U   OP3   HOP3   sing N N 282 
U   P     OP1    doub N N 283 
U   P     OP2    sing N N 284 
U   P     "O5'"  sing N N 285 
U   OP2   HOP2   sing N N 286 
U   "O5'" "C5'"  sing N N 287 
U   "C5'" "C4'"  sing N N 288 
U   "C5'" "H5'"  sing N N 289 
U   "C5'" "H5''" sing N N 290 
U   "C4'" "O4'"  sing N N 291 
U   "C4'" "C3'"  sing N N 292 
U   "C4'" "H4'"  sing N N 293 
U   "O4'" "C1'"  sing N N 294 
U   "C3'" "O3'"  sing N N 295 
U   "C3'" "C2'"  sing N N 296 
U   "C3'" "H3'"  sing N N 297 
U   "O3'" "HO3'" sing N N 298 
U   "C2'" "O2'"  sing N N 299 
U   "C2'" "C1'"  sing N N 300 
U   "C2'" "H2'"  sing N N 301 
U   "O2'" "HO2'" sing N N 302 
U   "C1'" N1     sing N N 303 
U   "C1'" "H1'"  sing N N 304 
U   N1    C2     sing N N 305 
U   N1    C6     sing N N 306 
U   C2    O2     doub N N 307 
U   C2    N3     sing N N 308 
U   N3    C4     sing N N 309 
U   N3    H3     sing N N 310 
U   C4    O4     doub N N 311 
U   C4    C5     sing N N 312 
U   C5    C6     doub N N 313 
U   C5    H5     sing N N 314 
U   C6    H6     sing N N 315 
# 
_ndb_struct_conf_na.entry_id   6U8U 
_ndb_struct_conf_na.feature    'a-form double helix' 
# 
loop_
_ndb_struct_na_base_pair.model_number 
_ndb_struct_na_base_pair.i_label_asym_id 
_ndb_struct_na_base_pair.i_label_comp_id 
_ndb_struct_na_base_pair.i_label_seq_id 
_ndb_struct_na_base_pair.i_symmetry 
_ndb_struct_na_base_pair.j_label_asym_id 
_ndb_struct_na_base_pair.j_label_comp_id 
_ndb_struct_na_base_pair.j_label_seq_id 
_ndb_struct_na_base_pair.j_symmetry 
_ndb_struct_na_base_pair.shear 
_ndb_struct_na_base_pair.stretch 
_ndb_struct_na_base_pair.stagger 
_ndb_struct_na_base_pair.buckle 
_ndb_struct_na_base_pair.propeller 
_ndb_struct_na_base_pair.opening 
_ndb_struct_na_base_pair.pair_number 
_ndb_struct_na_base_pair.pair_name 
_ndb_struct_na_base_pair.i_auth_asym_id 
_ndb_struct_na_base_pair.i_auth_seq_id 
_ndb_struct_na_base_pair.i_PDB_ins_code 
_ndb_struct_na_base_pair.j_auth_asym_id 
_ndb_struct_na_base_pair.j_auth_seq_id 
_ndb_struct_na_base_pair.j_PDB_ins_code 
_ndb_struct_na_base_pair.hbond_type_28 
_ndb_struct_na_base_pair.hbond_type_12 
1 A LCG 4  1_555 B C   13 1_555 -0.256 -0.196 0.283  -3.997  -17.137 -4.901 1  A_LCG4:C13_B A 4  ? B 13 ? 19 1 
1 A A   5  1_555 B U   12 1_555 0.028  -0.126 0.487  8.125   -8.559  -1.888 2  A_A5:U12_B   A 5  ? B 12 ? 20 1 
1 A C   6  1_555 B G   11 1_555 0.295  -0.123 -0.054 10.711  -17.371 1.908  3  A_C6:G11_B   A 6  ? B 11 ? 19 1 
1 A U   7  1_555 B A   10 1_555 0.202  -0.037 -0.086 4.027   -19.050 0.888  4  A_U7:A10_B   A 7  ? B 10 ? 20 1 
1 A U   8  1_555 B A   9  1_555 -0.248 -0.103 0.090  -1.517  -9.458  1.191  5  A_U8:A9_B    A 8  ? B 9  ? 20 1 
1 A A   9  1_555 B U   8  1_555 0.170  0.058  -0.229 -1.050  -13.836 3.895  6  A_A9:U8_B    A 9  ? B 8  ? 20 1 
1 A A   10 1_555 B U   7  1_555 -0.116 -0.100 -0.053 -7.129  -13.104 4.867  7  A_A10:U7_B   A 10 ? B 7  ? 20 1 
1 A G   11 1_555 B C   6  1_555 -0.254 0.012  -0.144 -13.485 -17.993 2.322  8  A_G11:C6_B   A 11 ? B 6  ? 19 1 
1 A U   12 1_555 B A   5  1_555 -0.073 -0.109 0.264  -5.635  -14.658 -5.088 9  A_U12:A5_B   A 12 ? B 5  ? 20 1 
1 A C   13 1_555 B LCG 4  1_555 0.392  -0.258 0.244  5.258   -9.864  -2.624 10 A_C13:LCG4_B A 13 ? B 4  ? 19 1 
# 
loop_
_ndb_struct_na_base_pair_step.model_number 
_ndb_struct_na_base_pair_step.i_label_asym_id_1 
_ndb_struct_na_base_pair_step.i_label_comp_id_1 
_ndb_struct_na_base_pair_step.i_label_seq_id_1 
_ndb_struct_na_base_pair_step.i_symmetry_1 
_ndb_struct_na_base_pair_step.j_label_asym_id_1 
_ndb_struct_na_base_pair_step.j_label_comp_id_1 
_ndb_struct_na_base_pair_step.j_label_seq_id_1 
_ndb_struct_na_base_pair_step.j_symmetry_1 
_ndb_struct_na_base_pair_step.i_label_asym_id_2 
_ndb_struct_na_base_pair_step.i_label_comp_id_2 
_ndb_struct_na_base_pair_step.i_label_seq_id_2 
_ndb_struct_na_base_pair_step.i_symmetry_2 
_ndb_struct_na_base_pair_step.j_label_asym_id_2 
_ndb_struct_na_base_pair_step.j_label_comp_id_2 
_ndb_struct_na_base_pair_step.j_label_seq_id_2 
_ndb_struct_na_base_pair_step.j_symmetry_2 
_ndb_struct_na_base_pair_step.shift 
_ndb_struct_na_base_pair_step.slide 
_ndb_struct_na_base_pair_step.rise 
_ndb_struct_na_base_pair_step.tilt 
_ndb_struct_na_base_pair_step.roll 
_ndb_struct_na_base_pair_step.twist 
_ndb_struct_na_base_pair_step.x_displacement 
_ndb_struct_na_base_pair_step.y_displacement 
_ndb_struct_na_base_pair_step.helical_rise 
_ndb_struct_na_base_pair_step.inclination 
_ndb_struct_na_base_pair_step.tip 
_ndb_struct_na_base_pair_step.helical_twist 
_ndb_struct_na_base_pair_step.step_number 
_ndb_struct_na_base_pair_step.step_name 
_ndb_struct_na_base_pair_step.i_auth_asym_id_1 
_ndb_struct_na_base_pair_step.i_auth_seq_id_1 
_ndb_struct_na_base_pair_step.i_PDB_ins_code_1 
_ndb_struct_na_base_pair_step.j_auth_asym_id_1 
_ndb_struct_na_base_pair_step.j_auth_seq_id_1 
_ndb_struct_na_base_pair_step.j_PDB_ins_code_1 
_ndb_struct_na_base_pair_step.i_auth_asym_id_2 
_ndb_struct_na_base_pair_step.i_auth_seq_id_2 
_ndb_struct_na_base_pair_step.i_PDB_ins_code_2 
_ndb_struct_na_base_pair_step.j_auth_asym_id_2 
_ndb_struct_na_base_pair_step.j_auth_seq_id_2 
_ndb_struct_na_base_pair_step.j_PDB_ins_code_2 
1 A LCG 4  1_555 B C 13 1_555 A A 5  1_555 B U   12 1_555 -0.117 -1.733 2.950 -1.284 1.993  30.049 -3.692 -0.007 2.834 3.837  
2.472  30.140 1 AA_LCG4A5:U12C13_BB A 4  ? B 13 ? A 5  ? B 12 ? 
1 A A   5  1_555 B U 12 1_555 A C 6  1_555 B G   11 1_555 0.286  -1.474 3.153 3.546  2.921  34.710 -2.868 0.032  3.036 4.869  
-5.912 35.003 2 AA_A5C6:G11U12_BB   A 5  ? B 12 ? A 6  ? B 11 ? 
1 A C   6  1_555 B G 11 1_555 A U 7  1_555 B A   10 1_555 -0.605 -1.828 3.411 -3.105 12.110 29.807 -5.330 0.566  2.544 22.345 
5.729  32.268 3 AA_C6U7:A10G11_BB   A 6  ? B 11 ? A 7  ? B 10 ? 
1 A U   7  1_555 B A 10 1_555 A U 8  1_555 B A   9  1_555 -0.289 -1.412 3.414 -4.670 10.603 28.754 -4.651 -0.341 2.746 20.339 
8.959  30.955 4 AA_U7U8:A9A10_BB    A 7  ? B 10 ? A 8  ? B 9  ? 
1 A U   8  1_555 B A 9  1_555 A A 9  1_555 B U   8  1_555 0.353  -1.353 3.169 2.783  14.836 33.270 -4.000 -0.220 2.392 24.410 
-4.580 36.446 5 AA_U8A9:U8A9_BB     A 8  ? B 9  ? A 9  ? B 8  ? 
1 A A   9  1_555 B U 8  1_555 A A 10 1_555 B U   7  1_555 -0.096 -1.326 3.421 -0.608 6.833  31.962 -3.547 0.065  3.080 12.234 
1.089  32.671 6 AA_A9A10:U7U8_BB    A 9  ? B 8  ? A 10 ? B 7  ? 
1 A A   10 1_555 B U 7  1_555 A G 11 1_555 B C   6  1_555 -0.019 -1.506 3.440 3.723  11.249 31.130 -4.466 0.641  2.727 20.072 
-6.644 33.256 7 AA_A10G11:C6U7_BB   A 10 ? B 7  ? A 11 ? B 6  ? 
1 A G   11 1_555 B C 6  1_555 A U 12 1_555 B A   5  1_555 -0.429 -1.310 3.081 -4.010 4.609  32.061 -3.070 0.122  2.901 8.251  
7.180  32.623 8 AA_G11U12:A5C6_BB   A 11 ? B 6  ? A 12 ? B 5  ? 
1 A U   12 1_555 B A 5  1_555 A C 13 1_555 B LCG 4  1_555 0.543  -1.570 3.043 0.162  3.269  31.062 -3.478 -0.981 2.869 6.083  
-0.302 31.229 9 AA_U12C13:LCG4A5_BB A 12 ? B 5  ? A 13 ? B 4  ? 
# 
_pdbx_audit_support.funding_organization   'Howard Hughes Medical Institute (HHMI)' 
_pdbx_audit_support.country                'United States' 
_pdbx_audit_support.grant_number           ? 
_pdbx_audit_support.ordinal                1 
# 
_pdbx_entity_instance_feature.ordinal        1 
_pdbx_entity_instance_feature.comp_id        Q1V 
_pdbx_entity_instance_feature.asym_id        ? 
_pdbx_entity_instance_feature.seq_num        ? 
_pdbx_entity_instance_feature.auth_comp_id   Q1V 
_pdbx_entity_instance_feature.auth_asym_id   ? 
_pdbx_entity_instance_feature.auth_seq_num   ? 
_pdbx_entity_instance_feature.feature_type   'SUBJECT OF INVESTIGATION' 
_pdbx_entity_instance_feature.details        ? 
# 
loop_
_pdbx_entity_nonpoly.entity_id 
_pdbx_entity_nonpoly.name 
_pdbx_entity_nonpoly.comp_id 
2 'MAGNESIUM ION' MG  
3 
;2-amino-3-[(R)-{[(3S,4R,5R)-5-(2-amino-6-oxo-1,6-dihydro-9H-purin-9-yl)-4-hydroxyoxolan-3-yl]oxy}(hydroxy)phosphoryl]-1-[(S)-{[(3S,4R,5R)-5-(2-amino-6-oxo-1,6-dihydro-9H-purin-9-yl)-4-hydroxyoxolan-3-yl]oxy}(hydroxy)phosphoryl]-1H-imidazol-3-ium
;
Q1V 
4 water HOH 
# 
_pdbx_initial_refinement_model.id               1 
_pdbx_initial_refinement_model.entity_id_list   ? 
_pdbx_initial_refinement_model.type             'experimental model' 
_pdbx_initial_refinement_model.source_name      PDB 
_pdbx_initial_refinement_model.accession_code   6C8D 
_pdbx_initial_refinement_model.details          ? 
# 
_pdbx_struct_assembly_auth_evidence.id                     1 
_pdbx_struct_assembly_auth_evidence.assembly_id            1 
_pdbx_struct_assembly_auth_evidence.experimental_support   none 
_pdbx_struct_assembly_auth_evidence.details                ? 
# 
